data_3FKC
# 
_entry.id   3FKC 
# 
_audit_conform.dict_name       mmcif_pdbx.dic 
_audit_conform.dict_version    5.378 
_audit_conform.dict_location   http://mmcif.pdb.org/dictionaries/ascii/mmcif_pdbx.dic 
# 
loop_
_database_2.database_id 
_database_2.database_code 
_database_2.pdbx_database_accession 
_database_2.pdbx_DOI 
PDB   3FKC         pdb_00003fkc 10.2210/pdb3fkc/pdb 
RCSB  RCSB050695   ?            ?                   
WWPDB D_1000050695 ?            ?                   
# 
_pdbx_database_status.entry_id                        3FKC 
_pdbx_database_status.deposit_site                    RCSB 
_pdbx_database_status.process_site                    RCSB 
_pdbx_database_status.recvd_initial_deposition_date   2008-12-16 
_pdbx_database_status.status_code                     REL 
_pdbx_database_status.status_code_sf                  REL 
_pdbx_database_status.status_code_mr                  ? 
_pdbx_database_status.SG_entry                        Y 
_pdbx_database_status.pdb_format_compatible           Y 
_pdbx_database_status.status_code_cs                  ? 
_pdbx_database_status.methods_development_category    ? 
_pdbx_database_status.status_code_nmr_data            ? 
# 
loop_
_audit_author.name 
_audit_author.pdbx_ordinal 
'Filippakopoulos, P.'                  1  
'Bullock, A.'                          2  
'Keates, T.'                           3  
'Burgess-Brown, N.'                    4  
'Muniz, J.'                            5  
'von Delft, F.'                        6  
'Arrowsmith, C.H.'                     7  
'Edwards, A.M.'                        8  
'Weigelt, J.'                          9  
'Bountra, C.'                          10 
'Knapp, S.'                            11 
'Structural Genomics Consortium (SGC)' 12 
# 
_citation.id                        primary 
_citation.title                     'Crystal Structure of Human Zinc finger and BTB domain containing 33' 
_citation.journal_abbrev            'To be Published' 
_citation.journal_volume            ? 
_citation.page_first                ? 
_citation.page_last                 ? 
_citation.year                      ? 
_citation.journal_id_ASTM           ? 
_citation.country                   ? 
_citation.journal_id_ISSN           ? 
_citation.journal_id_CSD            0353 
_citation.book_publisher            ? 
_citation.pdbx_database_id_PubMed   ? 
_citation.pdbx_database_id_DOI      ? 
# 
loop_
_citation_author.citation_id 
_citation_author.name 
_citation_author.ordinal 
_citation_author.identifier_ORCID 
primary 'Filippakopoulos, P.' 1  ? 
primary 'Bullock, A.'         2  ? 
primary 'Keates, T.'          3  ? 
primary 'Burgess-Brown, N.'   4  ? 
primary 'Muniz, J.'           5  ? 
primary 'von Delft, F.'       6  ? 
primary 'Arrowsmith, C.H.'    7  ? 
primary 'Edwards, A.M.'       8  ? 
primary 'Weigelt, J.'         9  ? 
primary 'Bountra, C.'         10 ? 
primary 'Knapp, S.'           11 ? 
# 
_cell.entry_id           3FKC 
_cell.length_a           118.358 
_cell.length_b           118.358 
_cell.length_c           38.981 
_cell.angle_alpha        90.00 
_cell.angle_beta         90.00 
_cell.angle_gamma        120.00 
_cell.Z_PDB              12 
_cell.pdbx_unique_axis   ? 
_cell.length_a_esd       ? 
_cell.length_b_esd       ? 
_cell.length_c_esd       ? 
_cell.angle_alpha_esd    ? 
_cell.angle_beta_esd     ? 
_cell.angle_gamma_esd    ? 
# 
_symmetry.entry_id                         3FKC 
_symmetry.space_group_name_H-M             'P 62 2 2' 
_symmetry.pdbx_full_space_group_name_H-M   ? 
_symmetry.cell_setting                     ? 
_symmetry.Int_Tables_number                180 
_symmetry.space_group_name_Hall            ? 
# 
loop_
_entity.id 
_entity.type 
_entity.src_method 
_entity.pdbx_description 
_entity.formula_weight 
_entity.pdbx_number_of_molecules 
_entity.pdbx_ec 
_entity.pdbx_mutation 
_entity.pdbx_fragment 
_entity.details 
1 polymer man 'Transcriptional regulator Kaiso' 13069.045 1   ? E115A 'UNP residues 1-116, BTB domain' ? 
2 water   nat water                             18.015    122 ? ?     ?                                ? 
# 
_entity_name_com.entity_id   1 
_entity_name_com.name        'Zinc finger and BTB domain-containing protein 33' 
# 
_entity_poly.entity_id                      1 
_entity_poly.type                           'polypeptide(L)' 
_entity_poly.nstd_linkage                   no 
_entity_poly.nstd_monomer                   no 
_entity_poly.pdbx_seq_one_letter_code       
;MESRKLISATDIQYSGSLLNSLNEQRGHGLFCDVTVIVEDRKFRAHKNILSASSTYFHQLFSVAGQVVELSFIRAEIFAE
ILNYIYSSKIVRVRSDLLDELIKSGQLLGVKFIAAL
;
_entity_poly.pdbx_seq_one_letter_code_can   
;MESRKLISATDIQYSGSLLNSLNEQRGHGLFCDVTVIVEDRKFRAHKNILSASSTYFHQLFSVAGQVVELSFIRAEIFAE
ILNYIYSSKIVRVRSDLLDELIKSGQLLGVKFIAAL
;
_entity_poly.pdbx_strand_id                 A 
_entity_poly.pdbx_target_identifier         ? 
# 
loop_
_entity_poly_seq.entity_id 
_entity_poly_seq.num 
_entity_poly_seq.mon_id 
_entity_poly_seq.hetero 
1 1   MET n 
1 2   GLU n 
1 3   SER n 
1 4   ARG n 
1 5   LYS n 
1 6   LEU n 
1 7   ILE n 
1 8   SER n 
1 9   ALA n 
1 10  THR n 
1 11  ASP n 
1 12  ILE n 
1 13  GLN n 
1 14  TYR n 
1 15  SER n 
1 16  GLY n 
1 17  SER n 
1 18  LEU n 
1 19  LEU n 
1 20  ASN n 
1 21  SER n 
1 22  LEU n 
1 23  ASN n 
1 24  GLU n 
1 25  GLN n 
1 26  ARG n 
1 27  GLY n 
1 28  HIS n 
1 29  GLY n 
1 30  LEU n 
1 31  PHE n 
1 32  CYS n 
1 33  ASP n 
1 34  VAL n 
1 35  THR n 
1 36  VAL n 
1 37  ILE n 
1 38  VAL n 
1 39  GLU n 
1 40  ASP n 
1 41  ARG n 
1 42  LYS n 
1 43  PHE n 
1 44  ARG n 
1 45  ALA n 
1 46  HIS n 
1 47  LYS n 
1 48  ASN n 
1 49  ILE n 
1 50  LEU n 
1 51  SER n 
1 52  ALA n 
1 53  SER n 
1 54  SER n 
1 55  THR n 
1 56  TYR n 
1 57  PHE n 
1 58  HIS n 
1 59  GLN n 
1 60  LEU n 
1 61  PHE n 
1 62  SER n 
1 63  VAL n 
1 64  ALA n 
1 65  GLY n 
1 66  GLN n 
1 67  VAL n 
1 68  VAL n 
1 69  GLU n 
1 70  LEU n 
1 71  SER n 
1 72  PHE n 
1 73  ILE n 
1 74  ARG n 
1 75  ALA n 
1 76  GLU n 
1 77  ILE n 
1 78  PHE n 
1 79  ALA n 
1 80  GLU n 
1 81  ILE n 
1 82  LEU n 
1 83  ASN n 
1 84  TYR n 
1 85  ILE n 
1 86  TYR n 
1 87  SER n 
1 88  SER n 
1 89  LYS n 
1 90  ILE n 
1 91  VAL n 
1 92  ARG n 
1 93  VAL n 
1 94  ARG n 
1 95  SER n 
1 96  ASP n 
1 97  LEU n 
1 98  LEU n 
1 99  ASP n 
1 100 GLU n 
1 101 LEU n 
1 102 ILE n 
1 103 LYS n 
1 104 SER n 
1 105 GLY n 
1 106 GLN n 
1 107 LEU n 
1 108 LEU n 
1 109 GLY n 
1 110 VAL n 
1 111 LYS n 
1 112 PHE n 
1 113 ILE n 
1 114 ALA n 
1 115 ALA n 
1 116 LEU n 
# 
_entity_src_gen.entity_id                          1 
_entity_src_gen.pdbx_src_id                        1 
_entity_src_gen.pdbx_alt_source_flag               sample 
_entity_src_gen.pdbx_seq_type                      ? 
_entity_src_gen.pdbx_beg_seq_num                   ? 
_entity_src_gen.pdbx_end_seq_num                   ? 
_entity_src_gen.gene_src_common_name               Human 
_entity_src_gen.gene_src_genus                     ? 
_entity_src_gen.pdbx_gene_src_gene                 'KAISO, ZBTB33, ZNF348' 
_entity_src_gen.gene_src_species                   ? 
_entity_src_gen.gene_src_strain                    ? 
_entity_src_gen.gene_src_tissue                    ? 
_entity_src_gen.gene_src_tissue_fraction           ? 
_entity_src_gen.gene_src_details                   ? 
_entity_src_gen.pdbx_gene_src_fragment             ? 
_entity_src_gen.pdbx_gene_src_scientific_name      'Homo sapiens' 
_entity_src_gen.pdbx_gene_src_ncbi_taxonomy_id     9606 
_entity_src_gen.pdbx_gene_src_variant              ? 
_entity_src_gen.pdbx_gene_src_cell_line            ? 
_entity_src_gen.pdbx_gene_src_atcc                 ? 
_entity_src_gen.pdbx_gene_src_organ                ? 
_entity_src_gen.pdbx_gene_src_organelle            ? 
_entity_src_gen.pdbx_gene_src_cell                 ? 
_entity_src_gen.pdbx_gene_src_cellular_location    ? 
_entity_src_gen.host_org_common_name               ? 
_entity_src_gen.pdbx_host_org_scientific_name      'Escherichia coli' 
_entity_src_gen.pdbx_host_org_ncbi_taxonomy_id     562 
_entity_src_gen.host_org_genus                     ? 
_entity_src_gen.pdbx_host_org_gene                 ? 
_entity_src_gen.pdbx_host_org_organ                ? 
_entity_src_gen.host_org_species                   ? 
_entity_src_gen.pdbx_host_org_tissue               ? 
_entity_src_gen.pdbx_host_org_tissue_fraction      ? 
_entity_src_gen.pdbx_host_org_strain               'BL21(DE3)-R3' 
_entity_src_gen.pdbx_host_org_variant              ? 
_entity_src_gen.pdbx_host_org_cell_line            ? 
_entity_src_gen.pdbx_host_org_atcc                 ? 
_entity_src_gen.pdbx_host_org_culture_collection   ? 
_entity_src_gen.pdbx_host_org_cell                 ? 
_entity_src_gen.pdbx_host_org_organelle            ? 
_entity_src_gen.pdbx_host_org_cellular_location    ? 
_entity_src_gen.pdbx_host_org_vector_type          Plasmid 
_entity_src_gen.pdbx_host_org_vector               ? 
_entity_src_gen.host_org_details                   ? 
_entity_src_gen.expression_system_id               ? 
_entity_src_gen.plasmid_name                       pNIC28-BSA4 
_entity_src_gen.plasmid_details                    ? 
_entity_src_gen.pdbx_description                   ? 
# 
_struct_ref.id                         1 
_struct_ref.db_name                    UNP 
_struct_ref.db_code                    KAISO_HUMAN 
_struct_ref.pdbx_db_accession          Q86T24 
_struct_ref.entity_id                  1 
_struct_ref.pdbx_seq_one_letter_code   
;MESRKLISATDIQYSGSLLNSLNEQRGHGLFCDVTVIVEDRKFRAHKNILSASSTYFHQLFSVAGQVVELSFIRAEIFAE
ILNYIYSSKIVRVRSDLLDELIKSGQLLGVKFIAEL
;
_struct_ref.pdbx_align_begin           1 
_struct_ref.pdbx_db_isoform            ? 
# 
_struct_ref_seq.align_id                      1 
_struct_ref_seq.ref_id                        1 
_struct_ref_seq.pdbx_PDB_id_code              3FKC 
_struct_ref_seq.pdbx_strand_id                A 
_struct_ref_seq.seq_align_beg                 1 
_struct_ref_seq.pdbx_seq_align_beg_ins_code   ? 
_struct_ref_seq.seq_align_end                 116 
_struct_ref_seq.pdbx_seq_align_end_ins_code   ? 
_struct_ref_seq.pdbx_db_accession             Q86T24 
_struct_ref_seq.db_align_beg                  1 
_struct_ref_seq.pdbx_db_align_beg_ins_code    ? 
_struct_ref_seq.db_align_end                  116 
_struct_ref_seq.pdbx_db_align_end_ins_code    ? 
_struct_ref_seq.pdbx_auth_seq_align_beg       1 
_struct_ref_seq.pdbx_auth_seq_align_end       116 
# 
_struct_ref_seq_dif.align_id                     1 
_struct_ref_seq_dif.pdbx_pdb_id_code             3FKC 
_struct_ref_seq_dif.mon_id                       ALA 
_struct_ref_seq_dif.pdbx_pdb_strand_id           A 
_struct_ref_seq_dif.seq_num                      115 
_struct_ref_seq_dif.pdbx_pdb_ins_code            ? 
_struct_ref_seq_dif.pdbx_seq_db_name             UNP 
_struct_ref_seq_dif.pdbx_seq_db_accession_code   Q86T24 
_struct_ref_seq_dif.db_mon_id                    GLU 
_struct_ref_seq_dif.pdbx_seq_db_seq_num          115 
_struct_ref_seq_dif.details                      'engineered mutation' 
_struct_ref_seq_dif.pdbx_auth_seq_num            115 
_struct_ref_seq_dif.pdbx_ordinal                 1 
# 
loop_
_chem_comp.id 
_chem_comp.type 
_chem_comp.mon_nstd_flag 
_chem_comp.name 
_chem_comp.pdbx_synonyms 
_chem_comp.formula 
_chem_comp.formula_weight 
ALA 'L-peptide linking' y ALANINE         ? 'C3 H7 N O2'     89.093  
ARG 'L-peptide linking' y ARGININE        ? 'C6 H15 N4 O2 1' 175.209 
ASN 'L-peptide linking' y ASPARAGINE      ? 'C4 H8 N2 O3'    132.118 
ASP 'L-peptide linking' y 'ASPARTIC ACID' ? 'C4 H7 N O4'     133.103 
CYS 'L-peptide linking' y CYSTEINE        ? 'C3 H7 N O2 S'   121.158 
GLN 'L-peptide linking' y GLUTAMINE       ? 'C5 H10 N2 O3'   146.144 
GLU 'L-peptide linking' y 'GLUTAMIC ACID' ? 'C5 H9 N O4'     147.129 
GLY 'peptide linking'   y GLYCINE         ? 'C2 H5 N O2'     75.067  
HIS 'L-peptide linking' y HISTIDINE       ? 'C6 H10 N3 O2 1' 156.162 
HOH non-polymer         . WATER           ? 'H2 O'           18.015  
ILE 'L-peptide linking' y ISOLEUCINE      ? 'C6 H13 N O2'    131.173 
LEU 'L-peptide linking' y LEUCINE         ? 'C6 H13 N O2'    131.173 
LYS 'L-peptide linking' y LYSINE          ? 'C6 H15 N2 O2 1' 147.195 
MET 'L-peptide linking' y METHIONINE      ? 'C5 H11 N O2 S'  149.211 
PHE 'L-peptide linking' y PHENYLALANINE   ? 'C9 H11 N O2'    165.189 
SER 'L-peptide linking' y SERINE          ? 'C3 H7 N O3'     105.093 
THR 'L-peptide linking' y THREONINE       ? 'C4 H9 N O3'     119.119 
TYR 'L-peptide linking' y TYROSINE        ? 'C9 H11 N O3'    181.189 
VAL 'L-peptide linking' y VALINE          ? 'C5 H11 N O2'    117.146 
# 
_exptl.crystals_number   1 
_exptl.entry_id          3FKC 
_exptl.method            'X-RAY DIFFRACTION' 
# 
_exptl_crystal.id                    1 
_exptl_crystal.density_Matthews      3.00 
_exptl_crystal.density_meas          ? 
_exptl_crystal.density_percent_sol   59.03 
_exptl_crystal.description           ? 
_exptl_crystal.F_000                 ? 
_exptl_crystal.preparation           ? 
# 
_exptl_crystal_grow.crystal_id      1 
_exptl_crystal_grow.method          'VAPOR DIFFUSION, SITTING DROP' 
_exptl_crystal_grow.pH              4.0 
_exptl_crystal_grow.temp            277 
_exptl_crystal_grow.temp_details    ? 
_exptl_crystal_grow.pdbx_details    
;0.8M (NH4)2SO4 
0.1M citrate pH 4.0, VAPOR DIFFUSION, SITTING DROP, temperature 277K
;
_exptl_crystal_grow.pdbx_pH_range   ? 
# 
_diffrn.id                     1 
_diffrn.ambient_temp           ? 
_diffrn.ambient_temp_details   ? 
_diffrn.crystal_id             1 
# 
_diffrn_detector.diffrn_id              1 
_diffrn_detector.detector               'IMAGE PLATE' 
_diffrn_detector.type                   'RIGAKU RAXIS IV' 
_diffrn_detector.pdbx_collection_date   2008-03-29 
_diffrn_detector.details                ? 
# 
_diffrn_radiation.diffrn_id                        1 
_diffrn_radiation.wavelength_id                    1 
_diffrn_radiation.pdbx_diffrn_protocol             'SINGLE WAVELENGTH' 
_diffrn_radiation.monochromator                    ? 
_diffrn_radiation.pdbx_monochromatic_or_laue_m_l   M 
_diffrn_radiation.pdbx_scattering_type             x-ray 
# 
_diffrn_radiation_wavelength.id           1 
_diffrn_radiation_wavelength.wavelength   1.5 
_diffrn_radiation_wavelength.wt           1.0 
# 
_diffrn_source.diffrn_id                   1 
_diffrn_source.source                      'ROTATING ANODE' 
_diffrn_source.type                        'RIGAKU FR-E SUPERBRIGHT' 
_diffrn_source.pdbx_wavelength             ? 
_diffrn_source.pdbx_wavelength_list        1.5 
_diffrn_source.pdbx_synchrotron_site       ? 
_diffrn_source.pdbx_synchrotron_beamline   ? 
# 
_reflns.entry_id                     3FKC 
_reflns.d_resolution_high            1.70 
_reflns.d_resolution_low             38.984 
_reflns.number_all                   18197 
_reflns.number_obs                   18142 
_reflns.pdbx_Rsym_value              0.057 
_reflns.pdbx_redundancy              10.200 
_reflns.percent_possible_obs         99.700 
_reflns.observed_criterion_sigma_F   ? 
_reflns.observed_criterion_sigma_I   ? 
_reflns.pdbx_Rmerge_I_obs            0.057 
_reflns.pdbx_netI_over_sigmaI        27.1 
_reflns.B_iso_Wilson_estimate        23.6 
_reflns.R_free_details               ? 
_reflns.limit_h_max                  ? 
_reflns.limit_h_min                  ? 
_reflns.limit_k_max                  ? 
_reflns.limit_k_min                  ? 
_reflns.limit_l_max                  ? 
_reflns.limit_l_min                  ? 
_reflns.observed_criterion_F_max     ? 
_reflns.observed_criterion_F_min     ? 
_reflns.pdbx_chi_squared             ? 
_reflns.pdbx_scaling_rejects         ? 
_reflns.pdbx_ordinal                 1 
_reflns.pdbx_diffrn_id               1 
# 
_reflns_shell.d_res_high             1.70 
_reflns_shell.d_res_low              1.79 
_reflns_shell.percent_possible_obs   ? 
_reflns_shell.percent_possible_all   99.0 
_reflns_shell.Rmerge_I_obs           0.664 
_reflns_shell.meanI_over_sigI_obs    3.0 
_reflns_shell.pdbx_Rsym_value        ? 
_reflns_shell.pdbx_redundancy        9.9 
_reflns_shell.number_unique_all      2560 
_reflns_shell.number_measured_all    ? 
_reflns_shell.number_measured_obs    ? 
_reflns_shell.number_unique_obs      ? 
_reflns_shell.pdbx_chi_squared       ? 
_reflns_shell.pdbx_ordinal           1 
_reflns_shell.pdbx_diffrn_id         1 
# 
_refine.entry_id                                 3FKC 
_refine.ls_d_res_high                            1.700 
_refine.ls_d_res_low                             38.980 
_refine.pdbx_ls_sigma_F                          0.00 
_refine.ls_percent_reflns_obs                    99.570 
_refine.ls_number_reflns_obs                     18127 
_refine.pdbx_ls_cross_valid_method               THROUGHOUT 
_refine.pdbx_R_Free_selection_details            RANDOM 
_refine.details                                  
;HYDROGENS HAVE BEEN ADDED IN THE RIDING POSITIONS 
 U VALUES      : RESIDUAL ONLY
;
_refine.ls_R_factor_obs                          0.177 
_refine.ls_R_factor_R_work                       0.176 
_refine.ls_wR_factor_R_work                      0.171 
_refine.ls_R_factor_R_free                       0.195 
_refine.ls_wR_factor_R_free                      0.190 
_refine.ls_percent_reflns_R_free                 5.100 
_refine.ls_number_reflns_R_free                  926 
_refine.B_iso_mean                               23.336 
_refine.aniso_B[1][1]                            -0.630 
_refine.aniso_B[2][2]                            -0.630 
_refine.aniso_B[3][3]                            0.950 
_refine.aniso_B[1][2]                            -0.320 
_refine.aniso_B[1][3]                            0.000 
_refine.aniso_B[2][3]                            0.000 
_refine.correlation_coeff_Fo_to_Fc               0.961 
_refine.correlation_coeff_Fo_to_Fc_free          0.958 
_refine.overall_SU_R_Cruickshank_DPI             0.091 
_refine.overall_SU_R_free                        0.087 
_refine.pdbx_overall_ESU_R                       0.087 
_refine.pdbx_overall_ESU_R_Free                  0.083 
_refine.overall_SU_ML                            0.056 
_refine.overall_SU_B                             3.815 
_refine.solvent_model_details                    'BABINET MODEL WITH MASK' 
_refine.pdbx_solvent_vdw_probe_radii             1.200 
_refine.pdbx_solvent_ion_probe_radii             0.800 
_refine.pdbx_solvent_shrinkage_radii             0.800 
_refine.pdbx_method_to_determine_struct          'MOLECULAR REPLACEMENT' 
_refine.pdbx_stereochemistry_target_values       'MAXIMUM LIKELIHOOD' 
_refine.overall_FOM_work_R_set                   0.885 
_refine.B_iso_max                                85.00 
_refine.B_iso_min                                2.14 
_refine.occupancy_max                            1.00 
_refine.occupancy_min                            0.20 
_refine.pdbx_ls_sigma_I                          ? 
_refine.ls_number_reflns_all                     18205 
_refine.ls_R_factor_all                          0.177 
_refine.ls_redundancy_reflns_obs                 ? 
_refine.pdbx_data_cutoff_high_absF               ? 
_refine.pdbx_data_cutoff_low_absF                ? 
_refine.ls_number_parameters                     ? 
_refine.ls_number_restraints                     ? 
_refine.ls_R_factor_R_free_error                 ? 
_refine.ls_R_factor_R_free_error_details         ? 
_refine.pdbx_starting_model                      'PDB ENTRIES 2VKP,2IF5,2NN2,2IHC,1BUO,1CS3' 
_refine.pdbx_stereochem_target_val_spec_case     ? 
_refine.solvent_model_param_bsol                 ? 
_refine.solvent_model_param_ksol                 ? 
_refine.pdbx_isotropic_thermal_model             ? 
_refine.pdbx_data_cutoff_high_rms_absF           ? 
_refine.overall_FOM_free_R_set                   ? 
_refine.pdbx_overall_phase_error                 ? 
_refine.pdbx_refine_id                           'X-RAY DIFFRACTION' 
_refine.pdbx_TLS_residual_ADP_flag               'LIKELY RESIDUAL' 
_refine.pdbx_diffrn_id                           1 
_refine.pdbx_overall_SU_R_free_Cruickshank_DPI   ? 
_refine.pdbx_overall_SU_R_Blow_DPI               ? 
_refine.pdbx_overall_SU_R_free_Blow_DPI          ? 
# 
_refine_hist.pdbx_refine_id                   'X-RAY DIFFRACTION' 
_refine_hist.cycle_id                         LAST 
_refine_hist.pdbx_number_atoms_protein        882 
_refine_hist.pdbx_number_atoms_nucleic_acid   0 
_refine_hist.pdbx_number_atoms_ligand         0 
_refine_hist.number_atoms_solvent             122 
_refine_hist.number_atoms_total               1004 
_refine_hist.d_res_high                       1.700 
_refine_hist.d_res_low                        38.980 
# 
loop_
_refine_ls_restr.type 
_refine_ls_restr.number 
_refine_ls_restr.dev_ideal 
_refine_ls_restr.dev_ideal_target 
_refine_ls_restr.weight 
_refine_ls_restr.pdbx_refine_id 
_refine_ls_restr.pdbx_restraint_function 
r_bond_refined_d       944  0.015  0.022  ? 'X-RAY DIFFRACTION' ? 
r_bond_other_d         638  0.002  0.020  ? 'X-RAY DIFFRACTION' ? 
r_angle_refined_deg    1281 1.450  1.972  ? 'X-RAY DIFFRACTION' ? 
r_angle_other_deg      1569 0.994  3.000  ? 'X-RAY DIFFRACTION' ? 
r_dihedral_angle_1_deg 114  6.231  5.000  ? 'X-RAY DIFFRACTION' ? 
r_dihedral_angle_2_deg 42   30.739 23.810 ? 'X-RAY DIFFRACTION' ? 
r_dihedral_angle_3_deg 180  12.368 15.000 ? 'X-RAY DIFFRACTION' ? 
r_dihedral_angle_4_deg 6    10.956 15.000 ? 'X-RAY DIFFRACTION' ? 
r_chiral_restr         163  0.097  0.200  ? 'X-RAY DIFFRACTION' ? 
r_gen_planes_refined   1012 0.006  0.020  ? 'X-RAY DIFFRACTION' ? 
r_gen_planes_other     194  0.001  0.020  ? 'X-RAY DIFFRACTION' ? 
r_mcbond_it            574  2.716  3.000  ? 'X-RAY DIFFRACTION' ? 
r_mcbond_other         232  0.907  3.000  ? 'X-RAY DIFFRACTION' ? 
r_mcangle_it           942  4.105  5.000  ? 'X-RAY DIFFRACTION' ? 
r_scbond_it            370  6.558  8.000  ? 'X-RAY DIFFRACTION' ? 
r_scangle_it           338  8.385  11.000 ? 'X-RAY DIFFRACTION' ? 
# 
_refine_ls_shell.d_res_high                       1.700 
_refine_ls_shell.d_res_low                        1.744 
_refine_ls_shell.pdbx_total_number_of_bins_used   20 
_refine_ls_shell.percent_reflns_obs               100.000 
_refine_ls_shell.number_reflns_R_work             1220 
_refine_ls_shell.R_factor_all                     ? 
_refine_ls_shell.R_factor_R_work                  0.230 
_refine_ls_shell.R_factor_R_free                  0.295 
_refine_ls_shell.percent_reflns_R_free            ? 
_refine_ls_shell.number_reflns_R_free             69 
_refine_ls_shell.R_factor_R_free_error            ? 
_refine_ls_shell.number_reflns_all                1289 
_refine_ls_shell.number_reflns_obs                ? 
_refine_ls_shell.redundancy_reflns_obs            ? 
_refine_ls_shell.pdbx_refine_id                   'X-RAY DIFFRACTION' 
# 
_struct.entry_id                  3FKC 
_struct.title                     'Crystal Structure of Human Zinc finger and BTB domain containing 33' 
_struct.pdbx_model_details        ? 
_struct.pdbx_CASP_flag            ? 
_struct.pdbx_model_type_details   ? 
# 
_struct_keywords.entry_id        3FKC 
_struct_keywords.pdbx_keywords   TRANSCRIPTION 
_struct_keywords.text            
;Zinc finger and BTB domain containing 33, Kaiso transcription factor, ZNF-kaiso, ZNF348, WUGSC:H_DJ525N14.1, Structural Genomics COnsortium, SGC, Activator, DNA-binding, Metal-binding, Nucleus, Phosphoprotein, Repressor, Transcription, Transcription regulation, Wnt signaling pathway, Zinc-finger
;
# 
loop_
_struct_asym.id 
_struct_asym.pdbx_blank_PDB_chainid_flag 
_struct_asym.pdbx_modified 
_struct_asym.entity_id 
_struct_asym.details 
A N N 1 ? 
B N N 2 ? 
# 
loop_
_struct_biol.id 
_struct_biol.details 
1 'Gel filtration result shows that ZBTB33 construct is a monomer' 
2 ?                                                                
# 
loop_
_struct_conf.conf_type_id 
_struct_conf.id 
_struct_conf.pdbx_PDB_helix_id 
_struct_conf.beg_label_comp_id 
_struct_conf.beg_label_asym_id 
_struct_conf.beg_label_seq_id 
_struct_conf.pdbx_beg_PDB_ins_code 
_struct_conf.end_label_comp_id 
_struct_conf.end_label_asym_id 
_struct_conf.end_label_seq_id 
_struct_conf.pdbx_end_PDB_ins_code 
_struct_conf.beg_auth_comp_id 
_struct_conf.beg_auth_asym_id 
_struct_conf.beg_auth_seq_id 
_struct_conf.end_auth_comp_id 
_struct_conf.end_auth_asym_id 
_struct_conf.end_auth_seq_id 
_struct_conf.pdbx_PDB_helix_class 
_struct_conf.details 
_struct_conf.pdbx_PDB_helix_length 
HELX_P HELX_P1 1 GLN A 13  ? HIS A 28  ? GLN A 13  HIS A 28  1 ? 16 
HELX_P HELX_P2 2 HIS A 46  ? SER A 54  ? HIS A 46  SER A 54  1 ? 9  
HELX_P HELX_P3 3 SER A 54  ? PHE A 61  ? SER A 54  PHE A 61  1 ? 8  
HELX_P HELX_P4 4 ARG A 74  ? TYR A 86  ? ARG A 74  TYR A 86  1 ? 13 
HELX_P HELX_P5 5 ARG A 94  ? ASP A 96  ? ARG A 94  ASP A 96  5 ? 3  
HELX_P HELX_P6 6 LEU A 97  ? GLY A 109 ? LEU A 97  GLY A 109 1 ? 13 
HELX_P HELX_P7 7 VAL A 110 ? ALA A 115 ? VAL A 110 ALA A 115 1 ? 6  
# 
_struct_conf_type.id          HELX_P 
_struct_conf_type.criteria    ? 
_struct_conf_type.reference   ? 
# 
_struct_sheet.id               A 
_struct_sheet.type             ? 
_struct_sheet.number_strands   3 
_struct_sheet.details          ? 
# 
loop_
_struct_sheet_order.sheet_id 
_struct_sheet_order.range_id_1 
_struct_sheet_order.range_id_2 
_struct_sheet_order.offset 
_struct_sheet_order.sense 
A 1 2 ? anti-parallel 
A 2 3 ? parallel      
# 
loop_
_struct_sheet_range.sheet_id 
_struct_sheet_range.id 
_struct_sheet_range.beg_label_comp_id 
_struct_sheet_range.beg_label_asym_id 
_struct_sheet_range.beg_label_seq_id 
_struct_sheet_range.pdbx_beg_PDB_ins_code 
_struct_sheet_range.end_label_comp_id 
_struct_sheet_range.end_label_asym_id 
_struct_sheet_range.end_label_seq_id 
_struct_sheet_range.pdbx_end_PDB_ins_code 
_struct_sheet_range.beg_auth_comp_id 
_struct_sheet_range.beg_auth_asym_id 
_struct_sheet_range.beg_auth_seq_id 
_struct_sheet_range.end_auth_comp_id 
_struct_sheet_range.end_auth_asym_id 
_struct_sheet_range.end_auth_seq_id 
A 1 ARG A 41 ? ALA A 45 ? ARG A 41 ALA A 45 
A 2 VAL A 34 ? VAL A 38 ? VAL A 34 VAL A 38 
A 3 VAL A 67 ? LEU A 70 ? VAL A 67 LEU A 70 
# 
loop_
_pdbx_struct_sheet_hbond.sheet_id 
_pdbx_struct_sheet_hbond.range_id_1 
_pdbx_struct_sheet_hbond.range_id_2 
_pdbx_struct_sheet_hbond.range_1_label_atom_id 
_pdbx_struct_sheet_hbond.range_1_label_comp_id 
_pdbx_struct_sheet_hbond.range_1_label_asym_id 
_pdbx_struct_sheet_hbond.range_1_label_seq_id 
_pdbx_struct_sheet_hbond.range_1_PDB_ins_code 
_pdbx_struct_sheet_hbond.range_1_auth_atom_id 
_pdbx_struct_sheet_hbond.range_1_auth_comp_id 
_pdbx_struct_sheet_hbond.range_1_auth_asym_id 
_pdbx_struct_sheet_hbond.range_1_auth_seq_id 
_pdbx_struct_sheet_hbond.range_2_label_atom_id 
_pdbx_struct_sheet_hbond.range_2_label_comp_id 
_pdbx_struct_sheet_hbond.range_2_label_asym_id 
_pdbx_struct_sheet_hbond.range_2_label_seq_id 
_pdbx_struct_sheet_hbond.range_2_PDB_ins_code 
_pdbx_struct_sheet_hbond.range_2_auth_atom_id 
_pdbx_struct_sheet_hbond.range_2_auth_comp_id 
_pdbx_struct_sheet_hbond.range_2_auth_asym_id 
_pdbx_struct_sheet_hbond.range_2_auth_seq_id 
A 1 2 O PHE A 43 ? O PHE A 43 N VAL A 36 ? N VAL A 36 
A 2 3 N ILE A 37 ? N ILE A 37 O VAL A 68 ? O VAL A 68 
# 
_atom_sites.entry_id                    3FKC 
_atom_sites.fract_transf_matrix[1][1]   -0.00736547 
_atom_sites.fract_transf_matrix[1][2]   -0.00362754 
_atom_sites.fract_transf_matrix[1][3]   0.00526985 
_atom_sites.fract_transf_matrix[2][1]   -0.00566184 
_atom_sites.fract_transf_matrix[2][2]   0.00597854 
_atom_sites.fract_transf_matrix[2][3]   0.00523261 
_atom_sites.fract_transf_matrix[3][1]   -0.01571311 
_atom_sites.fract_transf_matrix[3][2]   0.00270878 
_atom_sites.fract_transf_matrix[3][3]   -0.02009698 
_atom_sites.fract_transf_vector[1]      0.324240 
_atom_sites.fract_transf_vector[2]      0.391035 
_atom_sites.fract_transf_vector[3]      0.134522 
# 
loop_
_atom_type.symbol 
C 
N 
O 
S 
# 
loop_
_atom_site.group_PDB 
_atom_site.id 
_atom_site.type_symbol 
_atom_site.label_atom_id 
_atom_site.label_alt_id 
_atom_site.label_comp_id 
_atom_site.label_asym_id 
_atom_site.label_entity_id 
_atom_site.label_seq_id 
_atom_site.pdbx_PDB_ins_code 
_atom_site.Cartn_x 
_atom_site.Cartn_y 
_atom_site.Cartn_z 
_atom_site.occupancy 
_atom_site.B_iso_or_equiv 
_atom_site.pdbx_formal_charge 
_atom_site.auth_seq_id 
_atom_site.auth_comp_id 
_atom_site.auth_asym_id 
_atom_site.auth_atom_id 
_atom_site.pdbx_PDB_model_num 
ATOM   1    N N   . ARG A 1 4   ? -36.120 -11.969 -20.129 1.00 39.28 ? 4   ARG A N   1 
ATOM   2    C CA  . ARG A 1 4   ? -37.088 -11.116 -19.364 1.00 41.23 ? 4   ARG A CA  1 
ATOM   3    C C   . ARG A 1 4   ? -36.516 -10.760 -17.976 1.00 38.17 ? 4   ARG A C   1 
ATOM   4    O O   . ARG A 1 4   ? -36.436 -9.578  -17.616 1.00 37.86 ? 4   ARG A O   1 
ATOM   5    C CB  . ARG A 1 4   ? -38.450 -11.815 -19.236 1.00 40.06 ? 4   ARG A CB  1 
ATOM   6    N N   . LYS A 1 5   ? -36.077 -11.780 -17.228 1.00 27.04 ? 5   LYS A N   1 
ATOM   7    C CA  . LYS A 1 5   ? -35.571 -11.589 -15.869 1.00 22.50 ? 5   LYS A CA  1 
ATOM   8    C C   . LYS A 1 5   ? -34.095 -11.213 -15.874 1.00 22.28 ? 5   LYS A C   1 
ATOM   9    O O   . LYS A 1 5   ? -33.286 -11.830 -16.589 1.00 24.09 ? 5   LYS A O   1 
ATOM   10   C CB  . LYS A 1 5   ? -35.772 -12.843 -15.009 1.00 23.21 ? 5   LYS A CB  1 
ATOM   11   C CG  . LYS A 1 5   ? -37.229 -13.236 -14.731 1.00 25.54 ? 5   LYS A CG  1 
ATOM   12   C CD  . LYS A 1 5   ? -37.274 -14.445 -13.803 1.00 35.17 ? 5   LYS A CD  1 
ATOM   13   C CE  . LYS A 1 5   ? -37.122 -15.726 -14.568 1.00 34.31 ? 5   LYS A CE  1 
ATOM   14   N NZ  . LYS A 1 5   ? -37.095 -16.891 -13.650 1.00 31.51 ? 5   LYS A NZ  1 
ATOM   15   N N   . LEU A 1 6   ? -33.756 -10.200 -15.079 1.00 16.83 ? 6   LEU A N   1 
ATOM   16   C CA  . LEU A 1 6   ? -32.382 -9.762  -14.903 1.00 15.00 ? 6   LEU A CA  1 
ATOM   17   C C   . LEU A 1 6   ? -32.001 -9.986  -13.436 1.00 18.04 ? 6   LEU A C   1 
ATOM   18   O O   . LEU A 1 6   ? -32.753 -9.655  -12.513 1.00 17.38 ? 6   LEU A O   1 
ATOM   19   C CB  . LEU A 1 6   ? -32.198 -8.298  -15.327 1.00 15.96 ? 6   LEU A CB  1 
ATOM   20   C CG  . LEU A 1 6   ? -32.623 -7.938  -16.754 1.00 24.02 ? 6   LEU A CG  1 
ATOM   21   C CD1 . LEU A 1 6   ? -32.504 -6.444  -16.998 1.00 24.92 ? 6   LEU A CD1 1 
ATOM   22   C CD2 . LEU A 1 6   ? -31.821 -8.697  -17.766 1.00 31.27 ? 6   LEU A CD2 1 
ATOM   23   N N   . ILE A 1 7   ? -30.838 -10.595 -13.229 1.00 17.16 ? 7   ILE A N   1 
ATOM   24   C CA  . ILE A 1 7   ? -30.401 -11.003 -11.895 1.00 17.54 ? 7   ILE A CA  1 
ATOM   25   C C   . ILE A 1 7   ? -29.167 -10.195 -11.514 1.00 22.14 ? 7   ILE A C   1 
ATOM   26   O O   . ILE A 1 7   ? -28.232 -10.045 -12.320 1.00 17.35 ? 7   ILE A O   1 
ATOM   27   C CB  . ILE A 1 7   ? -30.074 -12.530 -11.856 1.00 20.41 ? 7   ILE A CB  1 
ATOM   28   C CG1 . ILE A 1 7   ? -31.307 -13.333 -12.259 1.00 22.97 ? 7   ILE A CG1 1 
ATOM   29   C CG2 . ILE A 1 7   ? -29.542 -12.962 -10.467 1.00 27.46 ? 7   ILE A CG2 1 
ATOM   30   C CD1 . ILE A 1 7   ? -31.021 -14.734 -12.649 1.00 37.37 ? 7   ILE A CD1 1 
ATOM   31   N N   . SER A 1 8   ? -29.181 -9.654  -10.293 1.00 17.24 ? 8   SER A N   1 
ATOM   32   C CA  . SER A 1 8   ? -28.016 -8.989  -9.718  1.00 17.84 ? 8   SER A CA  1 
ATOM   33   C C   . SER A 1 8   ? -27.713 -9.616  -8.358  1.00 23.94 ? 8   SER A C   1 
ATOM   34   O O   . SER A 1 8   ? -28.623 -10.075 -7.681  1.00 19.19 ? 8   SER A O   1 
ATOM   35   C CB  . SER A 1 8   ? -28.282 -7.490  -9.563  1.00 22.60 ? 8   SER A CB  1 
ATOM   36   O OG  . SER A 1 8   ? -28.503 -6.880  -10.814 1.00 23.35 ? 8   SER A OG  1 
ATOM   37   N N   . ALA A 1 9   ? -26.437 -9.646  -7.971  1.00 18.38 ? 9   ALA A N   1 
ATOM   38   C CA  . ALA A 1 9   ? -26.008 -10.189 -6.660  1.00 19.49 ? 9   ALA A CA  1 
ATOM   39   C C   . ALA A 1 9   ? -24.696 -9.551  -6.311  1.00 19.97 ? 9   ALA A C   1 
ATOM   40   O O   . ALA A 1 9   ? -23.878 -9.251  -7.200  1.00 20.62 ? 9   ALA A O   1 
ATOM   41   C CB  . ALA A 1 9   ? -25.856 -11.747 -6.695  1.00 18.26 ? 9   ALA A CB  1 
ATOM   42   N N   . THR A 1 10  ? -24.504 -9.291  -5.028  1.00 16.97 ? 10  THR A N   1 
ATOM   43   C CA  . THR A 1 10  ? -23.317 -8.601  -4.521  1.00 16.53 ? 10  THR A CA  1 
ATOM   44   C C   . THR A 1 10  ? -22.689 -9.454  -3.417  1.00 19.23 ? 10  THR A C   1 
ATOM   45   O O   . THR A 1 10  ? -23.392 -9.902  -2.500  1.00 17.04 ? 10  THR A O   1 
ATOM   46   C CB  . THR A 1 10  ? -23.703 -7.208  -3.956  1.00 22.74 ? 10  THR A CB  1 
ATOM   47   O OG1 . THR A 1 10  ? -24.228 -6.416  -5.031  1.00 21.81 ? 10  THR A OG1 1 
ATOM   48   C CG2 . THR A 1 10  ? -22.488 -6.514  -3.365  1.00 18.87 ? 10  THR A CG2 1 
ATOM   49   N N   . ASP A 1 11  ? -21.383 -9.705  -3.529  1.00 15.56 ? 11  ASP A N   1 
ATOM   50   C CA  . ASP A 1 11  ? -20.646 -10.513 -2.575  1.00 16.61 ? 11  ASP A CA  1 
ATOM   51   C C   . ASP A 1 11  ? -19.957 -9.568  -1.571  1.00 16.26 ? 11  ASP A C   1 
ATOM   52   O O   . ASP A 1 11  ? -18.879 -9.069  -1.827  1.00 15.63 ? 11  ASP A O   1 
ATOM   53   C CB  . ASP A 1 11  ? -19.627 -11.381 -3.318  1.00 16.42 ? 11  ASP A CB  1 
ATOM   54   C CG  . ASP A 1 11  ? -18.803 -12.251 -2.414  1.00 17.93 ? 11  ASP A CG  1 
ATOM   55   O OD1 . ASP A 1 11  ? -18.992 -12.246 -1.165  1.00 16.34 ? 11  ASP A OD1 1 
ATOM   56   O OD2 . ASP A 1 11  ? -17.957 -12.988 -2.954  1.00 15.99 ? 11  ASP A OD2 1 
ATOM   57   N N   . ILE A 1 12  ? -20.526 -9.388  -0.383  1.00 16.45 ? 12  ILE A N   1 
ATOM   58   C CA  . ILE A 1 12  ? -19.912 -8.433  0.570   1.00 17.58 ? 12  ILE A CA  1 
ATOM   59   C C   . ILE A 1 12  ? -18.609 -8.932  1.216   1.00 18.70 ? 12  ILE A C   1 
ATOM   60   O O   . ILE A 1 12  ? -17.845 -8.157  1.782   1.00 22.76 ? 12  ILE A O   1 
ATOM   61   C CB  . ILE A 1 12  ? -20.925 -8.007  1.668   1.00 20.94 ? 12  ILE A CB  1 
ATOM   62   C CG1 . ILE A 1 12  ? -21.240 -9.180  2.573   1.00 19.25 ? 12  ILE A CG1 1 
ATOM   63   C CG2 . ILE A 1 12  ? -22.204 -7.431  1.017   1.00 25.82 ? 12  ILE A CG2 1 
ATOM   64   C CD1 . ILE A 1 12  ? -22.054 -8.726  3.817   1.00 27.44 ? 12  ILE A CD1 1 
ATOM   65   N N   . GLN A 1 13  ? -18.325 -10.218 1.107   1.00 14.90 ? 13  GLN A N   1 
ATOM   66   C CA  . GLN A 1 13  ? -17.099 -10.804 1.640   1.00 19.28 ? 13  GLN A CA  1 
ATOM   67   C C   . GLN A 1 13  ? -15.899 -10.685 0.670   1.00 19.25 ? 13  GLN A C   1 
ATOM   68   O O   . GLN A 1 13  ? -14.746 -10.955 1.062   1.00 21.52 ? 13  GLN A O   1 
ATOM   69   C CB  . GLN A 1 13  ? -17.297 -12.288 1.927   1.00 21.86 ? 13  GLN A CB  1 
ATOM   70   C CG  . GLN A 1 13  ? -18.508 -12.646 2.793   1.00 37.63 ? 13  GLN A CG  1 
ATOM   71   C CD  . GLN A 1 13  ? -18.190 -12.775 4.257   1.00 47.05 ? 13  GLN A CD  1 
ATOM   72   O OE1 . GLN A 1 13  ? -19.056 -13.149 5.037   1.00 52.04 ? 13  GLN A OE1 1 
ATOM   73   N NE2 . GLN A 1 13  ? -16.952 -12.452 4.646   1.00 49.72 ? 13  GLN A NE2 1 
ATOM   74   N N   . TYR A 1 14  ? -16.179 -10.356 -0.592  1.00 18.15 ? 14  TYR A N   1 
ATOM   75   C CA  . TYR A 1 14  ? -15.180 -10.520 -1.660  1.00 20.67 ? 14  TYR A CA  1 
ATOM   76   C C   . TYR A 1 14  ? -13.955 -9.622  -1.485  1.00 21.38 ? 14  TYR A C   1 
ATOM   77   O O   . TYR A 1 14  ? -12.823 -10.090 -1.501  1.00 19.92 ? 14  TYR A O   1 
ATOM   78   C CB  . TYR A 1 14  ? -15.793 -10.206 -3.008  1.00 18.71 ? 14  TYR A CB  1 
ATOM   79   C CG  . TYR A 1 14  ? -14.794 -10.314 -4.153  1.00 16.19 ? 14  TYR A CG  1 
ATOM   80   C CD1 . TYR A 1 14  ? -14.290 -11.548 -4.528  1.00 17.65 ? 14  TYR A CD1 1 
ATOM   81   C CD2 . TYR A 1 14  ? -14.345 -9.189  -4.785  1.00 18.56 ? 14  TYR A CD2 1 
ATOM   82   C CE1 . TYR A 1 14  ? -13.321 -11.670 -5.547  1.00 15.59 ? 14  TYR A CE1 1 
ATOM   83   C CE2 . TYR A 1 14  ? -13.426 -9.296  -5.843  1.00 21.91 ? 14  TYR A CE2 1 
ATOM   84   C CZ  . TYR A 1 14  ? -12.922 -10.531 -6.193  1.00 16.12 ? 14  TYR A CZ  1 
ATOM   85   O OH  . TYR A 1 14  ? -12.002 -10.632 -7.222  1.00 18.05 ? 14  TYR A OH  1 
ATOM   86   N N   . SER A 1 15  ? -14.215 -8.334  -1.333  1.00 22.39 ? 15  SER A N   1 
ATOM   87   C CA  . SER A 1 15  ? -13.126 -7.363  -1.428  1.00 32.36 ? 15  SER A CA  1 
ATOM   88   C C   . SER A 1 15  ? -12.147 -7.545  -0.265  1.00 27.99 ? 15  SER A C   1 
ATOM   89   O O   . SER A 1 15  ? -10.931 -7.398  -0.454  1.00 30.64 ? 15  SER A O   1 
ATOM   90   C CB  . SER A 1 15  ? -13.645 -5.923  -1.711  1.00 27.25 ? 15  SER A CB  1 
ATOM   91   O OG  . SER A 1 15  ? -14.394 -5.338  -0.654  1.00 25.65 ? 15  SER A OG  1 
ATOM   92   N N   . GLY A 1 16  ? -12.636 -7.962  0.900   1.00 30.32 ? 16  GLY A N   1 
ATOM   93   C CA  . GLY A 1 16  ? -11.807 -8.399  2.014   1.00 28.62 ? 16  GLY A CA  1 
ATOM   94   C C   . GLY A 1 16  ? -10.951 -9.639  1.871   1.00 31.71 ? 16  GLY A C   1 
ATOM   95   O O   . GLY A 1 16  ? -9.786  -9.651  2.291   1.00 24.83 ? 16  GLY A O   1 
ATOM   96   N N   . SER A 1 17  ? -11.536 -10.718 1.329   1.00 19.10 ? 17  SER A N   1 
ATOM   97   C CA  . SER A 1 17  ? -10.837 -11.934 1.045   1.00 19.22 ? 17  SER A CA  1 
ATOM   98   C C   . SER A 1 17  ? -9.734  -11.648 -0.005  1.00 15.97 ? 17  SER A C   1 
ATOM   99   O O   . SER A 1 17  ? -8.594  -12.161 0.077   1.00 19.02 ? 17  SER A O   1 
ATOM   100  C CB  . SER A 1 17  ? -11.855 -12.949 0.463   1.00 20.02 ? 17  SER A CB  1 
ATOM   101  O OG  . SER A 1 17  ? -11.216 -14.170 0.196   1.00 31.37 ? 17  SER A OG  1 
ATOM   102  N N   . LEU A 1 18  ? -10.098 -10.847 -0.995  1.00 19.83 ? 18  LEU A N   1 
ATOM   103  C CA  . LEU A 1 18  ? -9.150  -10.512 -2.083  1.00 20.37 ? 18  LEU A CA  1 
ATOM   104  C C   . LEU A 1 18  ? -7.918  -9.813  -1.485  1.00 16.97 ? 18  LEU A C   1 
ATOM   105  O O   . LEU A 1 18  ? -6.782  -10.192 -1.728  1.00 16.71 ? 18  LEU A O   1 
ATOM   106  C CB  . LEU A 1 18  ? -9.804  -9.661  -3.132  1.00 20.71 ? 18  LEU A CB  1 
ATOM   107  C CG  . LEU A 1 18  ? -8.907  -8.987  -4.174  1.00 22.20 ? 18  LEU A CG  1 
ATOM   108  C CD1 . LEU A 1 18  ? -8.220  -10.011 -5.042  1.00 23.20 ? 18  LEU A CD1 1 
ATOM   109  C CD2 . LEU A 1 18  ? -9.695  -8.022  -5.065  1.00 20.74 ? 18  LEU A CD2 1 
ATOM   110  N N   . LEU A 1 19  ? -8.161  -8.787  -0.677  1.00 19.40 ? 19  LEU A N   1 
ATOM   111  C CA  . LEU A 1 19  ? -7.052  -8.072  -0.005  1.00 20.58 ? 19  LEU A CA  1 
ATOM   112  C C   . LEU A 1 19  ? -6.169  -8.995  0.853   1.00 19.56 ? 19  LEU A C   1 
ATOM   113  O O   . LEU A 1 19  ? -4.950  -8.931  0.784   1.00 17.83 ? 19  LEU A O   1 
ATOM   114  C CB  A LEU A 1 19  ? -7.640  -6.871  0.765   0.50 18.01 ? 19  LEU A CB  1 
ATOM   115  C CB  B LEU A 1 19  ? -7.583  -6.981  0.897   0.50 21.36 ? 19  LEU A CB  1 
ATOM   116  C CG  A LEU A 1 19  ? -6.758  -5.689  1.171   0.50 23.81 ? 19  LEU A CG  1 
ATOM   117  C CG  B LEU A 1 19  ? -7.934  -5.703  0.199   0.50 17.03 ? 19  LEU A CG  1 
ATOM   118  C CD1 A LEU A 1 19  ? -5.915  -5.213  0.010   0.50 11.10 ? 19  LEU A CD1 1 
ATOM   119  C CD1 B LEU A 1 19  ? -8.627  -4.845  1.223   0.50 19.14 ? 19  LEU A CD1 1 
ATOM   120  C CD2 A LEU A 1 19  ? -7.631  -4.560  1.746   0.50 14.51 ? 19  LEU A CD2 1 
ATOM   121  C CD2 B LEU A 1 19  ? -6.676  -5.018  -0.352  0.50 19.80 ? 19  LEU A CD2 1 
ATOM   122  N N   . ASN A 1 20  ? -6.763  -9.923  1.610   1.00 18.80 ? 20  ASN A N   1 
ATOM   123  C CA  . ASN A 1 20  ? -5.968  -10.857 2.378   1.00 18.95 ? 20  ASN A CA  1 
ATOM   124  C C   . ASN A 1 20  ? -5.118  -11.709 1.493   1.00 18.48 ? 20  ASN A C   1 
ATOM   125  O O   . ASN A 1 20  ? -3.959  -11.960 1.799   1.00 18.99 ? 20  ASN A O   1 
ATOM   126  C CB  . ASN A 1 20  ? -6.812  -11.774 3.289   1.00 20.09 ? 20  ASN A CB  1 
ATOM   127  C CG  . ASN A 1 20  ? -5.946  -12.862 3.971   1.00 33.51 ? 20  ASN A CG  1 
ATOM   128  O OD1 . ASN A 1 20  ? -5.145  -12.558 4.859   1.00 32.02 ? 20  ASN A OD1 1 
ATOM   129  N ND2 . ASN A 1 20  ? -6.051  -14.114 3.502   1.00 37.51 ? 20  ASN A ND2 1 
ATOM   130  N N   . SER A 1 21  ? -5.681  -12.146 0.358   1.00 18.42 ? 21  SER A N   1 
ATOM   131  C CA  . SER A 1 21  ? -4.916  -12.973 -0.563  1.00 15.53 ? 21  SER A CA  1 
ATOM   132  C C   . SER A 1 21  ? -3.773  -12.194 -1.185  1.00 15.14 ? 21  SER A C   1 
ATOM   133  O O   . SER A 1 21  ? -2.668  -12.729 -1.366  1.00 16.53 ? 21  SER A O   1 
ATOM   134  C CB  . SER A 1 21  ? -5.809  -13.558 -1.660  1.00 18.09 ? 21  SER A CB  1 
ATOM   135  O OG  . SER A 1 21  ? -6.706  -14.467 -1.089  1.00 20.16 ? 21  SER A OG  1 
ATOM   136  N N   . LEU A 1 22  ? -4.032  -10.928 -1.501  1.00 16.74 ? 22  LEU A N   1 
ATOM   137  C CA  . LEU A 1 22  ? -3.004  -10.055 -2.082  1.00 17.53 ? 22  LEU A CA  1 
ATOM   138  C C   . LEU A 1 22  ? -1.845  -9.834  -1.055  1.00 16.08 ? 22  LEU A C   1 
ATOM   139  O O   . LEU A 1 22  ? -0.668  -9.845  -1.395  1.00 16.68 ? 22  LEU A O   1 
ATOM   140  C CB  . LEU A 1 22  ? -3.626  -8.725  -2.532  1.00 15.05 ? 22  LEU A CB  1 
ATOM   141  C CG  . LEU A 1 22  ? -4.505  -8.832  -3.781  1.00 19.72 ? 22  LEU A CG  1 
ATOM   142  C CD1 . LEU A 1 22  ? -5.299  -7.520  -3.954  1.00 23.75 ? 22  LEU A CD1 1 
ATOM   143  C CD2 . LEU A 1 22  ? -3.640  -9.160  -5.020  1.00 20.55 ? 22  LEU A CD2 1 
ATOM   144  N N   . ASN A 1 23  ? -2.208  -9.678  0.220   1.00 14.62 ? 23  ASN A N   1 
ATOM   145  C CA  . ASN A 1 23  ? -1.225  -9.501  1.271   1.00 15.88 ? 23  ASN A CA  1 
ATOM   146  C C   . ASN A 1 23  ? -0.386  -10.778 1.449   1.00 17.87 ? 23  ASN A C   1 
ATOM   147  O O   . ASN A 1 23  ? 0.810   -10.692 1.627   1.00 17.51 ? 23  ASN A O   1 
ATOM   148  C CB  . ASN A 1 23  ? -1.908  -9.104  2.557   1.00 16.04 ? 23  ASN A CB  1 
ATOM   149  C CG  . ASN A 1 23  ? -0.952  -8.560  3.590   1.00 20.50 ? 23  ASN A CG  1 
ATOM   150  O OD1 . ASN A 1 23  ? -0.010  -7.869  3.264   1.00 18.18 ? 23  ASN A OD1 1 
ATOM   151  N ND2 . ASN A 1 23  ? -1.223  -8.850  4.850   1.00 27.34 ? 23  ASN A ND2 1 
ATOM   152  N N   . GLU A 1 24  ? -1.027  -11.940 1.353   1.00 16.81 ? 24  GLU A N   1 
ATOM   153  C CA  . GLU A 1 24  ? -0.323  -13.246 1.378   1.00 17.60 ? 24  GLU A CA  1 
ATOM   154  C C   . GLU A 1 24  ? 0.662   -13.372 0.230   1.00 16.41 ? 24  GLU A C   1 
ATOM   155  O O   . GLU A 1 24  ? 1.848   -13.752 0.411   1.00 16.50 ? 24  GLU A O   1 
ATOM   156  C CB  . GLU A 1 24  ? -1.312  -14.394 1.306   1.00 19.97 ? 24  GLU A CB  1 
ATOM   157  C CG  . GLU A 1 24  ? -2.159  -14.569 2.518   1.00 27.58 ? 24  GLU A CG  1 
ATOM   158  C CD  . GLU A 1 24  ? -3.061  -15.796 2.429   1.00 46.57 ? 24  GLU A CD  1 
ATOM   159  O OE1 . GLU A 1 24  ? -3.175  -16.413 1.333   1.00 45.39 ? 24  GLU A OE1 1 
ATOM   160  O OE2 . GLU A 1 24  ? -3.661  -16.138 3.466   1.00 40.51 ? 24  GLU A OE2 1 
ATOM   161  N N   . GLN A 1 25  ? 0.217   -12.988 -0.959  1.00 17.70 ? 25  GLN A N   1 
ATOM   162  C CA  . GLN A 1 25  ? 1.124   -12.923 -2.122  1.00 18.63 ? 25  GLN A CA  1 
ATOM   163  C C   . GLN A 1 25  ? 2.344   -12.061 -1.857  1.00 16.99 ? 25  GLN A C   1 
ATOM   164  O O   . GLN A 1 25  ? 3.466   -12.448 -2.127  1.00 18.32 ? 25  GLN A O   1 
ATOM   165  C CB  . GLN A 1 25  ? 0.412   -12.387 -3.353  1.00 18.96 ? 25  GLN A CB  1 
ATOM   166  C CG  . GLN A 1 25  ? -0.635  -13.290 -3.956  1.00 20.60 ? 25  GLN A CG  1 
ATOM   167  C CD  . GLN A 1 25  ? -1.417  -12.592 -5.076  1.00 20.28 ? 25  GLN A CD  1 
ATOM   168  O OE1 . GLN A 1 25  ? -1.044  -11.500 -5.508  1.00 19.46 ? 25  GLN A OE1 1 
ATOM   169  N NE2 . GLN A 1 25  ? -2.509  -13.219 -5.541  1.00 18.65 ? 25  GLN A NE2 1 
ATOM   170  N N   . ARG A 1 26  ? 2.099   -10.857 -1.335  1.00 14.83 ? 26  ARG A N   1 
ATOM   171  C CA  . ARG A 1 26  ? 3.158   -9.924  -1.058  1.00 18.23 ? 26  ARG A CA  1 
ATOM   172  C C   . ARG A 1 26  ? 4.230   -10.501 -0.124  1.00 19.38 ? 26  ARG A C   1 
ATOM   173  O O   . ARG A 1 26  ? 5.431   -10.278 -0.377  1.00 18.85 ? 26  ARG A O   1 
ATOM   174  C CB  . ARG A 1 26  ? 2.551   -8.665  -0.442  1.00 18.21 ? 26  ARG A CB  1 
ATOM   175  C CG  . ARG A 1 26  ? 3.561   -7.616  -0.108  1.00 22.57 ? 26  ARG A CG  1 
ATOM   176  C CD  . ARG A 1 26  ? 2.900   -6.403  0.511   1.00 21.11 ? 26  ARG A CD  1 
ATOM   177  N NE  . ARG A 1 26  ? 2.267   -6.518  1.833   1.00 19.96 ? 26  ARG A NE  1 
ATOM   178  C CZ  . ARG A 1 26  ? 2.733   -5.967  2.948   1.00 21.62 ? 26  ARG A CZ  1 
ATOM   179  N NH1 . ARG A 1 26  ? 3.916   -5.347  2.914   1.00 18.39 ? 26  ARG A NH1 1 
ATOM   180  N NH2 . ARG A 1 26  ? 2.057   -6.053  4.075   1.00 19.67 ? 26  ARG A NH2 1 
ATOM   181  N N   . GLY A 1 27  ? 3.797   -11.221 0.917   1.00 21.99 ? 27  GLY A N   1 
ATOM   182  C CA  . GLY A 1 27  ? 4.721   -11.949 1.826   1.00 24.56 ? 27  GLY A CA  1 
ATOM   183  C C   . GLY A 1 27  ? 5.678   -12.906 1.116   1.00 22.38 ? 27  GLY A C   1 
ATOM   184  O O   . GLY A 1 27  ? 6.814   -13.122 1.577   1.00 30.21 ? 27  GLY A O   1 
ATOM   185  N N   . HIS A 1 28  ? 5.212   -13.523 0.031   1.00 23.20 ? 28  HIS A N   1 
ATOM   186  C CA  . HIS A 1 28  ? 6.042   -14.415 -0.817  1.00 26.63 ? 28  HIS A CA  1 
ATOM   187  C C   . HIS A 1 28  ? 6.731   -13.696 -1.957  1.00 25.52 ? 28  HIS A C   1 
ATOM   188  O O   . HIS A 1 28  ? 7.550   -14.305 -2.658  1.00 23.35 ? 28  HIS A O   1 
ATOM   189  C CB  . HIS A 1 28  ? 5.184   -15.502 -1.478  1.00 32.66 ? 28  HIS A CB  1 
ATOM   190  C CG  . HIS A 1 28  ? 4.611   -16.503 -0.535  1.00 29.77 ? 28  HIS A CG  1 
ATOM   191  N ND1 . HIS A 1 28  ? 3.260   -16.576 -0.271  1.00 38.36 ? 28  HIS A ND1 1 
ATOM   192  C CD2 . HIS A 1 28  ? 5.192   -17.496 0.181   1.00 26.59 ? 28  HIS A CD2 1 
ATOM   193  C CE1 . HIS A 1 28  ? 3.035   -17.556 0.588   1.00 41.89 ? 28  HIS A CE1 1 
ATOM   194  N NE2 . HIS A 1 28  ? 4.187   -18.133 0.876   1.00 37.53 ? 28  HIS A NE2 1 
ATOM   195  N N   . GLY A 1 29  ? 6.383   -12.430 -2.193  1.00 21.04 ? 29  GLY A N   1 
ATOM   196  C CA  . GLY A 1 29  ? 6.815   -11.710 -3.391  1.00 20.67 ? 29  GLY A CA  1 
ATOM   197  C C   . GLY A 1 29  ? 6.108   -12.157 -4.654  1.00 15.87 ? 29  GLY A C   1 
ATOM   198  O O   . GLY A 1 29  ? 6.548   -11.833 -5.767  1.00 20.16 ? 29  GLY A O   1 
ATOM   199  N N   . LEU A 1 30  ? 5.018   -12.934 -4.522  1.00 16.51 ? 30  LEU A N   1 
ATOM   200  C CA  . LEU A 1 30  ? 4.368   -13.502 -5.710  1.00 18.72 ? 30  LEU A CA  1 
ATOM   201  C C   . LEU A 1 30  ? 3.645   -12.411 -6.497  1.00 18.60 ? 30  LEU A C   1 
ATOM   202  O O   . LEU A 1 30  ? 2.885   -11.616 -5.941  1.00 17.64 ? 30  LEU A O   1 
ATOM   203  C CB  A LEU A 1 30  ? 3.379   -14.613 -5.364  0.80 22.49 ? 30  LEU A CB  1 
ATOM   204  C CB  B LEU A 1 30  ? 3.383   -14.603 -5.291  0.20 17.99 ? 30  LEU A CB  1 
ATOM   205  C CG  A LEU A 1 30  ? 3.960   -15.955 -4.900  0.80 34.41 ? 30  LEU A CG  1 
ATOM   206  C CG  B LEU A 1 30  ? 2.663   -15.435 -6.361  0.20 10.66 ? 30  LEU A CG  1 
ATOM   207  C CD1 A LEU A 1 30  ? 2.838   -16.798 -4.265  0.80 26.99 ? 30  LEU A CD1 1 
ATOM   208  C CD1 B LEU A 1 30  ? 3.616   -16.356 -7.088  0.20 8.55  ? 30  LEU A CD1 1 
ATOM   209  C CD2 A LEU A 1 30  ? 4.665   -16.689 -6.054  0.80 27.94 ? 30  LEU A CD2 1 
ATOM   210  C CD2 B LEU A 1 30  ? 1.523   -16.227 -5.738  0.20 11.89 ? 30  LEU A CD2 1 
ATOM   211  N N   . PHE A 1 31  ? 3.908   -12.413 -7.808  1.00 16.97 ? 31  PHE A N   1 
ATOM   212  C CA  . PHE A 1 31  ? 3.445   -11.387 -8.746  1.00 18.99 ? 31  PHE A CA  1 
ATOM   213  C C   . PHE A 1 31  ? 3.978   -9.979  -8.469  1.00 17.32 ? 31  PHE A C   1 
ATOM   214  O O   . PHE A 1 31  ? 3.555   -9.033  -9.120  1.00 19.53 ? 31  PHE A O   1 
ATOM   215  C CB  . PHE A 1 31  ? 1.909   -11.374 -8.845  1.00 17.70 ? 31  PHE A CB  1 
ATOM   216  C CG  . PHE A 1 31  ? 1.356   -12.724 -9.109  1.00 17.18 ? 31  PHE A CG  1 
ATOM   217  C CD1 . PHE A 1 31  ? 1.675   -13.375 -10.292 1.00 21.27 ? 31  PHE A CD1 1 
ATOM   218  C CD2 . PHE A 1 31  ? 0.577   -13.364 -8.169  1.00 21.47 ? 31  PHE A CD2 1 
ATOM   219  C CE1 . PHE A 1 31  ? 1.247   -14.641 -10.526 1.00 20.11 ? 31  PHE A CE1 1 
ATOM   220  C CE2 . PHE A 1 31  ? 0.093   -14.633 -8.434  1.00 22.08 ? 31  PHE A CE2 1 
ATOM   221  C CZ  . PHE A 1 31  ? 0.456   -15.260 -9.603  1.00 20.72 ? 31  PHE A CZ  1 
ATOM   222  N N   . CYS A 1 32  ? 4.889   -9.836  -7.513  1.00 17.46 ? 32  CYS A N   1 
ATOM   223  C CA  . CYS A 1 32  ? 5.415   -8.509  -7.187  1.00 15.81 ? 32  CYS A CA  1 
ATOM   224  C C   . CYS A 1 32  ? 6.316   -8.041  -8.311  1.00 21.12 ? 32  CYS A C   1 
ATOM   225  O O   . CYS A 1 32  ? 7.184   -8.790  -8.792  1.00 24.16 ? 32  CYS A O   1 
ATOM   226  C CB  . CYS A 1 32  ? 6.106   -8.502  -5.854  1.00 17.30 ? 32  CYS A CB  1 
ATOM   227  S SG  . CYS A 1 32  ? 4.958   -8.690  -4.465  1.00 20.27 ? 32  CYS A SG  1 
ATOM   228  N N   . ASP A 1 33  ? 6.008   -6.860  -8.817  1.00 17.07 ? 33  ASP A N   1 
ATOM   229  C CA  . ASP A 1 33  ? 6.666   -6.306  -9.999  1.00 16.28 ? 33  ASP A CA  1 
ATOM   230  C C   . ASP A 1 33  ? 7.386   -4.984  -9.735  1.00 20.56 ? 33  ASP A C   1 
ATOM   231  O O   . ASP A 1 33  ? 7.777   -4.283  -10.679 1.00 19.74 ? 33  ASP A O   1 
ATOM   232  C CB  . ASP A 1 33  ? 5.685   -6.139  -11.155 1.00 18.65 ? 33  ASP A CB  1 
ATOM   233  C CG  . ASP A 1 33  ? 4.444   -5.333  -10.792 1.00 20.17 ? 33  ASP A CG  1 
ATOM   234  O OD1 . ASP A 1 33  ? 4.280   -4.964  -9.625  1.00 17.13 ? 33  ASP A OD1 1 
ATOM   235  O OD2 . ASP A 1 33  ? 3.605   -5.105  -11.685 1.00 21.86 ? 33  ASP A OD2 1 
ATOM   236  N N   . VAL A 1 34  ? 7.502   -4.647  -8.456  1.00 17.86 ? 34  VAL A N   1 
ATOM   237  C CA  . VAL A 1 34  ? 8.286   -3.483  -8.023  1.00 21.62 ? 34  VAL A CA  1 
ATOM   238  C C   . VAL A 1 34  ? 8.895   -3.782  -6.663  1.00 21.85 ? 34  VAL A C   1 
ATOM   239  O O   . VAL A 1 34  ? 8.305   -4.520  -5.833  1.00 18.15 ? 34  VAL A O   1 
ATOM   240  C CB  . VAL A 1 34  ? 7.439   -2.178  -8.006  1.00 17.38 ? 34  VAL A CB  1 
ATOM   241  C CG1 . VAL A 1 34  ? 6.340   -2.221  -6.944  1.00 15.90 ? 34  VAL A CG1 1 
ATOM   242  C CG2 . VAL A 1 34  ? 8.341   -0.920  -7.805  1.00 19.59 ? 34  VAL A CG2 1 
ATOM   243  N N   . THR A 1 35  ? 10.073  -3.192  -6.424  1.00 18.37 ? 35  THR A N   1 
ATOM   244  C CA  . THR A 1 35  ? 10.706  -3.194  -5.122  1.00 16.62 ? 35  THR A CA  1 
ATOM   245  C C   . THR A 1 35  ? 10.851  -1.734  -4.744  1.00 18.97 ? 35  THR A C   1 
ATOM   246  O O   . THR A 1 35  ? 11.313  -0.925  -5.581  1.00 18.02 ? 35  THR A O   1 
ATOM   247  C CB  . THR A 1 35  ? 12.088  -3.814  -5.160  1.00 19.24 ? 35  THR A CB  1 
ATOM   248  O OG1 . THR A 1 35  ? 11.996  -5.174  -5.645  1.00 21.18 ? 35  THR A OG1 1 
ATOM   249  C CG2 . THR A 1 35  ? 12.759  -3.765  -3.783  1.00 21.37 ? 35  THR A CG2 1 
ATOM   250  N N   . VAL A 1 36  ? 10.381  -1.416  -3.549  1.00 17.82 ? 36  VAL A N   1 
ATOM   251  C CA  . VAL A 1 36  ? 10.469  -0.051  -3.007  1.00 18.40 ? 36  VAL A CA  1 
ATOM   252  C C   . VAL A 1 36  ? 11.543  -0.090  -1.948  1.00 20.22 ? 36  VAL A C   1 
ATOM   253  O O   . VAL A 1 36  ? 11.449  -0.838  -0.971  1.00 18.64 ? 36  VAL A O   1 
ATOM   254  C CB  . VAL A 1 36  ? 9.140   0.466   -2.394  1.00 20.00 ? 36  VAL A CB  1 
ATOM   255  C CG1 . VAL A 1 36  ? 9.262   1.970   -1.925  1.00 19.74 ? 36  VAL A CG1 1 
ATOM   256  C CG2 . VAL A 1 36  ? 7.974   0.275   -3.378  1.00 16.79 ? 36  VAL A CG2 1 
ATOM   257  N N   . ILE A 1 37  ? 12.592  0.710   -2.169  1.00 18.72 ? 37  ILE A N   1 
ATOM   258  C CA  . ILE A 1 37  ? 13.705  0.789   -1.228  1.00 18.70 ? 37  ILE A CA  1 
ATOM   259  C C   . ILE A 1 37  ? 13.464  1.997   -0.310  1.00 18.13 ? 37  ILE A C   1 
ATOM   260  O O   . ILE A 1 37  ? 13.236  3.117   -0.782  1.00 18.20 ? 37  ILE A O   1 
ATOM   261  C CB  . ILE A 1 37  ? 15.046  0.964   -1.961  1.00 20.53 ? 37  ILE A CB  1 
ATOM   262  C CG1 . ILE A 1 37  ? 15.304  -0.234  -2.872  1.00 23.62 ? 37  ILE A CG1 1 
ATOM   263  C CG2 . ILE A 1 37  ? 16.195  1.116   -0.947  1.00 22.68 ? 37  ILE A CG2 1 
ATOM   264  C CD1 . ILE A 1 37  ? 16.473  -0.029  -3.825  1.00 28.24 ? 37  ILE A CD1 1 
ATOM   265  N N   . VAL A 1 38  ? 13.468  1.729   0.984   1.00 15.86 ? 38  VAL A N   1 
ATOM   266  C CA  . VAL A 1 38  ? 13.224  2.750   2.012   1.00 17.47 ? 38  VAL A CA  1 
ATOM   267  C C   . VAL A 1 38  ? 14.280  2.577   3.119   1.00 19.38 ? 38  VAL A C   1 
ATOM   268  O O   . VAL A 1 38  ? 14.332  1.546   3.780   1.00 18.09 ? 38  VAL A O   1 
ATOM   269  C CB  . VAL A 1 38  ? 11.770  2.677   2.589   1.00 17.35 ? 38  VAL A CB  1 
ATOM   270  C CG1 . VAL A 1 38  ? 11.589  3.831   3.573   1.00 18.11 ? 38  VAL A CG1 1 
ATOM   271  C CG2 . VAL A 1 38  ? 10.678  2.639   1.449   1.00 20.03 ? 38  VAL A CG2 1 
ATOM   272  N N   . GLU A 1 39  ? 15.177  3.563   3.248   1.00 19.53 ? 39  GLU A N   1 
ATOM   273  C CA  . GLU A 1 39  ? 16.353  3.436   4.095   1.00 21.15 ? 39  GLU A CA  1 
ATOM   274  C C   . GLU A 1 39  ? 17.074  2.140   3.767   1.00 21.61 ? 39  GLU A C   1 
ATOM   275  O O   . GLU A 1 39  ? 17.504  1.935   2.627   1.00 20.07 ? 39  GLU A O   1 
ATOM   276  C CB  . GLU A 1 39  ? 15.985  3.530   5.583   1.00 23.56 ? 39  GLU A CB  1 
ATOM   277  C CG  . GLU A 1 39  ? 15.233  4.785   5.911   1.00 25.70 ? 39  GLU A CG  1 
ATOM   278  C CD  . GLU A 1 39  ? 14.954  4.917   7.383   1.00 30.17 ? 39  GLU A CD  1 
ATOM   279  O OE1 . GLU A 1 39  ? 14.426  3.947   7.999   1.00 23.68 ? 39  GLU A OE1 1 
ATOM   280  O OE2 . GLU A 1 39  ? 15.248  6.019   7.894   1.00 38.40 ? 39  GLU A OE2 1 
ATOM   281  N N   . ASP A 1 40  ? 17.175  1.256   4.753   1.00 17.03 ? 40  ASP A N   1 
ATOM   282  C CA  . ASP A 1 40  ? 17.970  0.041   4.627   1.00 21.00 ? 40  ASP A CA  1 
ATOM   283  C C   . ASP A 1 40  ? 17.121  -1.209  4.351   1.00 22.62 ? 40  ASP A C   1 
ATOM   284  O O   . ASP A 1 40  ? 17.587  -2.341  4.599   1.00 20.82 ? 40  ASP A O   1 
ATOM   285  C CB  . ASP A 1 40  ? 18.792  -0.159  5.918   1.00 20.22 ? 40  ASP A CB  1 
ATOM   286  C CG  . ASP A 1 40  ? 17.910  -0.312  7.165   1.00 20.59 ? 40  ASP A CG  1 
ATOM   287  O OD1 . ASP A 1 40  ? 16.689  -0.046  7.106   1.00 25.78 ? 40  ASP A OD1 1 
ATOM   288  O OD2 . ASP A 1 40  ? 18.480  -0.678  8.202   1.00 35.22 ? 40  ASP A OD2 1 
ATOM   289  N N   . ARG A 1 41  ? 15.902  -1.005  3.852   1.00 17.84 ? 41  ARG A N   1 
ATOM   290  C CA  . ARG A 1 41  ? 14.946  -2.075  3.644   1.00 19.39 ? 41  ARG A CA  1 
ATOM   291  C C   . ARG A 1 41  ? 14.356  -2.039  2.246   1.00 23.30 ? 41  ARG A C   1 
ATOM   292  O O   . ARG A 1 41  ? 14.189  -0.976  1.652   1.00 23.40 ? 41  ARG A O   1 
ATOM   293  C CB  . ARG A 1 41  ? 13.827  -1.979  4.683   1.00 21.90 ? 41  ARG A CB  1 
ATOM   294  C CG  . ARG A 1 41  ? 14.351  -2.311  6.075   1.00 35.35 ? 41  ARG A CG  1 
ATOM   295  C CD  . ARG A 1 41  ? 13.300  -2.230  7.175   1.00 45.66 ? 41  ARG A CD  1 
ATOM   296  N NE  . ARG A 1 41  ? 12.163  -3.117  6.943   1.00 29.85 ? 41  ARG A NE  1 
ATOM   297  C CZ  . ARG A 1 41  ? 11.083  -3.180  7.735   1.00 35.45 ? 41  ARG A CZ  1 
ATOM   298  N NH1 . ARG A 1 41  ? 10.973  -2.402  8.822   1.00 28.07 ? 41  ARG A NH1 1 
ATOM   299  N NH2 . ARG A 1 41  ? 10.095  -4.013  7.434   1.00 31.80 ? 41  ARG A NH2 1 
ATOM   300  N N   . LYS A 1 42  ? 14.048  -3.226  1.736   1.00 18.62 ? 42  LYS A N   1 
ATOM   301  C CA  . LYS A 1 42  ? 13.465  -3.401  0.430   1.00 18.52 ? 42  LYS A CA  1 
ATOM   302  C C   . LYS A 1 42  ? 12.087  -4.013  0.656   1.00 21.15 ? 42  LYS A C   1 
ATOM   303  O O   . LYS A 1 42  ? 11.917  -4.931  1.472   1.00 25.17 ? 42  LYS A O   1 
ATOM   304  C CB  . LYS A 1 42  ? 14.304  -4.309  -0.462  1.00 22.09 ? 42  LYS A CB  1 
ATOM   305  C CG  . LYS A 1 42  ? 15.690  -3.734  -0.759  1.00 31.87 ? 42  LYS A CG  1 
ATOM   306  C CD  . LYS A 1 42  ? 16.469  -4.492  -1.839  1.00 42.09 ? 42  LYS A CD  1 
ATOM   307  C CE  . LYS A 1 42  ? 17.860  -3.882  -2.025  1.00 44.72 ? 42  LYS A CE  1 
ATOM   308  N NZ  . LYS A 1 42  ? 18.547  -4.377  -3.251  1.00 59.44 ? 42  LYS A NZ  1 
ATOM   309  N N   . PHE A 1 43  ? 11.090  -3.454  -0.001  1.00 16.32 ? 43  PHE A N   1 
ATOM   310  C CA  . PHE A 1 43  ? 9.721   -3.974  0.107   1.00 18.08 ? 43  PHE A CA  1 
ATOM   311  C C   . PHE A 1 43  ? 9.296   -4.395  -1.294  1.00 18.70 ? 43  PHE A C   1 
ATOM   312  O O   . PHE A 1 43  ? 9.240   -3.571  -2.229  1.00 21.79 ? 43  PHE A O   1 
ATOM   313  C CB  . PHE A 1 43  ? 8.779   -2.877  0.632   1.00 18.18 ? 43  PHE A CB  1 
ATOM   314  C CG  . PHE A 1 43  ? 9.104   -2.417  2.035   1.00 20.23 ? 43  PHE A CG  1 
ATOM   315  C CD1 . PHE A 1 43  ? 8.452   -2.977  3.153   1.00 19.54 ? 43  PHE A CD1 1 
ATOM   316  C CD2 . PHE A 1 43  ? 10.012  -1.402  2.251   1.00 16.58 ? 43  PHE A CD2 1 
ATOM   317  C CE1 . PHE A 1 43  ? 8.724   -2.535  4.434   1.00 23.17 ? 43  PHE A CE1 1 
ATOM   318  C CE2 . PHE A 1 43  ? 10.330  -0.991  3.542   1.00 16.02 ? 43  PHE A CE2 1 
ATOM   319  C CZ  . PHE A 1 43  ? 9.674   -1.535  4.632   1.00 24.76 ? 43  PHE A CZ  1 
ATOM   320  N N   . ARG A 1 44  ? 8.886   -5.650  -1.430  1.00 17.09 ? 44  ARG A N   1 
ATOM   321  C CA  . ARG A 1 44  ? 8.290   -6.098  -2.670  1.00 16.07 ? 44  ARG A CA  1 
ATOM   322  C C   . ARG A 1 44  ? 6.785   -5.800  -2.626  1.00 17.27 ? 44  ARG A C   1 
ATOM   323  O O   . ARG A 1 44  ? 6.151   -5.915  -1.581  1.00 19.37 ? 44  ARG A O   1 
ATOM   324  C CB  . ARG A 1 44  ? 8.538   -7.594  -2.907  1.00 19.06 ? 44  ARG A CB  1 
ATOM   325  C CG  . ARG A 1 44  ? 10.015  -7.888  -3.150  1.00 17.11 ? 44  ARG A CG  1 
ATOM   326  C CD  . ARG A 1 44  ? 10.242  -9.312  -3.606  1.00 27.06 ? 44  ARG A CD  1 
ATOM   327  N NE  . ARG A 1 44  ? 9.657   -9.524  -4.929  1.00 51.08 ? 44  ARG A NE  1 
ATOM   328  C CZ  . ARG A 1 44  ? 9.722   -10.670 -5.618  1.00 37.05 ? 44  ARG A CZ  1 
ATOM   329  N NH1 . ARG A 1 44  ? 10.376  -11.730 -5.139  1.00 51.31 ? 44  ARG A NH1 1 
ATOM   330  N NH2 . ARG A 1 44  ? 9.140   -10.745 -6.800  1.00 29.45 ? 44  ARG A NH2 1 
ATOM   331  N N   . ALA A 1 45  ? 6.255   -5.370  -3.754  1.00 16.58 ? 45  ALA A N   1 
ATOM   332  C CA  . ALA A 1 45  ? 4.834   -4.993  -3.850  1.00 18.03 ? 45  ALA A CA  1 
ATOM   333  C C   . ALA A 1 45  ? 4.326   -5.104  -5.275  1.00 18.72 ? 45  ALA A C   1 
ATOM   334  O O   . ALA A 1 45  ? 5.075   -5.414  -6.225  1.00 16.48 ? 45  ALA A O   1 
ATOM   335  C CB  . ALA A 1 45  ? 4.584   -3.571  -3.255  1.00 16.49 ? 45  ALA A CB  1 
ATOM   336  N N   . HIS A 1 46  ? 3.035   -4.870  -5.417  1.00 15.60 ? 46  HIS A N   1 
ATOM   337  C CA  . HIS A 1 46  ? 2.372   -4.921  -6.714  1.00 15.74 ? 46  HIS A CA  1 
ATOM   338  C C   . HIS A 1 46  ? 2.060   -3.509  -7.197  1.00 17.57 ? 46  HIS A C   1 
ATOM   339  O O   . HIS A 1 46  ? 1.356   -2.721  -6.510  1.00 19.08 ? 46  HIS A O   1 
ATOM   340  C CB  . HIS A 1 46  ? 1.046   -5.671  -6.607  1.00 16.99 ? 46  HIS A CB  1 
ATOM   341  C CG  . HIS A 1 46  ? 1.153   -7.011  -5.999  1.00 17.65 ? 46  HIS A CG  1 
ATOM   342  N ND1 . HIS A 1 46  ? 0.862   -7.232  -4.672  1.00 15.92 ? 46  HIS A ND1 1 
ATOM   343  C CD2 . HIS A 1 46  ? 1.482   -8.216  -6.524  1.00 17.57 ? 46  HIS A CD2 1 
ATOM   344  C CE1 . HIS A 1 46  ? 0.986   -8.519  -4.414  1.00 16.12 ? 46  HIS A CE1 1 
ATOM   345  N NE2 . HIS A 1 46  ? 1.361   -9.141  -5.519  1.00 18.62 ? 46  HIS A NE2 1 
ATOM   346  N N   . LYS A 1 47  ? 2.519   -3.185  -8.417  1.00 17.19 ? 47  LYS A N   1 
ATOM   347  C CA  . LYS A 1 47  ? 2.299   -1.858  -8.945  1.00 16.81 ? 47  LYS A CA  1 
ATOM   348  C C   . LYS A 1 47  ? 0.837   -1.498  -9.071  1.00 19.77 ? 47  LYS A C   1 
ATOM   349  O O   . LYS A 1 47  ? 0.442   -0.346  -8.829  1.00 18.28 ? 47  LYS A O   1 
ATOM   350  C CB  . LYS A 1 47  ? 2.945   -1.693  -10.310 1.00 18.19 ? 47  LYS A CB  1 
ATOM   351  C CG  . LYS A 1 47  ? 4.459   -1.586  -10.291 1.00 19.94 ? 47  LYS A CG  1 
ATOM   352  C CD  . LYS A 1 47  ? 4.961   -1.304  -11.684 1.00 18.92 ? 47  LYS A CD  1 
ATOM   353  C CE  . LYS A 1 47  ? 6.512   -1.195  -11.780 1.00 22.63 ? 47  LYS A CE  1 
ATOM   354  N NZ  . LYS A 1 47  ? 6.925   -0.916  -13.214 1.00 19.70 ? 47  LYS A NZ  1 
ATOM   355  N N   . ASN A 1 48  ? 0.015   -2.462  -9.489  1.00 16.52 ? 48  ASN A N   1 
ATOM   356  C CA  . ASN A 1 48  ? -1.401  -2.145  -9.663  1.00 15.93 ? 48  ASN A CA  1 
ATOM   357  C C   . ASN A 1 48  ? -2.046  -1.668  -8.364  1.00 19.83 ? 48  ASN A C   1 
ATOM   358  O O   . ASN A 1 48  ? -2.816  -0.709  -8.367  1.00 19.17 ? 48  ASN A O   1 
ATOM   359  C CB  . ASN A 1 48  ? -2.205  -3.248  -10.379 1.00 15.26 ? 48  ASN A CB  1 
ATOM   360  C CG  . ASN A 1 48  ? -2.260  -4.597  -9.624  1.00 13.91 ? 48  ASN A CG  1 
ATOM   361  O OD1 . ASN A 1 48  ? -1.528  -4.871  -8.664  1.00 16.80 ? 48  ASN A OD1 1 
ATOM   362  N ND2 . ASN A 1 48  ? -3.147  -5.475  -10.121 1.00 15.81 ? 48  ASN A ND2 1 
ATOM   363  N N   . ILE A 1 49  ? -1.699  -2.325  -7.245  1.00 16.84 ? 49  ILE A N   1 
ATOM   364  C CA  . ILE A 1 49  ? -2.271  -1.988  -5.926  1.00 17.23 ? 49  ILE A CA  1 
ATOM   365  C C   . ILE A 1 49  ? -1.746  -0.652  -5.448  1.00 19.22 ? 49  ILE A C   1 
ATOM   366  O O   . ILE A 1 49  ? -2.510  0.216   -5.014  1.00 20.22 ? 49  ILE A O   1 
ATOM   367  C CB  . ILE A 1 49  ? -1.980  -3.103  -4.889  1.00 16.45 ? 49  ILE A CB  1 
ATOM   368  C CG1 . ILE A 1 49  ? -2.487  -4.512  -5.335  1.00 22.27 ? 49  ILE A CG1 1 
ATOM   369  C CG2 . ILE A 1 49  ? -2.531  -2.762  -3.498  1.00 17.32 ? 49  ILE A CG2 1 
ATOM   370  C CD1 . ILE A 1 49  ? -3.926  -4.581  -5.769  1.00 21.14 ? 49  ILE A CD1 1 
ATOM   371  N N   . LEU A 1 50  ? -0.442  -0.453  -5.578  1.00 17.34 ? 50  LEU A N   1 
ATOM   372  C CA  . LEU A 1 50  ? 0.194   0.794   -5.141  1.00 17.57 ? 50  LEU A CA  1 
ATOM   373  C C   . LEU A 1 50  ? -0.342  1.975   -5.959  1.00 18.15 ? 50  LEU A C   1 
ATOM   374  O O   . LEU A 1 50  ? -0.644  3.019   -5.405  1.00 17.59 ? 50  LEU A O   1 
ATOM   375  C CB  A LEU A 1 50  ? 1.719   0.703   -5.308  0.50 19.14 ? 50  LEU A CB  1 
ATOM   376  C CB  B LEU A 1 50  ? 1.743   0.669   -5.168  0.50 19.41 ? 50  LEU A CB  1 
ATOM   377  C CG  A LEU A 1 50  ? 2.526   -0.217  -4.384  0.50 17.46 ? 50  LEU A CG  1 
ATOM   378  C CG  B LEU A 1 50  ? 2.379   0.192   -3.832  0.50 16.78 ? 50  LEU A CG  1 
ATOM   379  C CD1 A LEU A 1 50  ? 4.050   -0.103  -4.723  0.50 11.66 ? 50  LEU A CD1 1 
ATOM   380  C CD1 B LEU A 1 50  ? 1.755   -1.129  -3.322  0.50 16.25 ? 50  LEU A CD1 1 
ATOM   381  C CD2 A LEU A 1 50  ? 2.239   0.077   -2.892  0.50 21.53 ? 50  LEU A CD2 1 
ATOM   382  C CD2 B LEU A 1 50  ? 3.920   0.047   -3.843  0.50 14.56 ? 50  LEU A CD2 1 
ATOM   383  N N   . SER A 1 51  ? -0.476  1.808   -7.278  1.00 18.22 ? 51  SER A N   1 
ATOM   384  C CA  . SER A 1 51  ? -1.022  2.837   -8.153  1.00 14.33 ? 51  SER A CA  1 
ATOM   385  C C   . SER A 1 51  ? -2.454  3.231   -7.813  1.00 20.42 ? 51  SER A C   1 
ATOM   386  O O   . SER A 1 51  ? -2.807  4.399   -7.804  1.00 18.46 ? 51  SER A O   1 
ATOM   387  C CB  . SER A 1 51  ? -0.942  2.430   -9.636  1.00 19.17 ? 51  SER A CB  1 
ATOM   388  O OG  . SER A 1 51  ? -1.423  3.476   -10.506 1.00 19.06 ? 51  SER A OG  1 
ATOM   389  N N   . ALA A 1 52  ? -3.243  2.231   -7.449  1.00 19.27 ? 52  ALA A N   1 
ATOM   390  C CA  . ALA A 1 52  ? -4.643  2.426   -7.101  1.00 19.70 ? 52  ALA A CA  1 
ATOM   391  C C   . ALA A 1 52  ? -4.780  3.197   -5.805  1.00 22.18 ? 52  ALA A C   1 
ATOM   392  O O   . ALA A 1 52  ? -5.697  4.007   -5.634  1.00 23.52 ? 52  ALA A O   1 
ATOM   393  C CB  . ALA A 1 52  ? -5.335  1.038   -6.968  1.00 19.54 ? 52  ALA A CB  1 
ATOM   394  N N   . SER A 1 53  ? -3.856  2.961   -4.889  1.00 17.01 ? 53  SER A N   1 
ATOM   395  C CA  . SER A 1 53  ? -4.032  3.423   -3.512  1.00 18.53 ? 53  SER A CA  1 
ATOM   396  C C   . SER A 1 53  ? -3.219  4.628   -3.071  1.00 19.43 ? 53  SER A C   1 
ATOM   397  O O   . SER A 1 53  ? -3.448  5.178   -1.987  1.00 20.35 ? 53  SER A O   1 
ATOM   398  C CB  A SER A 1 53  ? -3.797  2.255   -2.561  0.80 21.86 ? 53  SER A CB  1 
ATOM   399  C CB  B SER A 1 53  ? -3.869  2.241   -2.573  0.20 17.96 ? 53  SER A CB  1 
ATOM   400  O OG  A SER A 1 53  ? -2.433  1.867   -2.553  0.80 31.26 ? 53  SER A OG  1 
ATOM   401  O OG  B SER A 1 53  ? -4.845  1.271   -2.914  0.20 2.14  ? 53  SER A OG  1 
ATOM   402  N N   . SER A 1 54  ? -2.297  5.060   -3.929  1.00 18.34 ? 54  SER A N   1 
ATOM   403  C CA  . SER A 1 54  ? -1.376  6.147   -3.655  1.00 18.07 ? 54  SER A CA  1 
ATOM   404  C C   . SER A 1 54  ? -1.286  7.066   -4.882  1.00 16.30 ? 54  SER A C   1 
ATOM   405  O O   . SER A 1 54  ? -0.879  6.614   -5.967  1.00 17.66 ? 54  SER A O   1 
ATOM   406  C CB  . SER A 1 54  ? 0.002   5.563   -3.331  1.00 18.32 ? 54  SER A CB  1 
ATOM   407  O OG  . SER A 1 54  ? 1.043   6.550   -3.440  1.00 18.30 ? 54  SER A OG  1 
ATOM   408  N N   . THR A 1 55  ? -1.596  8.334   -4.696  1.00 17.39 ? 55  THR A N   1 
ATOM   409  C CA  . THR A 1 55  ? -1.507  9.287   -5.802  1.00 20.22 ? 55  THR A CA  1 
ATOM   410  C C   . THR A 1 55  ? -0.027  9.433   -6.251  1.00 21.77 ? 55  THR A C   1 
ATOM   411  O O   . THR A 1 55  ? 0.237   9.596   -7.451  1.00 18.27 ? 55  THR A O   1 
ATOM   412  C CB  . THR A 1 55  ? -2.172  10.638  -5.456  1.00 20.39 ? 55  THR A CB  1 
ATOM   413  O OG1 . THR A 1 55  ? -1.395  11.312  -4.493  1.00 25.66 ? 55  THR A OG1 1 
ATOM   414  C CG2 . THR A 1 55  ? -3.578  10.461  -4.923  1.00 24.71 ? 55  THR A CG2 1 
ATOM   415  N N   . TYR A 1 56  ? 0.919   9.350   -5.295  1.00 17.05 ? 56  TYR A N   1 
ATOM   416  C CA  . TYR A 1 56  ? 2.343   9.423   -5.617  1.00 16.53 ? 56  TYR A CA  1 
ATOM   417  C C   . TYR A 1 56  ? 2.755   8.246   -6.513  1.00 16.93 ? 56  TYR A C   1 
ATOM   418  O O   . TYR A 1 56  ? 3.335   8.450   -7.586  1.00 18.75 ? 56  TYR A O   1 
ATOM   419  C CB  . TYR A 1 56  ? 3.240   9.452   -4.382  1.00 15.85 ? 56  TYR A CB  1 
ATOM   420  C CG  . TYR A 1 56  ? 4.670   9.728   -4.751  1.00 18.43 ? 56  TYR A CG  1 
ATOM   421  C CD1 . TYR A 1 56  ? 5.033   11.016  -5.075  1.00 22.97 ? 56  TYR A CD1 1 
ATOM   422  C CD2 . TYR A 1 56  ? 5.635   8.726   -4.787  1.00 25.05 ? 56  TYR A CD2 1 
ATOM   423  C CE1 . TYR A 1 56  ? 6.306   11.332  -5.432  1.00 29.72 ? 56  TYR A CE1 1 
ATOM   424  C CE2 . TYR A 1 56  ? 6.938   9.048   -5.154  1.00 25.30 ? 56  TYR A CE2 1 
ATOM   425  C CZ  . TYR A 1 56  ? 7.251   10.348  -5.474  1.00 26.30 ? 56  TYR A CZ  1 
ATOM   426  O OH  . TYR A 1 56  ? 8.530   10.748  -5.830  1.00 33.16 ? 56  TYR A OH  1 
ATOM   427  N N   . PHE A 1 57  ? 2.417   7.039   -6.083  1.00 19.37 ? 57  PHE A N   1 
ATOM   428  C CA  . PHE A 1 57  ? 2.744   5.859   -6.881  1.00 15.82 ? 57  PHE A CA  1 
ATOM   429  C C   . PHE A 1 57  ? 1.996   5.836   -8.217  1.00 19.44 ? 57  PHE A C   1 
ATOM   430  O O   . PHE A 1 57  ? 2.540   5.352   -9.191  1.00 18.99 ? 57  PHE A O   1 
ATOM   431  C CB  . PHE A 1 57  ? 2.501   4.582   -6.124  1.00 19.26 ? 57  PHE A CB  1 
ATOM   432  C CG  . PHE A 1 57  ? 3.508   4.298   -5.039  1.00 17.62 ? 57  PHE A CG  1 
ATOM   433  C CD1 . PHE A 1 57  ? 4.877   4.283   -5.294  1.00 22.61 ? 57  PHE A CD1 1 
ATOM   434  C CD2 . PHE A 1 57  ? 3.065   3.934   -3.791  1.00 19.06 ? 57  PHE A CD2 1 
ATOM   435  C CE1 . PHE A 1 57  ? 5.796   3.967   -4.291  1.00 25.65 ? 57  PHE A CE1 1 
ATOM   436  C CE2 . PHE A 1 57  ? 3.955   3.630   -2.779  1.00 18.89 ? 57  PHE A CE2 1 
ATOM   437  C CZ  . PHE A 1 57  ? 5.332   3.654   -3.025  1.00 24.59 ? 57  PHE A CZ  1 
ATOM   438  N N   . HIS A 1 58  ? 0.762   6.364   -8.240  1.00 17.95 ? 58  HIS A N   1 
ATOM   439  C CA  . HIS A 1 58  ? -0.003  6.452   -9.495  1.00 19.59 ? 58  HIS A CA  1 
ATOM   440  C C   . HIS A 1 58  ? 0.784   7.265   -10.514 1.00 18.52 ? 58  HIS A C   1 
ATOM   441  O O   . HIS A 1 58  ? 0.956   6.842   -11.656 1.00 19.25 ? 58  HIS A O   1 
ATOM   442  C CB  . HIS A 1 58  ? -1.381  7.082   -9.251  1.00 19.23 ? 58  HIS A CB  1 
ATOM   443  C CG  . HIS A 1 58  ? -2.171  7.286   -10.507 1.00 27.73 ? 58  HIS A CG  1 
ATOM   444  N ND1 . HIS A 1 58  ? -2.939  6.292   -11.079 1.00 41.54 ? 58  HIS A ND1 1 
ATOM   445  C CD2 . HIS A 1 58  ? -2.274  8.358   -11.326 1.00 28.22 ? 58  HIS A CD2 1 
ATOM   446  C CE1 . HIS A 1 58  ? -3.496  6.753   -12.184 1.00 30.06 ? 58  HIS A CE1 1 
ATOM   447  N NE2 . HIS A 1 58  ? -3.115  8.003   -12.355 1.00 36.10 ? 58  HIS A NE2 1 
ATOM   448  N N   . GLN A 1 59  ? 1.286   8.441   -10.097 1.00 18.88 ? 59  GLN A N   1 
ATOM   449  C CA  . GLN A 1 59  ? 2.172   9.244   -10.947 1.00 21.80 ? 59  GLN A CA  1 
ATOM   450  C C   . GLN A 1 59  ? 3.461   8.501   -11.309 1.00 19.14 ? 59  GLN A C   1 
ATOM   451  O O   . GLN A 1 59  ? 3.878   8.512   -12.489 1.00 19.79 ? 59  GLN A O   1 
ATOM   452  C CB  . GLN A 1 59  ? 2.510   10.589  -10.243 1.00 22.05 ? 59  GLN A CB  1 
ATOM   453  C CG  . GLN A 1 59  ? 3.506   11.501  -11.024 1.00 27.81 ? 59  GLN A CG  1 
ATOM   454  N N   . LEU A 1 60  ? 4.119   7.912   -10.300 1.00 19.12 ? 60  LEU A N   1 
ATOM   455  C CA  . LEU A 1 60  ? 5.428   7.292   -10.503 1.00 17.87 ? 60  LEU A CA  1 
ATOM   456  C C   . LEU A 1 60  ? 5.367   6.129   -11.526 1.00 19.68 ? 60  LEU A C   1 
ATOM   457  O O   . LEU A 1 60  ? 6.214   6.030   -12.391 1.00 20.07 ? 60  LEU A O   1 
ATOM   458  C CB  . LEU A 1 60  ? 5.993   6.793   -9.187  1.00 20.74 ? 60  LEU A CB  1 
ATOM   459  C CG  . LEU A 1 60  ? 7.456   6.429   -9.071  1.00 28.67 ? 60  LEU A CG  1 
ATOM   460  C CD1 . LEU A 1 60  ? 8.338   7.645   -9.453  1.00 27.58 ? 60  LEU A CD1 1 
ATOM   461  C CD2 . LEU A 1 60  ? 7.730   6.001   -7.633  1.00 22.47 ? 60  LEU A CD2 1 
ATOM   462  N N   . PHE A 1 61  ? 4.348   5.275   -11.419 1.00 19.75 ? 61  PHE A N   1 
ATOM   463  C CA  . PHE A 1 61  ? 4.299   4.048   -12.224 1.00 20.81 ? 61  PHE A CA  1 
ATOM   464  C C   . PHE A 1 61  ? 3.738   4.237   -13.628 1.00 28.68 ? 61  PHE A C   1 
ATOM   465  O O   . PHE A 1 61  ? 3.531   3.257   -14.377 1.00 27.20 ? 61  PHE A O   1 
ATOM   466  C CB  . PHE A 1 61  ? 3.564   2.941   -11.482 1.00 19.74 ? 61  PHE A CB  1 
ATOM   467  C CG  . PHE A 1 61  ? 4.216   2.526   -10.217 1.00 21.54 ? 61  PHE A CG  1 
ATOM   468  C CD1 . PHE A 1 61  ? 5.616   2.508   -10.081 1.00 23.27 ? 61  PHE A CD1 1 
ATOM   469  C CD2 . PHE A 1 61  ? 3.444   2.102   -9.146  1.00 24.87 ? 61  PHE A CD2 1 
ATOM   470  C CE1 . PHE A 1 61  ? 6.222   2.119   -8.895  1.00 22.81 ? 61  PHE A CE1 1 
ATOM   471  C CE2 . PHE A 1 61  ? 4.058   1.699   -7.976  1.00 25.18 ? 61  PHE A CE2 1 
ATOM   472  C CZ  . PHE A 1 61  ? 5.441   1.710   -7.841  1.00 24.64 ? 61  PHE A CZ  1 
ATOM   473  N N   . SER A 1 62  ? 3.518   5.487   -14.014 1.00 25.85 ? 62  SER A N   1 
ATOM   474  C CA  . SER A 1 62  ? 3.314   5.808   -15.418 1.00 30.94 ? 62  SER A CA  1 
ATOM   475  C C   . SER A 1 62  ? 4.636   5.737   -16.209 1.00 33.94 ? 62  SER A C   1 
ATOM   476  O O   . SER A 1 62  ? 4.620   5.531   -17.424 1.00 38.63 ? 62  SER A O   1 
ATOM   477  C CB  . SER A 1 62  ? 2.661   7.180   -15.571 1.00 34.02 ? 62  SER A CB  1 
ATOM   478  O OG  . SER A 1 62  ? 3.570   8.200   -15.205 1.00 27.89 ? 62  SER A OG  1 
ATOM   479  N N   . VAL A 1 63  ? 5.766   5.920   -15.529 1.00 32.00 ? 63  VAL A N   1 
ATOM   480  C CA  . VAL A 1 63  ? 7.079   5.656   -16.111 1.00 38.89 ? 63  VAL A CA  1 
ATOM   481  C C   . VAL A 1 63  ? 7.490   4.196   -15.845 1.00 44.41 ? 63  VAL A C   1 
ATOM   482  O O   . VAL A 1 63  ? 7.268   3.669   -14.749 1.00 42.11 ? 63  VAL A O   1 
ATOM   483  C CB  . VAL A 1 63  ? 8.116   6.599   -15.509 1.00 33.23 ? 63  VAL A CB  1 
ATOM   484  C CG1 . VAL A 1 63  ? 9.537   6.223   -15.951 1.00 41.36 ? 63  VAL A CG1 1 
ATOM   485  C CG2 . VAL A 1 63  ? 7.775   8.018   -15.905 1.00 40.62 ? 63  VAL A CG2 1 
ATOM   486  N N   . ALA A 1 64  ? 8.082   3.543   -16.847 1.00 44.07 ? 64  ALA A N   1 
ATOM   487  C CA  . ALA A 1 64  ? 8.691   2.222   -16.657 1.00 43.68 ? 64  ALA A CA  1 
ATOM   488  C C   . ALA A 1 64  ? 9.665   2.260   -15.466 1.00 45.77 ? 64  ALA A C   1 
ATOM   489  O O   . ALA A 1 64  ? 10.214  3.319   -15.139 1.00 55.64 ? 64  ALA A O   1 
ATOM   490  C CB  . ALA A 1 64  ? 9.425   1.783   -17.940 1.00 41.89 ? 64  ALA A CB  1 
ATOM   491  N N   . GLY A 1 65  ? 9.875   1.116   -14.817 1.00 40.27 ? 65  GLY A N   1 
ATOM   492  C CA  . GLY A 1 65  ? 10.924  0.977   -13.787 1.00 30.18 ? 65  GLY A CA  1 
ATOM   493  C C   . GLY A 1 65  ? 10.520  -0.072  -12.769 1.00 27.22 ? 65  GLY A C   1 
ATOM   494  O O   . GLY A 1 65  ? 9.372   -0.102  -12.383 1.00 31.98 ? 65  GLY A O   1 
ATOM   495  N N   . GLN A 1 66  ? 11.447  -0.926  -12.339 1.00 25.99 ? 66  GLN A N   1 
ATOM   496  C CA  . GLN A 1 66  ? 11.122  -2.006  -11.377 1.00 30.91 ? 66  GLN A CA  1 
ATOM   497  C C   . GLN A 1 66  ? 11.620  -1.750  -9.955  1.00 25.05 ? 66  GLN A C   1 
ATOM   498  O O   . GLN A 1 66  ? 11.286  -2.502  -9.034  1.00 20.26 ? 66  GLN A O   1 
ATOM   499  C CB  . GLN A 1 66  ? 11.657  -3.341  -11.874 1.00 32.21 ? 66  GLN A CB  1 
ATOM   500  C CG  . GLN A 1 66  ? 10.921  -3.836  -13.127 1.00 53.00 ? 66  GLN A CG  1 
ATOM   501  C CD  . GLN A 1 66  ? 11.792  -4.674  -14.035 1.00 68.01 ? 66  GLN A CD  1 
ATOM   502  O OE1 . GLN A 1 66  ? 13.011  -4.758  -13.857 1.00 79.96 ? 66  GLN A OE1 1 
ATOM   503  N NE2 . GLN A 1 66  ? 11.170  -5.300  -15.028 1.00 85.00 ? 66  GLN A NE2 1 
ATOM   504  N N   . VAL A 1 67  ? 12.441  -0.708  -9.778  1.00 22.42 ? 67  VAL A N   1 
ATOM   505  C CA  . VAL A 1 67  ? 12.913  -0.344  -8.434  1.00 20.70 ? 67  VAL A CA  1 
ATOM   506  C C   . VAL A 1 67  ? 12.696  1.133   -8.231  1.00 19.10 ? 67  VAL A C   1 
ATOM   507  O O   . VAL A 1 67  ? 13.068  1.962   -9.107  1.00 23.43 ? 67  VAL A O   1 
ATOM   508  C CB  . VAL A 1 67  ? 14.408  -0.680  -8.259  1.00 22.90 ? 67  VAL A CB  1 
ATOM   509  C CG1 . VAL A 1 67  ? 14.865  -0.305  -6.846  1.00 24.67 ? 67  VAL A CG1 1 
ATOM   510  C CG2 . VAL A 1 67  ? 14.651  -2.168  -8.557  1.00 22.31 ? 67  VAL A CG2 1 
ATOM   511  N N   . VAL A 1 68  ? 12.085  1.473   -7.112  1.00 17.63 ? 68  VAL A N   1 
ATOM   512  C CA  . VAL A 1 68  ? 11.863  2.874   -6.780  1.00 19.45 ? 68  VAL A CA  1 
ATOM   513  C C   . VAL A 1 68  ? 12.422  3.121   -5.391  1.00 21.75 ? 68  VAL A C   1 
ATOM   514  O O   . VAL A 1 68  ? 12.468  2.232   -4.526  1.00 21.53 ? 68  VAL A O   1 
ATOM   515  C CB  . VAL A 1 68  ? 10.378  3.299   -6.940  1.00 24.70 ? 68  VAL A CB  1 
ATOM   516  C CG1 . VAL A 1 68  ? 9.934   3.156   -8.438  1.00 30.62 ? 68  VAL A CG1 1 
ATOM   517  C CG2 . VAL A 1 68  ? 9.537   2.530   -6.068  1.00 24.75 ? 68  VAL A CG2 1 
ATOM   518  N N   . GLU A 1 69  ? 12.918  4.330   -5.184  1.00 19.06 ? 69  GLU A N   1 
ATOM   519  C CA  A GLU A 1 69  ? 13.535  4.680   -3.897  0.50 21.50 ? 69  GLU A CA  1 
ATOM   520  C CA  B GLU A 1 69  ? 13.542  4.688   -3.909  0.50 20.65 ? 69  GLU A CA  1 
ATOM   521  C C   . GLU A 1 69  ? 12.764  5.840   -3.277  1.00 25.46 ? 69  GLU A C   1 
ATOM   522  O O   . GLU A 1 69  ? 12.507  6.837   -3.947  1.00 25.09 ? 69  GLU A O   1 
ATOM   523  C CB  A GLU A 1 69  ? 15.001  5.060   -4.076  0.50 22.87 ? 69  GLU A CB  1 
ATOM   524  C CB  B GLU A 1 69  ? 14.985  5.110   -4.125  0.50 21.72 ? 69  GLU A CB  1 
ATOM   525  C CG  A GLU A 1 69  ? 15.655  5.683   -2.843  0.50 31.13 ? 69  GLU A CG  1 
ATOM   526  C CG  B GLU A 1 69  ? 15.849  4.062   -4.810  0.50 24.30 ? 69  GLU A CG  1 
ATOM   527  C CD  A GLU A 1 69  ? 16.051  4.673   -1.798  0.50 40.22 ? 69  GLU A CD  1 
ATOM   528  C CD  B GLU A 1 69  ? 17.171  3.921   -4.139  0.50 38.91 ? 69  GLU A CD  1 
ATOM   529  O OE1 A GLU A 1 69  ? 16.716  3.691   -2.174  0.50 54.79 ? 69  GLU A OE1 1 
ATOM   530  O OE1 B GLU A 1 69  ? 17.328  4.543   -3.069  0.50 23.42 ? 69  GLU A OE1 1 
ATOM   531  O OE2 A GLU A 1 69  ? 15.724  4.871   -0.603  0.50 22.17 ? 69  GLU A OE2 1 
ATOM   532  O OE2 B GLU A 1 69  ? 18.045  3.205   -4.682  0.50 41.84 ? 69  GLU A OE2 1 
ATOM   533  N N   . LEU A 1 70  ? 12.396  5.700   -2.003  1.00 18.18 ? 70  LEU A N   1 
ATOM   534  C CA  . LEU A 1 70  ? 11.691  6.757   -1.304  1.00 19.39 ? 70  LEU A CA  1 
ATOM   535  C C   . LEU A 1 70  ? 12.639  7.382   -0.292  1.00 19.25 ? 70  LEU A C   1 
ATOM   536  O O   . LEU A 1 70  ? 13.330  6.684   0.438   1.00 21.00 ? 70  LEU A O   1 
ATOM   537  C CB  . LEU A 1 70  ? 10.448  6.238   -0.566  1.00 18.00 ? 70  LEU A CB  1 
ATOM   538  C CG  . LEU A 1 70  ? 9.300   5.637   -1.383  1.00 20.24 ? 70  LEU A CG  1 
ATOM   539  C CD1 . LEU A 1 70  ? 8.170   5.281   -0.415  1.00 21.41 ? 70  LEU A CD1 1 
ATOM   540  C CD2 . LEU A 1 70  ? 8.867   6.611   -2.474  1.00 21.36 ? 70  LEU A CD2 1 
ATOM   541  N N   . SER A 1 71  ? 12.674  8.711   -0.268  1.00 14.42 ? 71  SER A N   1 
ATOM   542  C CA  . SER A 1 71  ? 13.349  9.467   0.771   1.00 16.88 ? 71  SER A CA  1 
ATOM   543  C C   . SER A 1 71  ? 12.330  10.048  1.741   1.00 15.44 ? 71  SER A C   1 
ATOM   544  O O   . SER A 1 71  ? 11.138  10.083  1.425   1.00 15.85 ? 71  SER A O   1 
ATOM   545  C CB  . SER A 1 71  ? 14.178  10.591  0.134   1.00 15.06 ? 71  SER A CB  1 
ATOM   546  O OG  . SER A 1 71  ? 13.371  11.444  -0.671  1.00 16.47 ? 71  SER A OG  1 
ATOM   547  N N   . PHE A 1 72  ? 12.804  10.425  2.932   1.00 15.06 ? 72  PHE A N   1 
ATOM   548  C CA  . PHE A 1 72  ? 12.005  11.187  3.935   1.00 15.46 ? 72  PHE A CA  1 
ATOM   549  C C   . PHE A 1 72  ? 10.966  10.361  4.707   1.00 18.97 ? 72  PHE A C   1 
ATOM   550  O O   . PHE A 1 72  ? 10.164  10.952  5.453   1.00 22.98 ? 72  PHE A O   1 
ATOM   551  C CB  . PHE A 1 72  ? 11.282  12.402  3.298   1.00 13.22 ? 72  PHE A CB  1 
ATOM   552  C CG  . PHE A 1 72  ? 12.218  13.254  2.429   1.00 12.82 ? 72  PHE A CG  1 
ATOM   553  C CD1 . PHE A 1 72  ? 13.433  13.695  2.938   1.00 13.51 ? 72  PHE A CD1 1 
ATOM   554  C CD2 . PHE A 1 72  ? 11.875  13.593  1.117   1.00 14.28 ? 72  PHE A CD2 1 
ATOM   555  C CE1 . PHE A 1 72  ? 14.311  14.477  2.169   1.00 16.38 ? 72  PHE A CE1 1 
ATOM   556  C CE2 . PHE A 1 72  ? 12.750  14.388  0.323   1.00 13.31 ? 72  PHE A CE2 1 
ATOM   557  C CZ  . PHE A 1 72  ? 13.960  14.798  0.838   1.00 14.14 ? 72  PHE A CZ  1 
ATOM   558  N N   . ILE A 1 73  ? 10.977  9.060   4.516   1.00 17.65 ? 73  ILE A N   1 
ATOM   559  C CA  . ILE A 1 73  ? 10.061  8.147   5.231   1.00 16.43 ? 73  ILE A CA  1 
ATOM   560  C C   . ILE A 1 73  ? 10.903  7.016   5.804   1.00 17.36 ? 73  ILE A C   1 
ATOM   561  O O   . ILE A 1 73  ? 11.684  6.371   5.088   1.00 17.31 ? 73  ILE A O   1 
ATOM   562  C CB  . ILE A 1 73  ? 8.941   7.609   4.322   1.00 15.29 ? 73  ILE A CB  1 
ATOM   563  C CG1 . ILE A 1 73  ? 8.049   8.710   3.738   1.00 17.45 ? 73  ILE A CG1 1 
ATOM   564  C CG2 . ILE A 1 73  ? 8.035   6.570   5.134   1.00 17.73 ? 73  ILE A CG2 1 
ATOM   565  C CD1 . ILE A 1 73  ? 7.063   8.174   2.633   1.00 20.66 ? 73  ILE A CD1 1 
ATOM   566  N N   . ARG A 1 74  ? 10.756  6.774   7.109   1.00 14.58 ? 74  ARG A N   1 
ATOM   567  C CA  . ARG A 1 74  ? 11.479  5.684   7.736   1.00 16.14 ? 74  ARG A CA  1 
ATOM   568  C C   . ARG A 1 74  ? 10.877  4.346   7.352   1.00 16.29 ? 74  ARG A C   1 
ATOM   569  O O   . ARG A 1 74  ? 9.649   4.229   7.114   1.00 16.11 ? 74  ARG A O   1 
ATOM   570  C CB  . ARG A 1 74  ? 11.526  5.859   9.253   1.00 17.57 ? 74  ARG A CB  1 
ATOM   571  C CG  . ARG A 1 74  ? 12.399  7.041   9.660   1.00 19.51 ? 74  ARG A CG  1 
ATOM   572  C CD  . ARG A 1 74  ? 12.651  7.156   11.153  1.00 26.39 ? 74  ARG A CD  1 
ATOM   573  N NE  . ARG A 1 74  ? 11.425  7.013   11.923  1.00 23.09 ? 74  ARG A NE  1 
ATOM   574  C CZ  . ARG A 1 74  ? 11.072  5.909   12.583  1.00 25.26 ? 74  ARG A CZ  1 
ATOM   575  N NH1 . ARG A 1 74  ? 9.913   5.875   13.240  1.00 26.08 ? 74  ARG A NH1 1 
ATOM   576  N NH2 . ARG A 1 74  ? 11.864  4.836   12.586  1.00 28.29 ? 74  ARG A NH2 1 
ATOM   577  N N   . ALA A 1 75  ? 11.737  3.326   7.313   1.00 14.29 ? 75  ALA A N   1 
ATOM   578  C CA  . ALA A 1 75  ? 11.325  2.019   6.831   1.00 14.36 ? 75  ALA A CA  1 
ATOM   579  C C   . ALA A 1 75  ? 10.125  1.462   7.642   1.00 11.72 ? 75  ALA A C   1 
ATOM   580  O O   . ALA A 1 75  ? 9.194   0.900   7.057   1.00 16.36 ? 75  ALA A O   1 
ATOM   581  C CB  . ALA A 1 75  ? 12.461  1.049   6.850   1.00 15.59 ? 75  ALA A CB  1 
ATOM   582  N N   . GLU A 1 76  ? 10.140  1.633   8.952   1.00 17.93 ? 76  GLU A N   1 
ATOM   583  C CA  . GLU A 1 76  ? 9.076   1.013   9.757   1.00 16.73 ? 76  GLU A CA  1 
ATOM   584  C C   . GLU A 1 76  ? 7.736   1.709   9.536   1.00 16.82 ? 76  GLU A C   1 
ATOM   585  O O   . GLU A 1 76  ? 6.659   1.106   9.691   1.00 16.97 ? 76  GLU A O   1 
ATOM   586  C CB  . GLU A 1 76  ? 9.467   1.003   11.217  1.00 17.15 ? 76  GLU A CB  1 
ATOM   587  C CG  . GLU A 1 76  ? 9.412   2.309   11.934  1.00 19.51 ? 76  GLU A CG  1 
ATOM   588  C CD  . GLU A 1 76  ? 9.589   2.167   13.470  1.00 30.91 ? 76  GLU A CD  1 
ATOM   589  O OE1 . GLU A 1 76  ? 9.240   1.125   14.071  1.00 27.48 ? 76  GLU A OE1 1 
ATOM   590  O OE2 . GLU A 1 76  ? 10.053  3.133   14.069  1.00 23.72 ? 76  GLU A OE2 1 
ATOM   591  N N   . ILE A 1 77  ? 7.815   2.982   9.175   1.00 15.55 ? 77  ILE A N   1 
ATOM   592  C CA  . ILE A 1 77  ? 6.625   3.782   8.852   1.00 15.11 ? 77  ILE A CA  1 
ATOM   593  C C   . ILE A 1 77  ? 6.061   3.341   7.489   1.00 19.24 ? 77  ILE A C   1 
ATOM   594  O O   . ILE A 1 77  ? 4.853   3.104   7.346   1.00 16.44 ? 77  ILE A O   1 
ATOM   595  C CB  . ILE A 1 77  ? 6.898   5.282   8.894   1.00 16.00 ? 77  ILE A CB  1 
ATOM   596  C CG1 . ILE A 1 77  ? 7.350   5.730   10.273  1.00 16.71 ? 77  ILE A CG1 1 
ATOM   597  C CG2 . ILE A 1 77  ? 5.631   6.093   8.393   1.00 14.32 ? 77  ILE A CG2 1 
ATOM   598  C CD1 . ILE A 1 77  ? 6.280   5.523   11.416  1.00 15.25 ? 77  ILE A CD1 1 
ATOM   599  N N   . PHE A 1 78  ? 6.909   3.235   6.474   1.00 14.98 ? 78  PHE A N   1 
ATOM   600  C CA  . PHE A 1 78  ? 6.479   2.678   5.214   1.00 17.03 ? 78  PHE A CA  1 
ATOM   601  C C   . PHE A 1 78  ? 5.887   1.276   5.345   1.00 15.72 ? 78  PHE A C   1 
ATOM   602  O O   . PHE A 1 78  ? 4.896   0.938   4.667   1.00 16.97 ? 78  PHE A O   1 
ATOM   603  C CB  . PHE A 1 78  ? 7.604   2.683   4.155   1.00 16.96 ? 78  PHE A CB  1 
ATOM   604  C CG  . PHE A 1 78  ? 7.096   2.326   2.779   1.00 15.25 ? 78  PHE A CG  1 
ATOM   605  C CD1 . PHE A 1 78  ? 6.276   3.214   2.083   1.00 17.72 ? 78  PHE A CD1 1 
ATOM   606  C CD2 . PHE A 1 78  ? 7.392   1.074   2.199   1.00 17.35 ? 78  PHE A CD2 1 
ATOM   607  C CE1 . PHE A 1 78  ? 5.765   2.889   0.864   1.00 20.05 ? 78  PHE A CE1 1 
ATOM   608  C CE2 . PHE A 1 78  ? 6.893   0.751   0.969   1.00 17.13 ? 78  PHE A CE2 1 
ATOM   609  C CZ  . PHE A 1 78  ? 6.099   1.672   0.267   1.00 22.41 ? 78  PHE A CZ  1 
ATOM   610  N N   . ALA A 1 79  ? 6.500   0.453   6.193   1.00 15.21 ? 79  ALA A N   1 
ATOM   611  C CA  . ALA A 1 79  ? 5.975   -0.898  6.454   1.00 14.90 ? 79  ALA A CA  1 
ATOM   612  C C   . ALA A 1 79  ? 4.497   -0.803  6.877   1.00 15.09 ? 79  ALA A C   1 
ATOM   613  O O   . ALA A 1 79  ? 3.637   -1.607  6.434   1.00 15.62 ? 79  ALA A O   1 
ATOM   614  C CB  . ALA A 1 79  ? 6.821   -1.605  7.546   1.00 14.57 ? 79  ALA A CB  1 
ATOM   615  N N   . GLU A 1 80  ? 4.208   0.165   7.736   1.00 16.08 ? 80  GLU A N   1 
ATOM   616  C CA  . GLU A 1 80  ? 2.797   0.341   8.203   1.00 16.27 ? 80  GLU A CA  1 
ATOM   617  C C   . GLU A 1 80  ? 1.860   0.866   7.115   1.00 19.54 ? 80  GLU A C   1 
ATOM   618  O O   . GLU A 1 80  ? 0.700   0.426   7.025   1.00 17.87 ? 80  GLU A O   1 
ATOM   619  C CB  A GLU A 1 80  ? 2.744   1.287   9.429   0.50 15.24 ? 80  GLU A CB  1 
ATOM   620  C CB  B GLU A 1 80  ? 2.711   1.186   9.484   0.50 17.69 ? 80  GLU A CB  1 
ATOM   621  C CG  A GLU A 1 80  ? 3.373   0.744   10.724  0.50 16.06 ? 80  GLU A CG  1 
ATOM   622  C CG  B GLU A 1 80  ? 1.322   1.131   10.169  0.50 17.91 ? 80  GLU A CG  1 
ATOM   623  C CD  A GLU A 1 80  ? 2.654   -0.480  11.283  0.50 22.38 ? 80  GLU A CD  1 
ATOM   624  C CD  B GLU A 1 80  ? 0.735   -0.280  10.346  0.50 25.04 ? 80  GLU A CD  1 
ATOM   625  O OE1 A GLU A 1 80  ? 1.522   -0.757  10.843  0.50 31.68 ? 80  GLU A OE1 1 
ATOM   626  O OE1 B GLU A 1 80  ? 1.487   -1.272  10.497  0.50 18.54 ? 80  GLU A OE1 1 
ATOM   627  O OE2 A GLU A 1 80  ? 3.229   -1.177  12.138  0.50 29.56 ? 80  GLU A OE2 1 
ATOM   628  O OE2 B GLU A 1 80  ? -0.509  -0.398  10.366  0.50 23.71 ? 80  GLU A OE2 1 
ATOM   629  N N   . ILE A 1 81  ? 2.364   1.791   6.277   1.00 16.83 ? 81  ILE A N   1 
ATOM   630  C CA  . ILE A 1 81  ? 1.591   2.290   5.105   1.00 19.12 ? 81  ILE A CA  1 
ATOM   631  C C   . ILE A 1 81  ? 1.252   1.124   4.178   1.00 20.22 ? 81  ILE A C   1 
ATOM   632  O O   . ILE A 1 81  ? 0.107   0.998   3.715   1.00 17.30 ? 81  ILE A O   1 
ATOM   633  C CB  A ILE A 1 81  ? 2.342   3.423   4.314   0.50 21.68 ? 81  ILE A CB  1 
ATOM   634  C CB  B ILE A 1 81  ? 2.343   3.437   4.310   0.50 22.20 ? 81  ILE A CB  1 
ATOM   635  C CG1 A ILE A 1 81  ? 2.455   4.660   5.208   0.50 29.82 ? 81  ILE A CG1 1 
ATOM   636  C CG1 B ILE A 1 81  ? 1.904   4.821   4.812   0.50 36.36 ? 81  ILE A CG1 1 
ATOM   637  C CG2 A ILE A 1 81  ? 1.594   3.732   2.970   0.50 24.60 ? 81  ILE A CG2 1 
ATOM   638  C CG2 B ILE A 1 81  ? 2.053   3.334   2.806   0.50 30.06 ? 81  ILE A CG2 1 
ATOM   639  C CD1 A ILE A 1 81  ? 3.489   5.674   4.786   0.50 28.88 ? 81  ILE A CD1 1 
ATOM   640  C CD1 B ILE A 1 81  ? 0.767   5.477   3.999   0.50 19.51 ? 81  ILE A CD1 1 
ATOM   641  N N   . LEU A 1 82  ? 2.232   0.237   3.924   1.00 18.35 ? 82  LEU A N   1 
ATOM   642  C CA  . LEU A 1 82  ? 1.976   -0.922  3.070   1.00 16.44 ? 82  LEU A CA  1 
ATOM   643  C C   . LEU A 1 82  ? 0.983   -1.899  3.716   1.00 16.09 ? 82  LEU A C   1 
ATOM   644  O O   . LEU A 1 82  ? 0.109   -2.480  3.049   1.00 16.95 ? 82  LEU A O   1 
ATOM   645  C CB  . LEU A 1 82  ? 3.280   -1.695  2.761   1.00 23.81 ? 82  LEU A CB  1 
ATOM   646  C CG  . LEU A 1 82  ? 4.021   -1.370  1.491   1.00 31.88 ? 82  LEU A CG  1 
ATOM   647  C CD1 . LEU A 1 82  ? 5.149   -2.416  1.330   1.00 24.21 ? 82  LEU A CD1 1 
ATOM   648  C CD2 . LEU A 1 82  ? 3.113   -1.280  0.245   1.00 22.95 ? 82  LEU A CD2 1 
ATOM   649  N N   . ASN A 1 83  ? 1.087   -2.063  5.048   1.00 18.59 ? 83  ASN A N   1 
ATOM   650  C CA  . ASN A 1 83  ? 0.138   -2.939  5.770   1.00 16.64 ? 83  ASN A CA  1 
ATOM   651  C C   . ASN A 1 83  ? -1.278  -2.411  5.559   1.00 17.83 ? 83  ASN A C   1 
ATOM   652  O O   . ASN A 1 83  ? -2.187  -3.205  5.316   1.00 17.15 ? 83  ASN A O   1 
ATOM   653  C CB  . ASN A 1 83  ? 0.437   -2.989  7.280   1.00 16.03 ? 83  ASN A CB  1 
ATOM   654  C CG  . ASN A 1 83  ? 1.653   -3.844  7.628   1.00 23.17 ? 83  ASN A CG  1 
ATOM   655  O OD1 . ASN A 1 83  ? 2.050   -4.720  6.869   1.00 23.06 ? 83  ASN A OD1 1 
ATOM   656  N ND2 . ASN A 1 83  ? 2.225   -3.604  8.810   1.00 21.60 ? 83  ASN A ND2 1 
ATOM   657  N N   . TYR A 1 84  ? -1.459  -1.096  5.648   1.00 14.82 ? 84  TYR A N   1 
ATOM   658  C CA  . TYR A 1 84  ? -2.772  -0.461  5.360   1.00 13.96 ? 84  TYR A CA  1 
ATOM   659  C C   . TYR A 1 84  ? -3.191  -0.743  3.910   1.00 14.26 ? 84  TYR A C   1 
ATOM   660  O O   . TYR A 1 84  ? -4.335  -1.135  3.631   1.00 15.46 ? 84  TYR A O   1 
ATOM   661  C CB  . TYR A 1 84  ? -2.759  1.053   5.628   1.00 17.43 ? 84  TYR A CB  1 
ATOM   662  C CG  . TYR A 1 84  ? -3.929  1.754   4.986   1.00 17.56 ? 84  TYR A CG  1 
ATOM   663  C CD1 . TYR A 1 84  ? -5.196  1.732   5.585   1.00 16.59 ? 84  TYR A CD1 1 
ATOM   664  C CD2 . TYR A 1 84  ? -3.790  2.398   3.758   1.00 15.85 ? 84  TYR A CD2 1 
ATOM   665  C CE1 . TYR A 1 84  ? -6.293  2.336   4.974   1.00 16.73 ? 84  TYR A CE1 1 
ATOM   666  C CE2 . TYR A 1 84  ? -4.854  2.983   3.127   1.00 16.60 ? 84  TYR A CE2 1 
ATOM   667  C CZ  . TYR A 1 84  ? -6.119  2.974   3.729   1.00 17.54 ? 84  TYR A CZ  1 
ATOM   668  O OH  . TYR A 1 84  ? -7.179  3.570   3.093   1.00 18.31 ? 84  TYR A OH  1 
ATOM   669  N N   . ILE A 1 85  ? -2.271  -0.507  2.974   1.00 14.88 ? 85  ILE A N   1 
ATOM   670  C CA  . ILE A 1 85  ? -2.592  -0.683  1.547   1.00 16.41 ? 85  ILE A CA  1 
ATOM   671  C C   . ILE A 1 85  ? -3.052  -2.105  1.244   1.00 16.42 ? 85  ILE A C   1 
ATOM   672  O O   . ILE A 1 85  ? -3.863  -2.316  0.334   1.00 17.83 ? 85  ILE A O   1 
ATOM   673  C CB  . ILE A 1 85  ? -1.408  -0.195  0.654   1.00 16.74 ? 85  ILE A CB  1 
ATOM   674  C CG1 . ILE A 1 85  ? -1.371  1.334   0.687   1.00 15.71 ? 85  ILE A CG1 1 
ATOM   675  C CG2 . ILE A 1 85  ? -1.531  -0.673  -0.816  1.00 18.41 ? 85  ILE A CG2 1 
ATOM   676  C CD1 . ILE A 1 85  ? -0.172  1.961   -0.056  1.00 19.08 ? 85  ILE A CD1 1 
ATOM   677  N N   . TYR A 1 86  ? -2.550  -3.081  2.006   1.00 14.36 ? 86  TYR A N   1 
ATOM   678  C CA  . TYR A 1 86  ? -2.826  -4.465  1.821   1.00 12.62 ? 86  TYR A CA  1 
ATOM   679  C C   . TYR A 1 86  ? -3.848  -5.019  2.825   1.00 13.24 ? 86  TYR A C   1 
ATOM   680  O O   . TYR A 1 86  ? -4.030  -6.222  2.927   1.00 15.15 ? 86  TYR A O   1 
ATOM   681  C CB  . TYR A 1 86  ? -1.543  -5.297  1.807   1.00 17.32 ? 86  TYR A CB  1 
ATOM   682  C CG  . TYR A 1 86  ? -0.836  -5.214  0.474   1.00 17.21 ? 86  TYR A CG  1 
ATOM   683  C CD1 . TYR A 1 86  ? 0.054   -4.188  0.210   1.00 15.41 ? 86  TYR A CD1 1 
ATOM   684  C CD2 . TYR A 1 86  ? -1.074  -6.157  -0.525  1.00 15.15 ? 86  TYR A CD2 1 
ATOM   685  C CE1 . TYR A 1 86  ? 0.694   -4.085  -1.054  1.00 18.82 ? 86  TYR A CE1 1 
ATOM   686  C CE2 . TYR A 1 86  ? -0.423  -6.094  -1.727  1.00 14.23 ? 86  TYR A CE2 1 
ATOM   687  C CZ  . TYR A 1 86  ? 0.432   -5.047  -2.013  1.00 15.55 ? 86  TYR A CZ  1 
ATOM   688  O OH  . TYR A 1 86  ? 1.086   -5.006  -3.230  1.00 16.37 ? 86  TYR A OH  1 
ATOM   689  N N   . SER A 1 87  ? -4.526  -4.121  3.554   1.00 15.55 ? 87  SER A N   1 
ATOM   690  C CA  . SER A 1 87  ? -5.552  -4.579  4.516   1.00 14.64 ? 87  SER A CA  1 
ATOM   691  C C   . SER A 1 87  ? -6.770  -3.692  4.763   1.00 15.62 ? 87  SER A C   1 
ATOM   692  O O   . SER A 1 87  ? -7.775  -4.222  5.246   1.00 17.93 ? 87  SER A O   1 
ATOM   693  C CB  . SER A 1 87  ? -4.939  -4.852  5.885   1.00 15.75 ? 87  SER A CB  1 
ATOM   694  O OG  . SER A 1 87  ? -4.492  -3.643  6.525   1.00 16.70 ? 87  SER A OG  1 
ATOM   695  N N   . SER A 1 88  ? -6.664  -2.407  4.465   1.00 15.09 ? 88  SER A N   1 
ATOM   696  C CA  . SER A 1 88  ? -7.617  -1.353  4.854   1.00 17.12 ? 88  SER A CA  1 
ATOM   697  C C   . SER A 1 88  ? -7.456  -0.865  6.310   1.00 19.62 ? 88  SER A C   1 
ATOM   698  O O   . SER A 1 88  ? -8.161  0.041   6.725   1.00 19.72 ? 88  SER A O   1 
ATOM   699  C CB  . SER A 1 88  ? -9.095  -1.757  4.583   1.00 20.15 ? 88  SER A CB  1 
ATOM   700  O OG  . SER A 1 88  ? -9.665  -2.481  5.685   1.00 19.73 ? 88  SER A OG  1 
ATOM   701  N N   . LYS A 1 89  ? -6.527  -1.433  7.075   1.00 14.98 ? 89  LYS A N   1 
ATOM   702  C CA  . LYS A 1 89  ? -6.413  -1.178  8.493   1.00 19.50 ? 89  LYS A CA  1 
ATOM   703  C C   . LYS A 1 89  ? -5.033  -0.700  8.891   1.00 20.62 ? 89  LYS A C   1 
ATOM   704  O O   . LYS A 1 89  ? -4.020  -1.128  8.311   1.00 19.32 ? 89  LYS A O   1 
ATOM   705  C CB  A LYS A 1 89  ? -6.837  -2.383  9.346   0.50 24.75 ? 89  LYS A CB  1 
ATOM   706  C CB  B LYS A 1 89  ? -6.638  -2.489  9.266   0.50 16.28 ? 89  LYS A CB  1 
ATOM   707  C CG  A LYS A 1 89  ? -6.479  -3.729  8.827   0.50 32.09 ? 89  LYS A CG  1 
ATOM   708  C CG  B LYS A 1 89  ? -8.013  -3.098  9.143   0.50 14.25 ? 89  LYS A CG  1 
ATOM   709  C CD  A LYS A 1 89  ? -7.292  -4.777  9.558   0.50 43.74 ? 89  LYS A CD  1 
ATOM   710  C CD  B LYS A 1 89  ? -8.077  -4.347  9.962   0.50 15.79 ? 89  LYS A CD  1 
ATOM   711  C CE  A LYS A 1 89  ? -8.765  -4.567  9.308   0.50 30.05 ? 89  LYS A CE  1 
ATOM   712  C CE  B LYS A 1 89  ? -9.441  -4.995  9.893   0.50 21.33 ? 89  LYS A CE  1 
ATOM   713  N NZ  A LYS A 1 89  ? -9.601  -5.288  10.302  0.50 40.79 ? 89  LYS A NZ  1 
ATOM   714  N NZ  B LYS A 1 89  ? -10.427 -4.318  10.775  0.50 24.18 ? 89  LYS A NZ  1 
ATOM   715  N N   . ILE A 1 90  ? -4.991  0.101   9.961   1.00 16.59 ? 90  ILE A N   1 
ATOM   716  C CA  . ILE A 1 90  ? -3.771  0.243   10.766  1.00 20.14 ? 90  ILE A CA  1 
ATOM   717  C C   . ILE A 1 90  ? -4.041  -0.420  12.111  1.00 21.69 ? 90  ILE A C   1 
ATOM   718  O O   . ILE A 1 90  ? -5.099  -0.231  12.696  1.00 17.72 ? 90  ILE A O   1 
ATOM   719  C CB  A ILE A 1 90  ? -3.478  1.771   10.955  0.50 24.47 ? 90  ILE A CB  1 
ATOM   720  C CB  B ILE A 1 90  ? -3.192  1.678   10.890  0.50 23.09 ? 90  ILE A CB  1 
ATOM   721  C CG1 A ILE A 1 90  ? -2.851  2.378   9.683   0.50 28.18 ? 90  ILE A CG1 1 
ATOM   722  C CG1 B ILE A 1 90  ? -4.080  2.614   11.705  0.50 21.18 ? 90  ILE A CG1 1 
ATOM   723  C CG2 A ILE A 1 90  ? -2.647  2.059   12.195  0.50 28.56 ? 90  ILE A CG2 1 
ATOM   724  C CG2 B ILE A 1 90  ? -2.900  2.267   9.491   0.50 23.16 ? 90  ILE A CG2 1 
ATOM   725  C CD1 A ILE A 1 90  ? -1.368  2.165   9.547   0.50 28.64 ? 90  ILE A CD1 1 
ATOM   726  C CD1 B ILE A 1 90  ? -3.327  3.825   12.206  0.50 15.04 ? 90  ILE A CD1 1 
ATOM   727  N N   . VAL A 1 91  ? -3.104  -1.246  12.571  1.00 20.50 ? 91  VAL A N   1 
ATOM   728  C CA  . VAL A 1 91  ? -3.329  -2.088  13.733  1.00 25.34 ? 91  VAL A CA  1 
ATOM   729  C C   . VAL A 1 91  ? -2.230  -1.831  14.758  1.00 21.08 ? 91  VAL A C   1 
ATOM   730  O O   . VAL A 1 91  ? -1.039  -1.993  14.450  1.00 24.07 ? 91  VAL A O   1 
ATOM   731  C CB  . VAL A 1 91  ? -3.337  -3.594  13.310  1.00 27.58 ? 91  VAL A CB  1 
ATOM   732  C CG1 . VAL A 1 91  ? -3.376  -4.490  14.538  1.00 25.70 ? 91  VAL A CG1 1 
ATOM   733  C CG2 . VAL A 1 91  ? -4.538  -3.868  12.366  1.00 26.73 ? 91  VAL A CG2 1 
ATOM   734  N N   . ARG A 1 92  ? -2.617  -1.386  15.947  1.00 20.50 ? 92  ARG A N   1 
ATOM   735  C CA  . ARG A 1 92  ? -1.695  -1.246  17.085  1.00 19.05 ? 92  ARG A CA  1 
ATOM   736  C C   . ARG A 1 92  ? -0.440  -0.394  16.796  1.00 22.24 ? 92  ARG A C   1 
ATOM   737  O O   . ARG A 1 92  ? 0.683   -0.780  17.108  1.00 27.59 ? 92  ARG A O   1 
ATOM   738  C CB  . ARG A 1 92  ? -1.301  -2.642  17.591  1.00 25.24 ? 92  ARG A CB  1 
ATOM   739  C CG  . ARG A 1 92  ? -2.487  -3.502  17.979  1.00 29.77 ? 92  ARG A CG  1 
ATOM   740  C CD  . ARG A 1 92  ? -2.143  -4.990  18.044  1.00 38.77 ? 92  ARG A CD  1 
ATOM   741  N NE  . ARG A 1 92  ? -1.037  -5.256  18.965  1.00 47.40 ? 92  ARG A NE  1 
ATOM   742  C CZ  . ARG A 1 92  ? -1.141  -5.310  20.293  1.00 37.19 ? 92  ARG A CZ  1 
ATOM   743  N NH1 . ARG A 1 92  ? -2.312  -5.114  20.907  1.00 54.30 ? 92  ARG A NH1 1 
ATOM   744  N NH2 . ARG A 1 92  ? -0.060  -5.559  21.021  1.00 44.98 ? 92  ARG A NH2 1 
ATOM   745  N N   . VAL A 1 93  ? -0.633  0.752   16.173  1.00 22.43 ? 93  VAL A N   1 
ATOM   746  C CA  . VAL A 1 93  ? 0.469   1.691   15.930  1.00 21.03 ? 93  VAL A CA  1 
ATOM   747  C C   . VAL A 1 93  ? 0.760   2.525   17.187  1.00 19.35 ? 93  VAL A C   1 
ATOM   748  O O   . VAL A 1 93  ? -0.136  3.148   17.748  1.00 16.82 ? 93  VAL A O   1 
ATOM   749  C CB  . VAL A 1 93  ? 0.140   2.585   14.706  1.00 19.88 ? 93  VAL A CB  1 
ATOM   750  C CG1 . VAL A 1 93  ? 1.212   3.673   14.489  1.00 24.08 ? 93  VAL A CG1 1 
ATOM   751  C CG2 . VAL A 1 93  ? -0.035  1.689   13.452  1.00 26.47 ? 93  VAL A CG2 1 
ATOM   752  N N   . ARG A 1 94  ? 2.016   2.554   17.648  1.00 18.37 ? 94  ARG A N   1 
ATOM   753  C CA  . ARG A 1 94  ? 2.353   3.428   18.776  1.00 17.79 ? 94  ARG A CA  1 
ATOM   754  C C   . ARG A 1 94  ? 1.986   4.867   18.498  1.00 18.12 ? 94  ARG A C   1 
ATOM   755  O O   . ARG A 1 94  ? 2.242   5.392   17.411  1.00 18.36 ? 94  ARG A O   1 
ATOM   756  C CB  . ARG A 1 94  ? 3.848   3.390   19.126  1.00 24.89 ? 94  ARG A CB  1 
ATOM   757  C CG  . ARG A 1 94  ? 4.399   2.042   19.433  1.00 24.14 ? 94  ARG A CG  1 
ATOM   758  C CD  . ARG A 1 94  ? 5.713   2.128   20.246  1.00 36.91 ? 94  ARG A CD  1 
ATOM   759  N NE  . ARG A 1 94  ? 6.662   3.114   19.718  1.00 40.68 ? 94  ARG A NE  1 
ATOM   760  C CZ  . ARG A 1 94  ? 7.663   2.854   18.870  1.00 49.13 ? 94  ARG A CZ  1 
ATOM   761  N NH1 . ARG A 1 94  ? 7.892   1.620   18.407  1.00 40.82 ? 94  ARG A NH1 1 
ATOM   762  N NH2 . ARG A 1 94  ? 8.448   3.853   18.477  1.00 48.27 ? 94  ARG A NH2 1 
ATOM   763  N N   . SER A 1 95  ? 1.401   5.521   19.483  1.00 15.34 ? 95  SER A N   1 
ATOM   764  C CA  . SER A 1 95  ? 0.925   6.879   19.304  1.00 23.30 ? 95  SER A CA  1 
ATOM   765  C C   . SER A 1 95  ? 2.072   7.839   18.963  1.00 22.43 ? 95  SER A C   1 
ATOM   766  O O   . SER A 1 95  ? 1.881   8.806   18.225  1.00 22.42 ? 95  SER A O   1 
ATOM   767  C CB  A SER A 1 95  ? 0.166   7.361   20.543  0.60 23.51 ? 95  SER A CB  1 
ATOM   768  C CB  B SER A 1 95  ? 0.187   7.361   20.554  0.40 22.02 ? 95  SER A CB  1 
ATOM   769  O OG  A SER A 1 95  ? -0.287  8.696   20.382  0.60 33.62 ? 95  SER A OG  1 
ATOM   770  O OG  B SER A 1 95  ? 1.048   7.369   21.680  0.40 14.24 ? 95  SER A OG  1 
ATOM   771  N N   . ASP A 1 96  ? 3.258   7.556   19.478  1.00 21.68 ? 96  ASP A N   1 
ATOM   772  C CA  . ASP A 1 96  ? 4.433   8.394   19.178  1.00 25.57 ? 96  ASP A CA  1 
ATOM   773  C C   . ASP A 1 96  ? 4.924   8.274   17.717  1.00 22.29 ? 96  ASP A C   1 
ATOM   774  O O   . ASP A 1 96  ? 5.766   9.061   17.299  1.00 24.53 ? 96  ASP A O   1 
ATOM   775  C CB  . ASP A 1 96  ? 5.571   8.082   20.155  1.00 27.19 ? 96  ASP A CB  1 
ATOM   776  C CG  . ASP A 1 96  ? 6.059   6.657   20.051  1.00 24.98 ? 96  ASP A CG  1 
ATOM   777  O OD1 . ASP A 1 96  ? 5.352   5.772   20.548  1.00 44.45 ? 96  ASP A OD1 1 
ATOM   778  O OD2 . ASP A 1 96  ? 7.144   6.418   19.462  1.00 41.23 ? 96  ASP A OD2 1 
ATOM   779  N N   . LEU A 1 97  ? 4.418   7.295   16.959  1.00 21.06 ? 97  LEU A N   1 
ATOM   780  C CA  . LEU A 1 97  ? 4.700   7.162   15.527  1.00 17.38 ? 97  LEU A CA  1 
ATOM   781  C C   . LEU A 1 97  ? 3.600   7.779   14.624  1.00 19.78 ? 97  LEU A C   1 
ATOM   782  O O   . LEU A 1 97  ? 3.800   7.916   13.422  1.00 17.62 ? 97  LEU A O   1 
ATOM   783  C CB  . LEU A 1 97  ? 4.878   5.708   15.171  1.00 22.23 ? 97  LEU A CB  1 
ATOM   784  C CG  . LEU A 1 97  ? 6.091   5.064   15.845  1.00 31.90 ? 97  LEU A CG  1 
ATOM   785  C CD1 . LEU A 1 97  ? 6.155   3.650   15.437  1.00 24.28 ? 97  LEU A CD1 1 
ATOM   786  C CD2 . LEU A 1 97  ? 7.378   5.804   15.454  1.00 27.08 ? 97  LEU A CD2 1 
ATOM   787  N N   . LEU A 1 98  ? 2.461   8.163   15.206  1.00 20.27 ? 98  LEU A N   1 
ATOM   788  C CA  . LEU A 1 98  ? 1.299   8.538   14.403  1.00 19.66 ? 98  LEU A CA  1 
ATOM   789  C C   . LEU A 1 98  ? 1.555   9.773   13.547  1.00 18.63 ? 98  LEU A C   1 
ATOM   790  O O   . LEU A 1 98  ? 1.156   9.808   12.387  1.00 16.03 ? 98  LEU A O   1 
ATOM   791  C CB  . LEU A 1 98  ? 0.048   8.773   15.281  1.00 18.26 ? 98  LEU A CB  1 
ATOM   792  C CG  . LEU A 1 98  ? -1.269  8.950   14.486  1.00 27.75 ? 98  LEU A CG  1 
ATOM   793  C CD1 . LEU A 1 98  ? -1.625  7.706   13.709  1.00 26.00 ? 98  LEU A CD1 1 
ATOM   794  C CD2 . LEU A 1 98  ? -2.438  9.369   15.386  1.00 38.35 ? 98  LEU A CD2 1 
ATOM   795  N N   . ASP A 1 99  ? 2.205   10.790  14.104  1.00 20.69 ? 99  ASP A N   1 
ATOM   796  C CA  . ASP A 1 99  ? 2.499   11.983  13.306  1.00 22.48 ? 99  ASP A CA  1 
ATOM   797  C C   . ASP A 1 99  ? 3.359   11.641  12.072  1.00 18.85 ? 99  ASP A C   1 
ATOM   798  O O   . ASP A 1 99  ? 3.056   12.114  10.960  1.00 17.19 ? 99  ASP A O   1 
ATOM   799  C CB  A ASP A 1 99  ? 3.174   13.064  14.145  0.60 25.27 ? 99  ASP A CB  1 
ATOM   800  C CB  B ASP A 1 99  ? 3.211   13.033  14.158  0.40 24.06 ? 99  ASP A CB  1 
ATOM   801  C CG  A ASP A 1 99  ? 2.213   13.763  15.095  0.60 28.00 ? 99  ASP A CG  1 
ATOM   802  C CG  B ASP A 1 99  ? 3.547   14.288  13.379  0.40 16.86 ? 99  ASP A CG  1 
ATOM   803  O OD1 A ASP A 1 99  ? 0.987   13.557  14.987  0.60 29.41 ? 99  ASP A OD1 1 
ATOM   804  O OD1 B ASP A 1 99  ? 2.612   15.063  13.090  0.40 35.34 ? 99  ASP A OD1 1 
ATOM   805  O OD2 A ASP A 1 99  ? 2.704   14.522  15.954  0.60 37.73 ? 99  ASP A OD2 1 
ATOM   806  O OD2 B ASP A 1 99  ? 4.735   14.504  13.073  0.40 37.48 ? 99  ASP A OD2 1 
ATOM   807  N N   . GLU A 1 100 ? 4.409   10.837  12.258  1.00 20.61 ? 100 GLU A N   1 
ATOM   808  C CA  . GLU A 1 100 ? 5.203   10.355  11.131  1.00 20.91 ? 100 GLU A CA  1 
ATOM   809  C C   . GLU A 1 100 ? 4.382   9.546   10.135  1.00 19.22 ? 100 GLU A C   1 
ATOM   810  O O   . GLU A 1 100 ? 4.617   9.589   8.942   1.00 19.05 ? 100 GLU A O   1 
ATOM   811  C CB  . GLU A 1 100 ? 6.320   9.434   11.593  1.00 25.46 ? 100 GLU A CB  1 
ATOM   812  C CG  . GLU A 1 100 ? 7.602   10.083  11.879  1.00 27.54 ? 100 GLU A CG  1 
ATOM   813  C CD  . GLU A 1 100 ? 8.644   9.041   12.145  1.00 36.22 ? 100 GLU A CD  1 
ATOM   814  O OE1 . GLU A 1 100 ? 9.479   8.790   11.258  1.00 28.35 ? 100 GLU A OE1 1 
ATOM   815  O OE2 . GLU A 1 100 ? 8.573   8.418   13.219  1.00 30.29 ? 100 GLU A OE2 1 
ATOM   816  N N   . LEU A 1 101 ? 3.479   8.708   10.641  1.00 15.86 ? 101 LEU A N   1 
ATOM   817  C CA  . LEU A 1 101 ? 2.654   7.924   9.724   1.00 15.95 ? 101 LEU A CA  1 
ATOM   818  C C   . LEU A 1 101 ? 1.744   8.851   8.871   1.00 15.53 ? 101 LEU A C   1 
ATOM   819  O O   . LEU A 1 101 ? 1.591   8.682   7.657   1.00 15.33 ? 101 LEU A O   1 
ATOM   820  C CB  . LEU A 1 101 ? 1.836   6.900   10.528  1.00 11.98 ? 101 LEU A CB  1 
ATOM   821  C CG  . LEU A 1 101 ? 0.922   5.969   9.712   1.00 17.22 ? 101 LEU A CG  1 
ATOM   822  C CD1 . LEU A 1 101 ? 1.652   5.144   8.668   1.00 21.50 ? 101 LEU A CD1 1 
ATOM   823  C CD2 . LEU A 1 101 ? 0.109   5.085   10.675  1.00 19.30 ? 101 LEU A CD2 1 
ATOM   824  N N   . ILE A 1 102 ? 1.146   9.831   9.527   1.00 16.70 ? 102 ILE A N   1 
ATOM   825  C CA  . ILE A 1 102 ? 0.276   10.808  8.870   1.00 15.38 ? 102 ILE A CA  1 
ATOM   826  C C   . ILE A 1 102 ? 1.068   11.511  7.801   1.00 19.01 ? 102 ILE A C   1 
ATOM   827  O O   . ILE A 1 102 ? 0.595   11.633  6.692   1.00 16.30 ? 102 ILE A O   1 
ATOM   828  C CB  . ILE A 1 102 ? -0.294  11.856  9.848   1.00 18.64 ? 102 ILE A CB  1 
ATOM   829  C CG1 . ILE A 1 102 ? -1.306  11.179  10.777  1.00 20.54 ? 102 ILE A CG1 1 
ATOM   830  C CG2 . ILE A 1 102 ? -0.943  13.050  9.086   1.00 20.61 ? 102 ILE A CG2 1 
ATOM   831  C CD1 . ILE A 1 102 ? -1.661  12.006  12.013  1.00 17.36 ? 102 ILE A CD1 1 
ATOM   832  N N   . LYS A 1 103 ? 2.273   11.959  8.148   1.00 15.43 ? 103 LYS A N   1 
ATOM   833  C CA  . LYS A 1 103 ? 3.098   12.674  7.173   1.00 17.74 ? 103 LYS A CA  1 
ATOM   834  C C   . LYS A 1 103 ? 3.445   11.794  5.993   1.00 18.37 ? 103 LYS A C   1 
ATOM   835  O O   . LYS A 1 103 ? 3.457   12.288  4.860   1.00 19.02 ? 103 LYS A O   1 
ATOM   836  C CB  A LYS A 1 103 ? 4.380   13.204  7.814   0.60 18.47 ? 103 LYS A CB  1 
ATOM   837  C CB  B LYS A 1 103 ? 4.378   13.204  7.819   0.40 18.25 ? 103 LYS A CB  1 
ATOM   838  C CG  A LYS A 1 103 ? 4.206   14.531  8.540   0.60 33.08 ? 103 LYS A CG  1 
ATOM   839  C CG  B LYS A 1 103 ? 4.172   14.457  8.654   0.40 28.91 ? 103 LYS A CG  1 
ATOM   840  N N   . SER A 1 104 ? 3.717   10.511  6.222   1.00 18.14 ? 104 SER A N   1 
ATOM   841  C CA  . SER A 1 104 ? 3.979   9.571   5.119   1.00 18.24 ? 104 SER A CA  1 
ATOM   842  C C   . SER A 1 104 ? 2.769   9.400   4.197   1.00 19.18 ? 104 SER A C   1 
ATOM   843  O O   . SER A 1 104 ? 2.918   9.326   2.964   1.00 17.11 ? 104 SER A O   1 
ATOM   844  C CB  A SER A 1 104 ? 4.558   8.247   5.627   0.50 20.45 ? 104 SER A CB  1 
ATOM   845  C CB  B SER A 1 104 ? 4.403   8.148   5.624   0.50 20.49 ? 104 SER A CB  1 
ATOM   846  O OG  A SER A 1 104 ? 5.683   8.527   6.451   0.50 28.92 ? 104 SER A OG  1 
ATOM   847  O OG  B SER A 1 104 ? 3.298   7.295   6.045   0.50 12.03 ? 104 SER A OG  1 
ATOM   848  N N   . GLY A 1 105 ? 1.577   9.384   4.794   1.00 18.53 ? 105 GLY A N   1 
ATOM   849  C CA  . GLY A 1 105 ? 0.341   9.347   4.028   1.00 17.40 ? 105 GLY A CA  1 
ATOM   850  C C   . GLY A 1 105 ? 0.163   10.580  3.190   1.00 17.99 ? 105 GLY A C   1 
ATOM   851  O O   . GLY A 1 105 ? -0.310  10.512  2.032   1.00 18.34 ? 105 GLY A O   1 
ATOM   852  N N   . GLN A 1 106 ? 0.509   11.725  3.765   1.00 16.60 ? 106 GLN A N   1 
ATOM   853  C CA  . GLN A 1 106 ? 0.467   12.990  3.033   1.00 15.95 ? 106 GLN A CA  1 
ATOM   854  C C   . GLN A 1 106 ? 1.415   12.998  1.839   1.00 16.25 ? 106 GLN A C   1 
ATOM   855  O O   . GLN A 1 106 ? 1.018   13.346  0.714   1.00 17.35 ? 106 GLN A O   1 
ATOM   856  C CB  . GLN A 1 106 ? 0.778   14.174  3.948   1.00 19.42 ? 106 GLN A CB  1 
ATOM   857  C CG  . GLN A 1 106 ? -0.277  14.390  5.035   1.00 26.82 ? 106 GLN A CG  1 
ATOM   858  C CD  . GLN A 1 106 ? 0.148   15.375  6.131   1.00 34.66 ? 106 GLN A CD  1 
ATOM   859  O OE1 . GLN A 1 106 ? 1.336   15.631  6.348   1.00 28.12 ? 106 GLN A OE1 1 
ATOM   860  N NE2 . GLN A 1 106 ? -0.833  15.927  6.818   1.00 30.89 ? 106 GLN A NE2 1 
ATOM   861  N N   . LEU A 1 107 ? 2.654   12.577  2.063   1.00 14.49 ? 107 LEU A N   1 
ATOM   862  C CA  . LEU A 1 107 ? 3.642   12.550  0.980   1.00 16.77 ? 107 LEU A CA  1 
ATOM   863  C C   . LEU A 1 107 ? 3.244   11.586  -0.161  1.00 17.88 ? 107 LEU A C   1 
ATOM   864  O O   . LEU A 1 107 ? 3.417   11.878  -1.353  1.00 17.09 ? 107 LEU A O   1 
ATOM   865  C CB  . LEU A 1 107 ? 5.010   12.135  1.538   1.00 15.05 ? 107 LEU A CB  1 
ATOM   866  C CG  . LEU A 1 107 ? 5.672   13.163  2.451   1.00 14.30 ? 107 LEU A CG  1 
ATOM   867  C CD1 . LEU A 1 107 ? 6.906   12.587  3.138   1.00 16.27 ? 107 LEU A CD1 1 
ATOM   868  C CD2 . LEU A 1 107 ? 6.054   14.414  1.625   1.00 18.49 ? 107 LEU A CD2 1 
ATOM   869  N N   . LEU A 1 108 ? 2.754   10.420  0.231   1.00 16.21 ? 108 LEU A N   1 
ATOM   870  C CA  . LEU A 1 108 ? 2.404   9.347   -0.731  1.00 17.63 ? 108 LEU A CA  1 
ATOM   871  C C   . LEU A 1 108 ? 1.007   9.530   -1.311  1.00 17.02 ? 108 LEU A C   1 
ATOM   872  O O   . LEU A 1 108 ? 0.607   8.836   -2.260  1.00 18.75 ? 108 LEU A O   1 
ATOM   873  C CB  . LEU A 1 108 ? 2.517   7.993   -0.039  1.00 16.43 ? 108 LEU A CB  1 
ATOM   874  C CG  . LEU A 1 108 ? 3.957   7.472   0.161   1.00 17.43 ? 108 LEU A CG  1 
ATOM   875  C CD1 . LEU A 1 108 ? 4.052   6.307   1.152   1.00 19.07 ? 108 LEU A CD1 1 
ATOM   876  C CD2 . LEU A 1 108 ? 4.620   7.124   -1.184  1.00 17.16 ? 108 LEU A CD2 1 
ATOM   877  N N   . GLY A 1 109 ? 0.241   10.458  -0.756  1.00 15.68 ? 109 GLY A N   1 
ATOM   878  C CA  . GLY A 1 109 ? -1.130  10.679  -1.243  1.00 17.88 ? 109 GLY A CA  1 
ATOM   879  C C   . GLY A 1 109 ? -2.009  9.474   -0.990  1.00 19.21 ? 109 GLY A C   1 
ATOM   880  O O   . GLY A 1 109 ? -2.694  8.985   -1.930  1.00 18.51 ? 109 GLY A O   1 
ATOM   881  N N   . VAL A 1 110 ? -1.968  9.004   0.269   1.00 15.82 ? 110 VAL A N   1 
ATOM   882  C CA  . VAL A 1 110 ? -2.830  7.903   0.769   1.00 17.27 ? 110 VAL A CA  1 
ATOM   883  C C   . VAL A 1 110 ? -3.839  8.563   1.704   1.00 17.76 ? 110 VAL A C   1 
ATOM   884  O O   . VAL A 1 110 ? -3.521  8.821   2.876   1.00 17.74 ? 110 VAL A O   1 
ATOM   885  C CB  . VAL A 1 110 ? -2.018  6.775   1.486   1.00 17.29 ? 110 VAL A CB  1 
ATOM   886  C CG1 . VAL A 1 110 ? -2.970  5.655   1.943   1.00 18.21 ? 110 VAL A CG1 1 
ATOM   887  C CG2 . VAL A 1 110 ? -0.978  6.193   0.510   1.00 18.38 ? 110 VAL A CG2 1 
ATOM   888  N N   . LYS A 1 111 ? -5.046  8.843   1.185   1.00 19.98 ? 111 LYS A N   1 
ATOM   889  C CA  . LYS A 1 111 ? -5.959  9.801   1.782   1.00 19.12 ? 111 LYS A CA  1 
ATOM   890  C C   . LYS A 1 111 ? -6.345  9.445   3.219   1.00 15.92 ? 111 LYS A C   1 
ATOM   891  O O   . LYS A 1 111 ? -6.365  10.309  4.087   1.00 17.68 ? 111 LYS A O   1 
ATOM   892  C CB  . LYS A 1 111 ? -7.254  9.990   0.933   1.00 24.00 ? 111 LYS A CB  1 
ATOM   893  N N   . PHE A 1 112 ? -6.655  8.181   3.476   1.00 17.14 ? 112 PHE A N   1 
ATOM   894  C CA  . PHE A 1 112 ? -7.126  7.780   4.786   1.00 13.78 ? 112 PHE A CA  1 
ATOM   895  C C   . PHE A 1 112 ? -6.035  7.982   5.824   1.00 15.71 ? 112 PHE A C   1 
ATOM   896  O O   . PHE A 1 112 ? -6.309  8.431   6.941   1.00 15.38 ? 112 PHE A O   1 
ATOM   897  C CB  . PHE A 1 112 ? -7.569  6.324   4.783   1.00 16.13 ? 112 PHE A CB  1 
ATOM   898  C CG  . PHE A 1 112 ? -8.128  5.840   6.091   1.00 19.73 ? 112 PHE A CG  1 
ATOM   899  C CD1 . PHE A 1 112 ? -9.454  6.091   6.438   1.00 18.48 ? 112 PHE A CD1 1 
ATOM   900  C CD2 . PHE A 1 112 ? -7.344  5.075   6.953   1.00 18.32 ? 112 PHE A CD2 1 
ATOM   901  C CE1 . PHE A 1 112 ? -9.981  5.598   7.651   1.00 16.28 ? 112 PHE A CE1 1 
ATOM   902  C CE2 . PHE A 1 112 ? -7.864  4.580   8.149   1.00 18.71 ? 112 PHE A CE2 1 
ATOM   903  C CZ  . PHE A 1 112 ? -9.160  4.850   8.499   1.00 17.31 ? 112 PHE A CZ  1 
ATOM   904  N N   . ILE A 1 113 ? -4.807  7.665   5.423   1.00 15.07 ? 113 ILE A N   1 
ATOM   905  C CA  . ILE A 1 113 ? -3.660  7.818   6.334   1.00 17.17 ? 113 ILE A CA  1 
ATOM   906  C C   . ILE A 1 113 ? -3.350  9.301   6.594   1.00 16.26 ? 113 ILE A C   1 
ATOM   907  O O   . ILE A 1 113 ? -3.124  9.714   7.753   1.00 16.33 ? 113 ILE A O   1 
ATOM   908  C CB  . ILE A 1 113 ? -2.411  7.071   5.802   1.00 16.63 ? 113 ILE A CB  1 
ATOM   909  C CG1 . ILE A 1 113 ? -2.684  5.562   5.704   1.00 19.97 ? 113 ILE A CG1 1 
ATOM   910  C CG2 . ILE A 1 113 ? -1.203  7.364   6.730   1.00 17.79 ? 113 ILE A CG2 1 
ATOM   911  C CD1 . ILE A 1 113 ? -2.935  4.868   7.038   1.00 17.30 ? 113 ILE A CD1 1 
ATOM   912  N N   . ALA A 1 114 ? -3.411  10.118  5.546   1.00 15.67 ? 114 ALA A N   1 
ATOM   913  C CA  . ALA A 1 114 ? -3.165  11.544  5.687   1.00 16.47 ? 114 ALA A CA  1 
ATOM   914  C C   . ALA A 1 114 ? -4.232  12.219  6.583   1.00 18.18 ? 114 ALA A C   1 
ATOM   915  O O   . ALA A 1 114 ? -3.980  13.291  7.144   1.00 18.76 ? 114 ALA A O   1 
ATOM   916  C CB  . ALA A 1 114 ? -3.118  12.226  4.302   1.00 21.19 ? 114 ALA A CB  1 
ATOM   917  N N   . ALA A 1 115 ? -5.394  11.584  6.713   1.00 18.18 ? 115 ALA A N   1 
ATOM   918  C CA  . ALA A 1 115 ? -6.536  12.110  7.457   1.00 19.24 ? 115 ALA A CA  1 
ATOM   919  C C   . ALA A 1 115 ? -6.586  11.619  8.890   1.00 20.08 ? 115 ALA A C   1 
ATOM   920  O O   . ALA A 1 115 ? -7.517  11.980  9.616   1.00 22.09 ? 115 ALA A O   1 
ATOM   921  C CB  . ALA A 1 115 ? -7.845  11.743  6.732   1.00 18.74 ? 115 ALA A CB  1 
ATOM   922  N N   . LEU A 1 116 ? -5.585  10.863  9.353   1.00 20.06 ? 116 LEU A N   1 
ATOM   923  C CA  . LEU A 1 116 ? -5.609  10.359  10.747  1.00 21.11 ? 116 LEU A CA  1 
ATOM   924  C C   . LEU A 1 116 ? -5.388  11.468  11.783  1.00 23.92 ? 116 LEU A C   1 
ATOM   925  O O   . LEU A 1 116 ? -5.649  11.188  12.944  1.00 30.34 ? 116 LEU A O   1 
ATOM   926  C CB  . LEU A 1 116 ? -4.614  9.214   10.992  1.00 22.86 ? 116 LEU A CB  1 
ATOM   927  C CG  . LEU A 1 116 ? -4.882  7.874   10.292  1.00 21.04 ? 116 LEU A CG  1 
ATOM   928  C CD1 . LEU A 1 116 ? -3.590  7.028   10.301  1.00 21.96 ? 116 LEU A CD1 1 
ATOM   929  C CD2 . LEU A 1 116 ? -6.081  7.128   10.913  1.00 29.51 ? 116 LEU A CD2 1 
ATOM   930  O OXT . LEU A 1 116 ? -4.996  12.617  11.509  1.00 25.68 ? 116 LEU A OXT 1 
HETATM 931  O O   . HOH B 2 .   ? 9.619   -12.005 -0.801  1.00 35.89 ? 117 HOH A O   1 
HETATM 932  O O   . HOH B 2 .   ? -6.281  14.984  5.262   1.00 41.78 ? 118 HOH A O   1 
HETATM 933  O O   . HOH B 2 .   ? -1.429  -5.818  5.716   1.00 38.49 ? 119 HOH A O   1 
HETATM 934  O O   . HOH B 2 .   ? -4.173  -6.231  9.525   1.00 46.20 ? 120 HOH A O   1 
HETATM 935  O O   . HOH B 2 .   ? -1.507  -7.807  14.552  1.00 57.00 ? 121 HOH A O   1 
HETATM 936  O O   . HOH B 2 .   ? 0.892   -6.056  16.531  1.00 54.57 ? 122 HOH A O   1 
HETATM 937  O O   . HOH B 2 .   ? -6.763  5.908   1.605   1.00 19.62 ? 123 HOH A O   1 
HETATM 938  O O   . HOH B 2 .   ? -16.799 -7.160  -1.377  1.00 21.15 ? 124 HOH A O   1 
HETATM 939  O O   . HOH B 2 .   ? 1.063   -5.056  -10.668 1.00 17.69 ? 125 HOH A O   1 
HETATM 940  O O   . HOH B 2 .   ? 1.281   -7.754  -9.792  1.00 19.67 ? 126 HOH A O   1 
HETATM 941  O O   . HOH B 2 .   ? 4.710   -4.004  5.289   1.00 17.82 ? 127 HOH A O   1 
HETATM 942  O O   . HOH B 2 .   ? 5.465   10.512  14.998  1.00 21.58 ? 128 HOH A O   1 
HETATM 943  O O   . HOH B 2 .   ? -4.147  3.405   -10.905 1.00 21.96 ? 129 HOH A O   1 
HETATM 944  O O   . HOH B 2 .   ? -5.239  -8.137  4.443   1.00 21.46 ? 130 HOH A O   1 
HETATM 945  O O   . HOH B 2 .   ? 6.856   9.955   7.538   1.00 28.38 ? 131 HOH A O   1 
HETATM 946  O O   . HOH B 2 .   ? 6.195   -5.779  1.117   1.00 19.40 ? 132 HOH A O   1 
HETATM 947  O O   . HOH B 2 .   ? 0.268   4.360   -12.464 1.00 23.99 ? 133 HOH A O   1 
HETATM 948  O O   . HOH B 2 .   ? -5.422  8.380   -1.802  1.00 25.41 ? 134 HOH A O   1 
HETATM 949  O O   . HOH B 2 .   ? 12.579  2.101   10.415  1.00 19.46 ? 135 HOH A O   1 
HETATM 950  O O   . HOH B 2 .   ? 12.933  -0.828  10.162  1.00 23.37 ? 136 HOH A O   1 
HETATM 951  O O   . HOH B 2 .   ? -5.774  5.318   -0.794  1.00 31.42 ? 137 HOH A O   1 
HETATM 952  O O   . HOH B 2 .   ? -6.756  12.954  3.556   1.00 23.42 ? 138 HOH A O   1 
HETATM 953  O O   . HOH B 2 .   ? 8.988   -7.459  0.952   1.00 26.71 ? 139 HOH A O   1 
HETATM 954  O O   . HOH B 2 .   ? -4.147  6.806   -7.034  1.00 31.33 ? 140 HOH A O   1 
HETATM 955  O O   . HOH B 2 .   ? 6.462   -1.073  11.267  1.00 24.91 ? 141 HOH A O   1 
HETATM 956  O O   . HOH B 2 .   ? 8.993   8.612   8.606   1.00 25.26 ? 142 HOH A O   1 
HETATM 957  O O   . HOH B 2 .   ? 5.193   10.701  -8.499  1.00 29.01 ? 143 HOH A O   1 
HETATM 958  O O   . HOH B 2 .   ? 4.198   14.279  -2.247  1.00 26.02 ? 144 HOH A O   1 
HETATM 959  O O   . HOH B 2 .   ? 13.424  7.127   3.403   1.00 30.26 ? 145 HOH A O   1 
HETATM 960  O O   . HOH B 2 .   ? -7.870  -8.980  4.478   1.00 27.93 ? 146 HOH A O   1 
HETATM 961  O O   . HOH B 2 .   ? 18.016  3.724   0.785   1.00 25.57 ? 147 HOH A O   1 
HETATM 962  O O   . HOH B 2 .   ? 2.803   -14.634 2.785   1.00 22.39 ? 148 HOH A O   1 
HETATM 963  O O   . HOH B 2 .   ? -12.189 -3.052  6.070   1.00 32.62 ? 149 HOH A O   1 
HETATM 964  O O   . HOH B 2 .   ? -8.493  3.655   -5.209  1.00 29.94 ? 150 HOH A O   1 
HETATM 965  O O   . HOH B 2 .   ? -8.387  -14.496 1.624   1.00 31.61 ? 151 HOH A O   1 
HETATM 966  O O   . HOH B 2 .   ? -1.228  10.797  -9.390  1.00 29.46 ? 152 HOH A O   1 
HETATM 967  O O   . HOH B 2 .   ? 8.786   -2.718  10.723  1.00 27.77 ? 153 HOH A O   1 
HETATM 968  O O   . HOH B 2 .   ? -2.802  -11.738 4.873   1.00 35.97 ? 154 HOH A O   1 
HETATM 969  O O   . HOH B 2 .   ? 15.229  -5.557  3.179   1.00 31.44 ? 155 HOH A O   1 
HETATM 970  O O   . HOH B 2 .   ? 3.085   10.852  16.884  1.00 22.90 ? 156 HOH A O   1 
HETATM 971  O O   . HOH B 2 .   ? 3.856   0.797   16.244  1.00 28.82 ? 157 HOH A O   1 
HETATM 972  O O   . HOH B 2 .   ? 12.693  8.567   -5.921  1.00 29.73 ? 158 HOH A O   1 
HETATM 973  O O   . HOH B 2 .   ? 5.766   -14.146 -8.991  1.00 35.14 ? 159 HOH A O   1 
HETATM 974  O O   . HOH B 2 .   ? -2.742  -15.579 -1.608  1.00 34.91 ? 160 HOH A O   1 
HETATM 975  O O   . HOH B 2 .   ? 6.685   -0.300  13.918  1.00 32.51 ? 161 HOH A O   1 
HETATM 976  O O   . HOH B 2 .   ? 2.380   -10.141 3.990   1.00 26.44 ? 162 HOH A O   1 
HETATM 977  O O   . HOH B 2 .   ? 13.069  5.943   -7.573  1.00 31.01 ? 163 HOH A O   1 
HETATM 978  O O   . HOH B 2 .   ? -15.492 -7.083  1.714   1.00 31.07 ? 164 HOH A O   1 
HETATM 979  O O   . HOH B 2 .   ? -16.465 -4.027  -1.754  1.00 37.25 ? 165 HOH A O   1 
HETATM 980  O O   . HOH B 2 .   ? -14.180 -11.482 3.773   1.00 31.71 ? 166 HOH A O   1 
HETATM 981  O O   . HOH B 2 .   ? 6.725   -5.457  6.381   1.00 35.93 ? 167 HOH A O   1 
HETATM 982  O O   . HOH B 2 .   ? -7.671  -1.676  12.628  1.00 28.44 ? 168 HOH A O   1 
HETATM 983  O O   . HOH B 2 .   ? 1.094   12.368  -3.733  1.00 38.25 ? 169 HOH A O   1 
HETATM 984  O O   . HOH B 2 .   ? 8.004   -9.976  0.182   1.00 32.57 ? 170 HOH A O   1 
HETATM 985  O O   . HOH B 2 .   ? -4.401  8.918   -8.360  1.00 38.96 ? 171 HOH A O   1 
HETATM 986  O O   . HOH B 2 .   ? -6.026  4.694   -9.764  1.00 39.01 ? 172 HOH A O   1 
HETATM 987  O O   . HOH B 2 .   ? 10.681  3.584   16.597  1.00 31.29 ? 173 HOH A O   1 
HETATM 988  O O   . HOH B 2 .   ? -30.900 -7.046  -12.027 1.00 34.29 ? 174 HOH A O   1 
HETATM 989  O O   . HOH B 2 .   ? -12.524 -14.723 -3.152  1.00 32.06 ? 175 HOH A O   1 
HETATM 990  O O   . HOH B 2 .   ? 0.454   -16.532 -2.027  1.00 32.29 ? 176 HOH A O   1 
HETATM 991  O O   . HOH B 2 .   ? -2.456  -3.182  9.118   1.00 34.69 ? 177 HOH A O   1 
HETATM 992  O O   . HOH B 2 .   ? 11.890  -5.141  -8.554  1.00 26.09 ? 178 HOH A O   1 
HETATM 993  O O   . HOH B 2 .   ? 8.428   -1.007  -15.730 1.00 28.00 ? 179 HOH A O   1 
HETATM 994  O O   . HOH B 2 .   ? 15.364  5.969   2.060   1.00 29.74 ? 180 HOH A O   1 
HETATM 995  O O   . HOH B 2 .   ? 14.437  4.118   10.937  1.00 30.77 ? 181 HOH A O   1 
HETATM 996  O O   . HOH B 2 .   ? -9.982  -13.749 4.083   1.00 41.31 ? 182 HOH A O   1 
HETATM 997  O O   . HOH B 2 .   ? 10.110  -7.061  -9.103  1.00 37.28 ? 183 HOH A O   1 
HETATM 998  O O   . HOH B 2 .   ? 3.951   15.882  4.580   1.00 38.53 ? 184 HOH A O   1 
HETATM 999  O O   . HOH B 2 .   ? 18.597  -0.317  1.268   1.00 41.41 ? 185 HOH A O   1 
HETATM 1000 O O   . HOH B 2 .   ? -28.267 -4.146  -10.428 1.00 38.92 ? 186 HOH A O   1 
HETATM 1001 O O   . HOH B 2 .   ? 19.452  3.891   5.342   1.00 37.67 ? 187 HOH A O   1 
HETATM 1002 O O   . HOH B 2 .   ? -7.643  2.349   -3.279  1.00 34.43 ? 188 HOH A O   1 
HETATM 1003 O O   . HOH B 2 .   ? 5.720   1.424   -14.167 1.00 34.30 ? 189 HOH A O   1 
HETATM 1004 O O   . HOH B 2 .   ? 9.920   8.820   -6.379  1.00 42.89 ? 190 HOH A O   1 
HETATM 1005 O O   . HOH B 2 .   ? -9.623  -6.471  4.399   1.00 40.27 ? 191 HOH A O   1 
HETATM 1006 O O   . HOH B 2 .   ? -14.914 -8.538  2.977   1.00 32.15 ? 192 HOH A O   1 
HETATM 1007 O O   . HOH B 2 .   ? 10.608  -6.276  3.280   1.00 41.50 ? 193 HOH A O   1 
HETATM 1008 O O   . HOH B 2 .   ? 13.389  -7.337  -4.430  1.00 33.78 ? 194 HOH A O   1 
HETATM 1009 O O   . HOH B 2 .   ? -1.485  14.010  0.079   1.00 34.50 ? 195 HOH A O   1 
HETATM 1010 O O   . HOH B 2 .   ? 9.032   13.329  -6.843  1.00 40.07 ? 196 HOH A O   1 
HETATM 1011 O O   . HOH B 2 .   ? 20.301  5.348   -5.408  1.00 45.83 ? 197 HOH A O   1 
HETATM 1012 O O   . HOH B 2 .   ? -3.226  12.958  -3.246  1.00 39.14 ? 198 HOH A O   1 
HETATM 1013 O O   . HOH B 2 .   ? 1.768   -17.654 3.347   1.00 31.55 ? 199 HOH A O   1 
HETATM 1014 O O   . HOH B 2 .   ? -5.262  6.913   -4.795  1.00 40.70 ? 200 HOH A O   1 
HETATM 1015 O O   . HOH B 2 .   ? -0.901  -12.898 5.223   1.00 46.71 ? 201 HOH A O   1 
HETATM 1016 O O   . HOH B 2 .   ? 8.110   -11.194 3.098   1.00 36.09 ? 202 HOH A O   1 
HETATM 1017 O O   . HOH B 2 .   ? 11.366  10.708  8.617   1.00 39.53 ? 203 HOH A O   1 
HETATM 1018 O O   . HOH B 2 .   ? 12.323  -7.723  0.225   1.00 39.55 ? 204 HOH A O   1 
HETATM 1019 O O   . HOH B 2 .   ? 7.876   -4.805  9.427   1.00 41.39 ? 205 HOH A O   1 
HETATM 1020 O O   . HOH B 2 .   ? 1.613   12.957  -5.924  1.00 42.55 ? 206 HOH A O   1 
HETATM 1021 O O   . HOH B 2 .   ? -5.443  13.889  1.533   1.00 38.69 ? 207 HOH A O   1 
HETATM 1022 O O   . HOH B 2 .   ? -4.447  11.832  -1.781  1.00 44.33 ? 208 HOH A O   1 
HETATM 1023 O O   . HOH B 2 .   ? 11.511  -4.678  4.942   1.00 55.05 ? 209 HOH A O   1 
HETATM 1024 O O   . HOH B 2 .   ? 15.665  7.110   10.269  1.00 45.94 ? 210 HOH A O   1 
HETATM 1025 O O   . HOH B 2 .   ? -3.753  12.423  0.443   1.00 34.55 ? 211 HOH A O   1 
HETATM 1026 O O   . HOH B 2 .   ? 18.489  2.945   8.887   1.00 38.68 ? 212 HOH A O   1 
HETATM 1027 O O   . HOH B 2 .   ? -1.070  -2.301  10.965  1.00 34.33 ? 213 HOH A O   1 
HETATM 1028 O O   . HOH B 2 .   ? -27.113 -6.835  -5.647  1.00 41.63 ? 214 HOH A O   1 
HETATM 1029 O O   . HOH B 2 .   ? 7.616   11.429  -8.891  1.00 40.85 ? 215 HOH A O   1 
HETATM 1030 O O   . HOH B 2 .   ? 10.461  -3.048  13.186  1.00 33.17 ? 216 HOH A O   1 
HETATM 1031 O O   . HOH B 2 .   ? -2.198  -15.896 5.444   1.00 37.70 ? 217 HOH A O   1 
HETATM 1032 O O   . HOH B 2 .   ? -4.031  -9.671  5.641   1.00 33.84 ? 218 HOH A O   1 
HETATM 1033 O O   . HOH B 2 .   ? 1.749   -2.015  14.186  1.00 47.39 ? 219 HOH A O   1 
HETATM 1034 O O   . HOH B 2 .   ? 1.178   -8.521  6.646   1.00 44.03 ? 220 HOH A O   1 
HETATM 1035 O O   . HOH B 2 .   ? 13.537  12.305  6.885   1.00 37.62 ? 221 HOH A O   1 
HETATM 1036 O O   . HOH B 2 .   ? 11.250  -6.680  9.322   1.00 37.71 ? 222 HOH A O   1 
HETATM 1037 O O   . HOH B 2 .   ? -7.963  -6.777  6.486   1.00 39.96 ? 223 HOH A O   1 
HETATM 1038 O O   . HOH B 2 .   ? 2.019   14.642  10.791  1.00 36.99 ? 224 HOH A O   1 
HETATM 1039 O O   . HOH B 2 .   ? 7.940   12.266  6.461   1.00 34.22 ? 225 HOH A O   1 
HETATM 1040 O O   . HOH B 2 .   ? -37.141 -7.230  -18.168 1.00 29.50 ? 226 HOH A O   1 
HETATM 1041 O O   . HOH B 2 .   ? -2.505  16.181  10.649  1.00 32.36 ? 227 HOH A O   1 
HETATM 1042 O O   . HOH B 2 .   ? -4.339  14.403  9.616   1.00 26.00 ? 228 HOH A O   1 
HETATM 1043 O O   . HOH B 2 .   ? -6.459  14.364  12.859  1.00 34.52 ? 229 HOH A O   1 
HETATM 1044 O O   . HOH B 2 .   ? 9.336   -7.261  -6.597  1.00 36.12 ? 230 HOH A O   1 
HETATM 1045 O O   . HOH B 2 .   ? -8.714  8.928   8.344   1.00 25.32 ? 231 HOH A O   1 
HETATM 1046 O O   . HOH B 2 .   ? -10.300 10.799  10.221  1.00 46.03 ? 232 HOH A O   1 
HETATM 1047 O O   . HOH B 2 .   ? 7.060   12.703  14.709  1.00 40.62 ? 233 HOH A O   1 
HETATM 1048 O O   . HOH B 2 .   ? 6.728   13.620  11.778  1.00 45.89 ? 234 HOH A O   1 
HETATM 1049 O O   . HOH B 2 .   ? 6.705   11.199  18.552  1.00 36.83 ? 235 HOH A O   1 
HETATM 1050 O O   . HOH B 2 .   ? 14.107  0.510   -11.971 1.00 34.76 ? 236 HOH A O   1 
HETATM 1051 O O   . HOH B 2 .   ? 14.610  -5.507  -8.982  1.00 43.07 ? 237 HOH A O   1 
HETATM 1052 O O   . HOH B 2 .   ? 9.116   -5.877  5.486   1.00 40.81 ? 238 HOH A O   1 
# 
loop_
_pdbx_poly_seq_scheme.asym_id 
_pdbx_poly_seq_scheme.entity_id 
_pdbx_poly_seq_scheme.seq_id 
_pdbx_poly_seq_scheme.mon_id 
_pdbx_poly_seq_scheme.ndb_seq_num 
_pdbx_poly_seq_scheme.pdb_seq_num 
_pdbx_poly_seq_scheme.auth_seq_num 
_pdbx_poly_seq_scheme.pdb_mon_id 
_pdbx_poly_seq_scheme.auth_mon_id 
_pdbx_poly_seq_scheme.pdb_strand_id 
_pdbx_poly_seq_scheme.pdb_ins_code 
_pdbx_poly_seq_scheme.hetero 
A 1 1   MET 1   1   ?   ?   ?   A . n 
A 1 2   GLU 2   2   ?   ?   ?   A . n 
A 1 3   SER 3   3   ?   ?   ?   A . n 
A 1 4   ARG 4   4   4   ARG ARG A . n 
A 1 5   LYS 5   5   5   LYS LYS A . n 
A 1 6   LEU 6   6   6   LEU LEU A . n 
A 1 7   ILE 7   7   7   ILE ILE A . n 
A 1 8   SER 8   8   8   SER SER A . n 
A 1 9   ALA 9   9   9   ALA ALA A . n 
A 1 10  THR 10  10  10  THR THR A . n 
A 1 11  ASP 11  11  11  ASP ASP A . n 
A 1 12  ILE 12  12  12  ILE ILE A . n 
A 1 13  GLN 13  13  13  GLN GLN A . n 
A 1 14  TYR 14  14  14  TYR TYR A . n 
A 1 15  SER 15  15  15  SER SER A . n 
A 1 16  GLY 16  16  16  GLY GLY A . n 
A 1 17  SER 17  17  17  SER SER A . n 
A 1 18  LEU 18  18  18  LEU LEU A . n 
A 1 19  LEU 19  19  19  LEU LEU A . n 
A 1 20  ASN 20  20  20  ASN ASN A . n 
A 1 21  SER 21  21  21  SER SER A . n 
A 1 22  LEU 22  22  22  LEU LEU A . n 
A 1 23  ASN 23  23  23  ASN ASN A . n 
A 1 24  GLU 24  24  24  GLU GLU A . n 
A 1 25  GLN 25  25  25  GLN GLN A . n 
A 1 26  ARG 26  26  26  ARG ARG A . n 
A 1 27  GLY 27  27  27  GLY GLY A . n 
A 1 28  HIS 28  28  28  HIS HIS A . n 
A 1 29  GLY 29  29  29  GLY GLY A . n 
A 1 30  LEU 30  30  30  LEU LEU A . n 
A 1 31  PHE 31  31  31  PHE PHE A . n 
A 1 32  CYS 32  32  32  CYS CYS A . n 
A 1 33  ASP 33  33  33  ASP ASP A . n 
A 1 34  VAL 34  34  34  VAL VAL A . n 
A 1 35  THR 35  35  35  THR THR A . n 
A 1 36  VAL 36  36  36  VAL VAL A . n 
A 1 37  ILE 37  37  37  ILE ILE A . n 
A 1 38  VAL 38  38  38  VAL VAL A . n 
A 1 39  GLU 39  39  39  GLU GLU A . n 
A 1 40  ASP 40  40  40  ASP ASP A . n 
A 1 41  ARG 41  41  41  ARG ARG A . n 
A 1 42  LYS 42  42  42  LYS LYS A . n 
A 1 43  PHE 43  43  43  PHE PHE A . n 
A 1 44  ARG 44  44  44  ARG ARG A . n 
A 1 45  ALA 45  45  45  ALA ALA A . n 
A 1 46  HIS 46  46  46  HIS HIS A . n 
A 1 47  LYS 47  47  47  LYS LYS A . n 
A 1 48  ASN 48  48  48  ASN ASN A . n 
A 1 49  ILE 49  49  49  ILE ILE A . n 
A 1 50  LEU 50  50  50  LEU LEU A . n 
A 1 51  SER 51  51  51  SER SER A . n 
A 1 52  ALA 52  52  52  ALA ALA A . n 
A 1 53  SER 53  53  53  SER SER A . n 
A 1 54  SER 54  54  54  SER SER A . n 
A 1 55  THR 55  55  55  THR THR A . n 
A 1 56  TYR 56  56  56  TYR TYR A . n 
A 1 57  PHE 57  57  57  PHE PHE A . n 
A 1 58  HIS 58  58  58  HIS HIS A . n 
A 1 59  GLN 59  59  59  GLN GLN A . n 
A 1 60  LEU 60  60  60  LEU LEU A . n 
A 1 61  PHE 61  61  61  PHE PHE A . n 
A 1 62  SER 62  62  62  SER SER A . n 
A 1 63  VAL 63  63  63  VAL VAL A . n 
A 1 64  ALA 64  64  64  ALA ALA A . n 
A 1 65  GLY 65  65  65  GLY GLY A . n 
A 1 66  GLN 66  66  66  GLN GLN A . n 
A 1 67  VAL 67  67  67  VAL VAL A . n 
A 1 68  VAL 68  68  68  VAL VAL A . n 
A 1 69  GLU 69  69  69  GLU GLU A . n 
A 1 70  LEU 70  70  70  LEU LEU A . n 
A 1 71  SER 71  71  71  SER SER A . n 
A 1 72  PHE 72  72  72  PHE PHE A . n 
A 1 73  ILE 73  73  73  ILE ILE A . n 
A 1 74  ARG 74  74  74  ARG ARG A . n 
A 1 75  ALA 75  75  75  ALA ALA A . n 
A 1 76  GLU 76  76  76  GLU GLU A . n 
A 1 77  ILE 77  77  77  ILE ILE A . n 
A 1 78  PHE 78  78  78  PHE PHE A . n 
A 1 79  ALA 79  79  79  ALA ALA A . n 
A 1 80  GLU 80  80  80  GLU GLU A . n 
A 1 81  ILE 81  81  81  ILE ILE A . n 
A 1 82  LEU 82  82  82  LEU LEU A . n 
A 1 83  ASN 83  83  83  ASN ASN A . n 
A 1 84  TYR 84  84  84  TYR TYR A . n 
A 1 85  ILE 85  85  85  ILE ILE A . n 
A 1 86  TYR 86  86  86  TYR TYR A . n 
A 1 87  SER 87  87  87  SER SER A . n 
A 1 88  SER 88  88  88  SER SER A . n 
A 1 89  LYS 89  89  89  LYS LYS A . n 
A 1 90  ILE 90  90  90  ILE ILE A . n 
A 1 91  VAL 91  91  91  VAL VAL A . n 
A 1 92  ARG 92  92  92  ARG ARG A . n 
A 1 93  VAL 93  93  93  VAL VAL A . n 
A 1 94  ARG 94  94  94  ARG ARG A . n 
A 1 95  SER 95  95  95  SER SER A . n 
A 1 96  ASP 96  96  96  ASP ASP A . n 
A 1 97  LEU 97  97  97  LEU LEU A . n 
A 1 98  LEU 98  98  98  LEU LEU A . n 
A 1 99  ASP 99  99  99  ASP ASP A . n 
A 1 100 GLU 100 100 100 GLU GLU A . n 
A 1 101 LEU 101 101 101 LEU LEU A . n 
A 1 102 ILE 102 102 102 ILE ILE A . n 
A 1 103 LYS 103 103 103 LYS LYS A . n 
A 1 104 SER 104 104 104 SER SER A . n 
A 1 105 GLY 105 105 105 GLY GLY A . n 
A 1 106 GLN 106 106 106 GLN GLN A . n 
A 1 107 LEU 107 107 107 LEU LEU A . n 
A 1 108 LEU 108 108 108 LEU LEU A . n 
A 1 109 GLY 109 109 109 GLY GLY A . n 
A 1 110 VAL 110 110 110 VAL VAL A . n 
A 1 111 LYS 111 111 111 LYS LYS A . n 
A 1 112 PHE 112 112 112 PHE PHE A . n 
A 1 113 ILE 113 113 113 ILE ILE A . n 
A 1 114 ALA 114 114 114 ALA ALA A . n 
A 1 115 ALA 115 115 115 ALA ALA A . n 
A 1 116 LEU 116 116 116 LEU LEU A . n 
# 
_pdbx_SG_project.id                    1 
_pdbx_SG_project.project_name          ? 
_pdbx_SG_project.full_name_of_center   'Structural Genomics Consortium' 
_pdbx_SG_project.initial_of_center     SGC 
# 
loop_
_pdbx_nonpoly_scheme.asym_id 
_pdbx_nonpoly_scheme.entity_id 
_pdbx_nonpoly_scheme.mon_id 
_pdbx_nonpoly_scheme.ndb_seq_num 
_pdbx_nonpoly_scheme.pdb_seq_num 
_pdbx_nonpoly_scheme.auth_seq_num 
_pdbx_nonpoly_scheme.pdb_mon_id 
_pdbx_nonpoly_scheme.auth_mon_id 
_pdbx_nonpoly_scheme.pdb_strand_id 
_pdbx_nonpoly_scheme.pdb_ins_code 
B 2 HOH 1   117 117 HOH HOH A . 
B 2 HOH 2   118 118 HOH HOH A . 
B 2 HOH 3   119 119 HOH HOH A . 
B 2 HOH 4   120 120 HOH HOH A . 
B 2 HOH 5   121 121 HOH HOH A . 
B 2 HOH 6   122 122 HOH HOH A . 
B 2 HOH 7   123 1   HOH HOH A . 
B 2 HOH 8   124 2   HOH HOH A . 
B 2 HOH 9   125 3   HOH HOH A . 
B 2 HOH 10  126 4   HOH HOH A . 
B 2 HOH 11  127 5   HOH HOH A . 
B 2 HOH 12  128 6   HOH HOH A . 
B 2 HOH 13  129 7   HOH HOH A . 
B 2 HOH 14  130 8   HOH HOH A . 
B 2 HOH 15  131 9   HOH HOH A . 
B 2 HOH 16  132 10  HOH HOH A . 
B 2 HOH 17  133 11  HOH HOH A . 
B 2 HOH 18  134 12  HOH HOH A . 
B 2 HOH 19  135 13  HOH HOH A . 
B 2 HOH 20  136 14  HOH HOH A . 
B 2 HOH 21  137 15  HOH HOH A . 
B 2 HOH 22  138 16  HOH HOH A . 
B 2 HOH 23  139 17  HOH HOH A . 
B 2 HOH 24  140 18  HOH HOH A . 
B 2 HOH 25  141 19  HOH HOH A . 
B 2 HOH 26  142 20  HOH HOH A . 
B 2 HOH 27  143 21  HOH HOH A . 
B 2 HOH 28  144 22  HOH HOH A . 
B 2 HOH 29  145 23  HOH HOH A . 
B 2 HOH 30  146 24  HOH HOH A . 
B 2 HOH 31  147 25  HOH HOH A . 
B 2 HOH 32  148 26  HOH HOH A . 
B 2 HOH 33  149 27  HOH HOH A . 
B 2 HOH 34  150 28  HOH HOH A . 
B 2 HOH 35  151 29  HOH HOH A . 
B 2 HOH 36  152 30  HOH HOH A . 
B 2 HOH 37  153 31  HOH HOH A . 
B 2 HOH 38  154 32  HOH HOH A . 
B 2 HOH 39  155 33  HOH HOH A . 
B 2 HOH 40  156 34  HOH HOH A . 
B 2 HOH 41  157 35  HOH HOH A . 
B 2 HOH 42  158 36  HOH HOH A . 
B 2 HOH 43  159 37  HOH HOH A . 
B 2 HOH 44  160 38  HOH HOH A . 
B 2 HOH 45  161 39  HOH HOH A . 
B 2 HOH 46  162 40  HOH HOH A . 
B 2 HOH 47  163 41  HOH HOH A . 
B 2 HOH 48  164 42  HOH HOH A . 
B 2 HOH 49  165 43  HOH HOH A . 
B 2 HOH 50  166 44  HOH HOH A . 
B 2 HOH 51  167 45  HOH HOH A . 
B 2 HOH 52  168 46  HOH HOH A . 
B 2 HOH 53  169 47  HOH HOH A . 
B 2 HOH 54  170 48  HOH HOH A . 
B 2 HOH 55  171 49  HOH HOH A . 
B 2 HOH 56  172 50  HOH HOH A . 
B 2 HOH 57  173 51  HOH HOH A . 
B 2 HOH 58  174 52  HOH HOH A . 
B 2 HOH 59  175 53  HOH HOH A . 
B 2 HOH 60  176 54  HOH HOH A . 
B 2 HOH 61  177 55  HOH HOH A . 
B 2 HOH 62  178 56  HOH HOH A . 
B 2 HOH 63  179 57  HOH HOH A . 
B 2 HOH 64  180 58  HOH HOH A . 
B 2 HOH 65  181 59  HOH HOH A . 
B 2 HOH 66  182 60  HOH HOH A . 
B 2 HOH 67  183 61  HOH HOH A . 
B 2 HOH 68  184 62  HOH HOH A . 
B 2 HOH 69  185 63  HOH HOH A . 
B 2 HOH 70  186 64  HOH HOH A . 
B 2 HOH 71  187 65  HOH HOH A . 
B 2 HOH 72  188 66  HOH HOH A . 
B 2 HOH 73  189 67  HOH HOH A . 
B 2 HOH 74  190 68  HOH HOH A . 
B 2 HOH 75  191 69  HOH HOH A . 
B 2 HOH 76  192 70  HOH HOH A . 
B 2 HOH 77  193 71  HOH HOH A . 
B 2 HOH 78  194 72  HOH HOH A . 
B 2 HOH 79  195 73  HOH HOH A . 
B 2 HOH 80  196 74  HOH HOH A . 
B 2 HOH 81  197 75  HOH HOH A . 
B 2 HOH 82  198 76  HOH HOH A . 
B 2 HOH 83  199 77  HOH HOH A . 
B 2 HOH 84  200 78  HOH HOH A . 
B 2 HOH 85  201 79  HOH HOH A . 
B 2 HOH 86  202 80  HOH HOH A . 
B 2 HOH 87  203 81  HOH HOH A . 
B 2 HOH 88  204 82  HOH HOH A . 
B 2 HOH 89  205 83  HOH HOH A . 
B 2 HOH 90  206 84  HOH HOH A . 
B 2 HOH 91  207 85  HOH HOH A . 
B 2 HOH 92  208 86  HOH HOH A . 
B 2 HOH 93  209 87  HOH HOH A . 
B 2 HOH 94  210 88  HOH HOH A . 
B 2 HOH 95  211 89  HOH HOH A . 
B 2 HOH 96  212 90  HOH HOH A . 
B 2 HOH 97  213 91  HOH HOH A . 
B 2 HOH 98  214 92  HOH HOH A . 
B 2 HOH 99  215 93  HOH HOH A . 
B 2 HOH 100 216 94  HOH HOH A . 
B 2 HOH 101 217 95  HOH HOH A . 
B 2 HOH 102 218 96  HOH HOH A . 
B 2 HOH 103 219 97  HOH HOH A . 
B 2 HOH 104 220 98  HOH HOH A . 
B 2 HOH 105 221 99  HOH HOH A . 
B 2 HOH 106 222 100 HOH HOH A . 
B 2 HOH 107 223 101 HOH HOH A . 
B 2 HOH 108 224 102 HOH HOH A . 
B 2 HOH 109 225 103 HOH HOH A . 
B 2 HOH 110 226 104 HOH HOH A . 
B 2 HOH 111 227 105 HOH HOH A . 
B 2 HOH 112 228 106 HOH HOH A . 
B 2 HOH 113 229 107 HOH HOH A . 
B 2 HOH 114 230 108 HOH HOH A . 
B 2 HOH 115 231 109 HOH HOH A . 
B 2 HOH 116 232 110 HOH HOH A . 
B 2 HOH 117 233 111 HOH HOH A . 
B 2 HOH 118 234 112 HOH HOH A . 
B 2 HOH 119 235 113 HOH HOH A . 
B 2 HOH 120 236 114 HOH HOH A . 
B 2 HOH 121 237 115 HOH HOH A . 
B 2 HOH 122 238 116 HOH HOH A . 
# 
loop_
_pdbx_struct_assembly.id 
_pdbx_struct_assembly.details 
_pdbx_struct_assembly.method_details 
_pdbx_struct_assembly.oligomeric_details 
_pdbx_struct_assembly.oligomeric_count 
1 author_defined_assembly   ?    monomeric 1 
2 software_defined_assembly PISA dimeric   2 
# 
loop_
_pdbx_struct_assembly_gen.assembly_id 
_pdbx_struct_assembly_gen.oper_expression 
_pdbx_struct_assembly_gen.asym_id_list 
1 1   A,B 
2 1,2 A,B 
# 
loop_
_pdbx_struct_assembly_prop.biol_id 
_pdbx_struct_assembly_prop.type 
_pdbx_struct_assembly_prop.value 
_pdbx_struct_assembly_prop.details 
2 'ABSA (A^2)' 3440  ? 
2 MORE         -24   ? 
2 'SSA (A^2)'  11690 ? 
# 
loop_
_pdbx_struct_oper_list.id 
_pdbx_struct_oper_list.type 
_pdbx_struct_oper_list.name 
_pdbx_struct_oper_list.symmetry_operation 
_pdbx_struct_oper_list.matrix[1][1] 
_pdbx_struct_oper_list.matrix[1][2] 
_pdbx_struct_oper_list.matrix[1][3] 
_pdbx_struct_oper_list.vector[1] 
_pdbx_struct_oper_list.matrix[2][1] 
_pdbx_struct_oper_list.matrix[2][2] 
_pdbx_struct_oper_list.matrix[2][3] 
_pdbx_struct_oper_list.vector[2] 
_pdbx_struct_oper_list.matrix[3][1] 
_pdbx_struct_oper_list.matrix[3][2] 
_pdbx_struct_oper_list.matrix[3][3] 
_pdbx_struct_oper_list.vector[3] 
1 'identity operation'         1_555 x,y,z      1.0000000000 0.0000000000  0.0000000000  0.0000000000   0.0000000000  1.0000000000  0.0000000000 0.0000000000   0.0000000000  0.0000000000 1.0000000000  0.0000000000   
2 'crystal symmetry operation' 7_555 y,x,-z+2/3 0.1886998219 -0.2145258939 -0.9583167629 -11.8848648667 -0.2145258939 -0.9612842887 0.1729484235 -11.8462950601 -0.9583167629 0.1729484235 -0.2274155332 -12.0901565752 
# 
loop_
_pdbx_audit_revision_history.ordinal 
_pdbx_audit_revision_history.data_content_type 
_pdbx_audit_revision_history.major_revision 
_pdbx_audit_revision_history.minor_revision 
_pdbx_audit_revision_history.revision_date 
1 'Structure model' 1 0 2008-12-23 
2 'Structure model' 1 1 2011-07-13 
3 'Structure model' 1 2 2017-10-25 
4 'Structure model' 1 3 2018-01-31 
5 'Structure model' 1 4 2021-10-20 
6 'Structure model' 1 5 2023-09-06 
# 
_pdbx_audit_revision_details.ordinal             1 
_pdbx_audit_revision_details.revision_ordinal    1 
_pdbx_audit_revision_details.data_content_type   'Structure model' 
_pdbx_audit_revision_details.provider            repository 
_pdbx_audit_revision_details.type                'Initial release' 
_pdbx_audit_revision_details.description         ? 
_pdbx_audit_revision_details.details             ? 
# 
loop_
_pdbx_audit_revision_group.ordinal 
_pdbx_audit_revision_group.revision_ordinal 
_pdbx_audit_revision_group.data_content_type 
_pdbx_audit_revision_group.group 
1 2 'Structure model' Advisory                     
2 2 'Structure model' 'Version format compliance'  
3 3 'Structure model' 'Author supporting evidence' 
4 4 'Structure model' 'Database references'        
5 4 'Structure model' 'Structure summary'          
6 5 'Structure model' 'Database references'        
7 6 'Structure model' 'Data collection'            
8 6 'Structure model' 'Refinement description'     
# 
loop_
_pdbx_audit_revision_category.ordinal 
_pdbx_audit_revision_category.revision_ordinal 
_pdbx_audit_revision_category.data_content_type 
_pdbx_audit_revision_category.category 
1 3 'Structure model' pdbx_struct_assembly_auth_evidence 
2 4 'Structure model' audit_author                       
3 4 'Structure model' citation_author                    
4 5 'Structure model' database_2                         
5 5 'Structure model' struct_ref_seq_dif                 
6 6 'Structure model' chem_comp_atom                     
7 6 'Structure model' chem_comp_bond                     
8 6 'Structure model' pdbx_initial_refinement_model      
# 
loop_
_pdbx_audit_revision_item.ordinal 
_pdbx_audit_revision_item.revision_ordinal 
_pdbx_audit_revision_item.data_content_type 
_pdbx_audit_revision_item.item 
1 4 'Structure model' '_audit_author.name'                  
2 4 'Structure model' '_citation_author.name'               
3 5 'Structure model' '_database_2.pdbx_DOI'                
4 5 'Structure model' '_database_2.pdbx_database_accession' 
5 5 'Structure model' '_struct_ref_seq_dif.details'         
# 
loop_
_pdbx_refine_tls.id 
_pdbx_refine_tls.details 
_pdbx_refine_tls.method 
_pdbx_refine_tls.origin_x 
_pdbx_refine_tls.origin_y 
_pdbx_refine_tls.origin_z 
_pdbx_refine_tls.T[1][1] 
_pdbx_refine_tls.T[2][2] 
_pdbx_refine_tls.T[3][3] 
_pdbx_refine_tls.T[1][2] 
_pdbx_refine_tls.T[1][3] 
_pdbx_refine_tls.T[2][3] 
_pdbx_refine_tls.L[1][1] 
_pdbx_refine_tls.L[2][2] 
_pdbx_refine_tls.L[3][3] 
_pdbx_refine_tls.L[1][2] 
_pdbx_refine_tls.L[1][3] 
_pdbx_refine_tls.L[2][3] 
_pdbx_refine_tls.S[1][1] 
_pdbx_refine_tls.S[2][2] 
_pdbx_refine_tls.S[3][3] 
_pdbx_refine_tls.S[1][2] 
_pdbx_refine_tls.S[1][3] 
_pdbx_refine_tls.S[2][3] 
_pdbx_refine_tls.S[2][1] 
_pdbx_refine_tls.S[3][1] 
_pdbx_refine_tls.S[3][2] 
_pdbx_refine_tls.pdbx_refine_id 
1 ? refined -10.8195 -10.8835 -4.0322 0.0831 0.0377 0.0564 -0.0104 0.0172 0.0038 3.2838 0.5346 1.1829 0.5957 0.9715  0.2610 0.1071 -0.0644 -0.0426 -0.3411 -0.0907 0.0092  0.0642  0.0611  -0.1353 'X-RAY DIFFRACTION' 
2 ? refined 6.8906   1.2637   -5.3959 0.0491 0.0394 0.0390 -0.0083 0.0238 0.0022 3.3422 2.1378 1.7611 0.3659 1.3220  0.4234 0.0021 0.0044  -0.0065 0.2405  -0.0384 -0.2347 -0.2131 -0.0160 0.2318  'X-RAY DIFFRACTION' 
3 ? refined 1.4292   5.0066   8.0984  0.0860 0.0767 0.0608 -0.0006 0.0014 0.0080 2.1107 1.2579 0.8868 0.5315 -0.0066 0.5948 0.0318 -0.0649 0.0331  -0.2910 0.0275  0.0165  0.2463  -0.0137 0.0016  'X-RAY DIFFRACTION' 
# 
loop_
_pdbx_refine_tls_group.id 
_pdbx_refine_tls_group.refine_tls_id 
_pdbx_refine_tls_group.beg_auth_asym_id 
_pdbx_refine_tls_group.end_auth_asym_id 
_pdbx_refine_tls_group.end_auth_seq_id 
_pdbx_refine_tls_group.selection 
_pdbx_refine_tls_group.beg_auth_seq_id 
_pdbx_refine_tls_group.beg_label_asym_id 
_pdbx_refine_tls_group.beg_label_seq_id 
_pdbx_refine_tls_group.end_label_asym_id 
_pdbx_refine_tls_group.end_label_seq_id 
_pdbx_refine_tls_group.pdbx_refine_id 
_pdbx_refine_tls_group.selection_details 
1 1 A A 33  ? 4  . . . . 'X-RAY DIFFRACTION' ? 
2 2 A A 71  ? 34 . . . . 'X-RAY DIFFRACTION' ? 
3 3 A A 117 ? 72 . . . . 'X-RAY DIFFRACTION' ? 
# 
_pdbx_phasing_MR.entry_id                     3FKC 
_pdbx_phasing_MR.method_rotation              ? 
_pdbx_phasing_MR.method_translation           ? 
_pdbx_phasing_MR.model_details                'Phaser MODE: MR_AUTO' 
_pdbx_phasing_MR.R_factor                     60.160 
_pdbx_phasing_MR.R_rigid_body                 ? 
_pdbx_phasing_MR.correlation_coeff_Fo_to_Fc   ? 
_pdbx_phasing_MR.correlation_coeff_Io_to_Ic   ? 
_pdbx_phasing_MR.d_res_high_rotation          2.500 
_pdbx_phasing_MR.d_res_low_rotation           36.440 
_pdbx_phasing_MR.d_res_high_translation       2.500 
_pdbx_phasing_MR.d_res_low_translation        36.440 
_pdbx_phasing_MR.packing                      ? 
_pdbx_phasing_MR.reflns_percent_rotation      ? 
_pdbx_phasing_MR.reflns_percent_translation   ? 
_pdbx_phasing_MR.sigma_F_rotation             ? 
_pdbx_phasing_MR.sigma_F_translation          ? 
_pdbx_phasing_MR.sigma_I_rotation             ? 
_pdbx_phasing_MR.sigma_I_translation          ? 
# 
_phasing.method   MR 
# 
loop_
_software.name 
_software.version 
_software.date 
_software.type 
_software.contact_author 
_software.contact_author_email 
_software.classification 
_software.location 
_software.language 
_software.citation_id 
_software.pdbx_ordinal 
MOSFLM       .     ?               package 'Andrew G.W. Leslie' andrew@mrc-lmb.cam.ac.uk    'data reduction'  
http://www.mrc-lmb.cam.ac.uk/harry/mosflm/   ?          ? 1 
SCALA        3.3.2 9/11/2007       other   'Phil R. Evans'      pre@mrc-lmb.cam.ac.uk       'data scaling'    
http://www.ccp4.ac.uk/dist/html/scala.html   Fortran_77 ? 2 
PHASER       .     ?               program 'Randy J. Read'      cimr-phaser@lists.cam.ac.uk phasing           
http://www-structmed.cimr.cam.ac.uk/phaser/  ?          ? 3 
REFMAC       .     ?               program 'Garib N. Murshudov' garib@ysbl.york.ac.uk       refinement        
http://www.ccp4.ac.uk/dist/html/refmac5.html Fortran_77 ? 4 
PDB_EXTRACT  3.006 'June 11, 2008' package PDB                  help@deposit.rcsb.org       'data extraction' 
http://sw-tools.pdb.org/apps/PDB_EXTRACT/    C++        ? 5 
CrystalClear .     ?               ?       ?                    ?                           'data collection' ? ?          ? 6 
# 
loop_
_pdbx_validate_close_contact.id 
_pdbx_validate_close_contact.PDB_model_num 
_pdbx_validate_close_contact.auth_atom_id_1 
_pdbx_validate_close_contact.auth_asym_id_1 
_pdbx_validate_close_contact.auth_comp_id_1 
_pdbx_validate_close_contact.auth_seq_id_1 
_pdbx_validate_close_contact.PDB_ins_code_1 
_pdbx_validate_close_contact.label_alt_id_1 
_pdbx_validate_close_contact.auth_atom_id_2 
_pdbx_validate_close_contact.auth_asym_id_2 
_pdbx_validate_close_contact.auth_comp_id_2 
_pdbx_validate_close_contact.auth_seq_id_2 
_pdbx_validate_close_contact.PDB_ins_code_2 
_pdbx_validate_close_contact.label_alt_id_2 
_pdbx_validate_close_contact.dist 
1 1 O   A HOH 164 ? ? O A HOH 192 ? ? 2.01 
2 1 OE2 A GLU 80  ? B O A HOH 213 ? ? 2.07 
3 1 OG  A SER 104 ? A O A HOH 131 ? ? 2.14 
# 
loop_
_pdbx_validate_symm_contact.id 
_pdbx_validate_symm_contact.PDB_model_num 
_pdbx_validate_symm_contact.auth_atom_id_1 
_pdbx_validate_symm_contact.auth_asym_id_1 
_pdbx_validate_symm_contact.auth_comp_id_1 
_pdbx_validate_symm_contact.auth_seq_id_1 
_pdbx_validate_symm_contact.PDB_ins_code_1 
_pdbx_validate_symm_contact.label_alt_id_1 
_pdbx_validate_symm_contact.site_symmetry_1 
_pdbx_validate_symm_contact.auth_atom_id_2 
_pdbx_validate_symm_contact.auth_asym_id_2 
_pdbx_validate_symm_contact.auth_comp_id_2 
_pdbx_validate_symm_contact.auth_seq_id_2 
_pdbx_validate_symm_contact.PDB_ins_code_2 
_pdbx_validate_symm_contact.label_alt_id_2 
_pdbx_validate_symm_contact.site_symmetry_2 
_pdbx_validate_symm_contact.dist 
1 1 O A HOH 121 ? ? 1_555 O A HOH 122 ? ? 7_554 2.00 
2 1 O A HOH 202 ? ? 1_555 O A HOH 222 ? ? 7_554 2.15 
# 
loop_
_pdbx_validate_torsion.id 
_pdbx_validate_torsion.PDB_model_num 
_pdbx_validate_torsion.auth_comp_id 
_pdbx_validate_torsion.auth_asym_id 
_pdbx_validate_torsion.auth_seq_id 
_pdbx_validate_torsion.PDB_ins_code 
_pdbx_validate_torsion.label_alt_id 
_pdbx_validate_torsion.phi 
_pdbx_validate_torsion.psi 
1 1 GLU A 39 ? ? 50.43   -118.62 
2 1 SER A 87 ? ? -147.50 -21.30  
3 1 SER A 88 ? ? 79.45   -1.42   
# 
loop_
_pdbx_unobs_or_zero_occ_atoms.id 
_pdbx_unobs_or_zero_occ_atoms.PDB_model_num 
_pdbx_unobs_or_zero_occ_atoms.polymer_flag 
_pdbx_unobs_or_zero_occ_atoms.occupancy_flag 
_pdbx_unobs_or_zero_occ_atoms.auth_asym_id 
_pdbx_unobs_or_zero_occ_atoms.auth_comp_id 
_pdbx_unobs_or_zero_occ_atoms.auth_seq_id 
_pdbx_unobs_or_zero_occ_atoms.PDB_ins_code 
_pdbx_unobs_or_zero_occ_atoms.auth_atom_id 
_pdbx_unobs_or_zero_occ_atoms.label_alt_id 
_pdbx_unobs_or_zero_occ_atoms.label_asym_id 
_pdbx_unobs_or_zero_occ_atoms.label_comp_id 
_pdbx_unobs_or_zero_occ_atoms.label_seq_id 
_pdbx_unobs_or_zero_occ_atoms.label_atom_id 
1  1 Y 1 A ARG 4   ? CG  ? A ARG 4   CG  
2  1 Y 1 A ARG 4   ? CD  ? A ARG 4   CD  
3  1 Y 1 A ARG 4   ? NE  ? A ARG 4   NE  
4  1 Y 1 A ARG 4   ? CZ  ? A ARG 4   CZ  
5  1 Y 1 A ARG 4   ? NH1 ? A ARG 4   NH1 
6  1 Y 1 A ARG 4   ? NH2 ? A ARG 4   NH2 
7  1 Y 1 A GLN 59  ? CD  ? A GLN 59  CD  
8  1 Y 1 A GLN 59  ? OE1 ? A GLN 59  OE1 
9  1 Y 1 A GLN 59  ? NE2 ? A GLN 59  NE2 
10 1 Y 1 A LYS 103 ? CD  ? A LYS 103 CD  
11 1 Y 1 A LYS 103 ? CE  ? A LYS 103 CE  
12 1 Y 1 A LYS 103 ? NZ  ? A LYS 103 NZ  
13 1 Y 1 A LYS 111 ? CG  ? A LYS 111 CG  
14 1 Y 1 A LYS 111 ? CD  ? A LYS 111 CD  
15 1 Y 1 A LYS 111 ? CE  ? A LYS 111 CE  
16 1 Y 1 A LYS 111 ? NZ  ? A LYS 111 NZ  
# 
loop_
_pdbx_unobs_or_zero_occ_residues.id 
_pdbx_unobs_or_zero_occ_residues.PDB_model_num 
_pdbx_unobs_or_zero_occ_residues.polymer_flag 
_pdbx_unobs_or_zero_occ_residues.occupancy_flag 
_pdbx_unobs_or_zero_occ_residues.auth_asym_id 
_pdbx_unobs_or_zero_occ_residues.auth_comp_id 
_pdbx_unobs_or_zero_occ_residues.auth_seq_id 
_pdbx_unobs_or_zero_occ_residues.PDB_ins_code 
_pdbx_unobs_or_zero_occ_residues.label_asym_id 
_pdbx_unobs_or_zero_occ_residues.label_comp_id 
_pdbx_unobs_or_zero_occ_residues.label_seq_id 
1 1 Y 1 A MET 1 ? A MET 1 
2 1 Y 1 A GLU 2 ? A GLU 2 
3 1 Y 1 A SER 3 ? A SER 3 
# 
loop_
_chem_comp_atom.comp_id 
_chem_comp_atom.atom_id 
_chem_comp_atom.type_symbol 
_chem_comp_atom.pdbx_aromatic_flag 
_chem_comp_atom.pdbx_stereo_config 
_chem_comp_atom.pdbx_ordinal 
ALA N    N N N 1   
ALA CA   C N S 2   
ALA C    C N N 3   
ALA O    O N N 4   
ALA CB   C N N 5   
ALA OXT  O N N 6   
ALA H    H N N 7   
ALA H2   H N N 8   
ALA HA   H N N 9   
ALA HB1  H N N 10  
ALA HB2  H N N 11  
ALA HB3  H N N 12  
ALA HXT  H N N 13  
ARG N    N N N 14  
ARG CA   C N S 15  
ARG C    C N N 16  
ARG O    O N N 17  
ARG CB   C N N 18  
ARG CG   C N N 19  
ARG CD   C N N 20  
ARG NE   N N N 21  
ARG CZ   C N N 22  
ARG NH1  N N N 23  
ARG NH2  N N N 24  
ARG OXT  O N N 25  
ARG H    H N N 26  
ARG H2   H N N 27  
ARG HA   H N N 28  
ARG HB2  H N N 29  
ARG HB3  H N N 30  
ARG HG2  H N N 31  
ARG HG3  H N N 32  
ARG HD2  H N N 33  
ARG HD3  H N N 34  
ARG HE   H N N 35  
ARG HH11 H N N 36  
ARG HH12 H N N 37  
ARG HH21 H N N 38  
ARG HH22 H N N 39  
ARG HXT  H N N 40  
ASN N    N N N 41  
ASN CA   C N S 42  
ASN C    C N N 43  
ASN O    O N N 44  
ASN CB   C N N 45  
ASN CG   C N N 46  
ASN OD1  O N N 47  
ASN ND2  N N N 48  
ASN OXT  O N N 49  
ASN H    H N N 50  
ASN H2   H N N 51  
ASN HA   H N N 52  
ASN HB2  H N N 53  
ASN HB3  H N N 54  
ASN HD21 H N N 55  
ASN HD22 H N N 56  
ASN HXT  H N N 57  
ASP N    N N N 58  
ASP CA   C N S 59  
ASP C    C N N 60  
ASP O    O N N 61  
ASP CB   C N N 62  
ASP CG   C N N 63  
ASP OD1  O N N 64  
ASP OD2  O N N 65  
ASP OXT  O N N 66  
ASP H    H N N 67  
ASP H2   H N N 68  
ASP HA   H N N 69  
ASP HB2  H N N 70  
ASP HB3  H N N 71  
ASP HD2  H N N 72  
ASP HXT  H N N 73  
CYS N    N N N 74  
CYS CA   C N R 75  
CYS C    C N N 76  
CYS O    O N N 77  
CYS CB   C N N 78  
CYS SG   S N N 79  
CYS OXT  O N N 80  
CYS H    H N N 81  
CYS H2   H N N 82  
CYS HA   H N N 83  
CYS HB2  H N N 84  
CYS HB3  H N N 85  
CYS HG   H N N 86  
CYS HXT  H N N 87  
GLN N    N N N 88  
GLN CA   C N S 89  
GLN C    C N N 90  
GLN O    O N N 91  
GLN CB   C N N 92  
GLN CG   C N N 93  
GLN CD   C N N 94  
GLN OE1  O N N 95  
GLN NE2  N N N 96  
GLN OXT  O N N 97  
GLN H    H N N 98  
GLN H2   H N N 99  
GLN HA   H N N 100 
GLN HB2  H N N 101 
GLN HB3  H N N 102 
GLN HG2  H N N 103 
GLN HG3  H N N 104 
GLN HE21 H N N 105 
GLN HE22 H N N 106 
GLN HXT  H N N 107 
GLU N    N N N 108 
GLU CA   C N S 109 
GLU C    C N N 110 
GLU O    O N N 111 
GLU CB   C N N 112 
GLU CG   C N N 113 
GLU CD   C N N 114 
GLU OE1  O N N 115 
GLU OE2  O N N 116 
GLU OXT  O N N 117 
GLU H    H N N 118 
GLU H2   H N N 119 
GLU HA   H N N 120 
GLU HB2  H N N 121 
GLU HB3  H N N 122 
GLU HG2  H N N 123 
GLU HG3  H N N 124 
GLU HE2  H N N 125 
GLU HXT  H N N 126 
GLY N    N N N 127 
GLY CA   C N N 128 
GLY C    C N N 129 
GLY O    O N N 130 
GLY OXT  O N N 131 
GLY H    H N N 132 
GLY H2   H N N 133 
GLY HA2  H N N 134 
GLY HA3  H N N 135 
GLY HXT  H N N 136 
HIS N    N N N 137 
HIS CA   C N S 138 
HIS C    C N N 139 
HIS O    O N N 140 
HIS CB   C N N 141 
HIS CG   C Y N 142 
HIS ND1  N Y N 143 
HIS CD2  C Y N 144 
HIS CE1  C Y N 145 
HIS NE2  N Y N 146 
HIS OXT  O N N 147 
HIS H    H N N 148 
HIS H2   H N N 149 
HIS HA   H N N 150 
HIS HB2  H N N 151 
HIS HB3  H N N 152 
HIS HD1  H N N 153 
HIS HD2  H N N 154 
HIS HE1  H N N 155 
HIS HE2  H N N 156 
HIS HXT  H N N 157 
HOH O    O N N 158 
HOH H1   H N N 159 
HOH H2   H N N 160 
ILE N    N N N 161 
ILE CA   C N S 162 
ILE C    C N N 163 
ILE O    O N N 164 
ILE CB   C N S 165 
ILE CG1  C N N 166 
ILE CG2  C N N 167 
ILE CD1  C N N 168 
ILE OXT  O N N 169 
ILE H    H N N 170 
ILE H2   H N N 171 
ILE HA   H N N 172 
ILE HB   H N N 173 
ILE HG12 H N N 174 
ILE HG13 H N N 175 
ILE HG21 H N N 176 
ILE HG22 H N N 177 
ILE HG23 H N N 178 
ILE HD11 H N N 179 
ILE HD12 H N N 180 
ILE HD13 H N N 181 
ILE HXT  H N N 182 
LEU N    N N N 183 
LEU CA   C N S 184 
LEU C    C N N 185 
LEU O    O N N 186 
LEU CB   C N N 187 
LEU CG   C N N 188 
LEU CD1  C N N 189 
LEU CD2  C N N 190 
LEU OXT  O N N 191 
LEU H    H N N 192 
LEU H2   H N N 193 
LEU HA   H N N 194 
LEU HB2  H N N 195 
LEU HB3  H N N 196 
LEU HG   H N N 197 
LEU HD11 H N N 198 
LEU HD12 H N N 199 
LEU HD13 H N N 200 
LEU HD21 H N N 201 
LEU HD22 H N N 202 
LEU HD23 H N N 203 
LEU HXT  H N N 204 
LYS N    N N N 205 
LYS CA   C N S 206 
LYS C    C N N 207 
LYS O    O N N 208 
LYS CB   C N N 209 
LYS CG   C N N 210 
LYS CD   C N N 211 
LYS CE   C N N 212 
LYS NZ   N N N 213 
LYS OXT  O N N 214 
LYS H    H N N 215 
LYS H2   H N N 216 
LYS HA   H N N 217 
LYS HB2  H N N 218 
LYS HB3  H N N 219 
LYS HG2  H N N 220 
LYS HG3  H N N 221 
LYS HD2  H N N 222 
LYS HD3  H N N 223 
LYS HE2  H N N 224 
LYS HE3  H N N 225 
LYS HZ1  H N N 226 
LYS HZ2  H N N 227 
LYS HZ3  H N N 228 
LYS HXT  H N N 229 
MET N    N N N 230 
MET CA   C N S 231 
MET C    C N N 232 
MET O    O N N 233 
MET CB   C N N 234 
MET CG   C N N 235 
MET SD   S N N 236 
MET CE   C N N 237 
MET OXT  O N N 238 
MET H    H N N 239 
MET H2   H N N 240 
MET HA   H N N 241 
MET HB2  H N N 242 
MET HB3  H N N 243 
MET HG2  H N N 244 
MET HG3  H N N 245 
MET HE1  H N N 246 
MET HE2  H N N 247 
MET HE3  H N N 248 
MET HXT  H N N 249 
PHE N    N N N 250 
PHE CA   C N S 251 
PHE C    C N N 252 
PHE O    O N N 253 
PHE CB   C N N 254 
PHE CG   C Y N 255 
PHE CD1  C Y N 256 
PHE CD2  C Y N 257 
PHE CE1  C Y N 258 
PHE CE2  C Y N 259 
PHE CZ   C Y N 260 
PHE OXT  O N N 261 
PHE H    H N N 262 
PHE H2   H N N 263 
PHE HA   H N N 264 
PHE HB2  H N N 265 
PHE HB3  H N N 266 
PHE HD1  H N N 267 
PHE HD2  H N N 268 
PHE HE1  H N N 269 
PHE HE2  H N N 270 
PHE HZ   H N N 271 
PHE HXT  H N N 272 
SER N    N N N 273 
SER CA   C N S 274 
SER C    C N N 275 
SER O    O N N 276 
SER CB   C N N 277 
SER OG   O N N 278 
SER OXT  O N N 279 
SER H    H N N 280 
SER H2   H N N 281 
SER HA   H N N 282 
SER HB2  H N N 283 
SER HB3  H N N 284 
SER HG   H N N 285 
SER HXT  H N N 286 
THR N    N N N 287 
THR CA   C N S 288 
THR C    C N N 289 
THR O    O N N 290 
THR CB   C N R 291 
THR OG1  O N N 292 
THR CG2  C N N 293 
THR OXT  O N N 294 
THR H    H N N 295 
THR H2   H N N 296 
THR HA   H N N 297 
THR HB   H N N 298 
THR HG1  H N N 299 
THR HG21 H N N 300 
THR HG22 H N N 301 
THR HG23 H N N 302 
THR HXT  H N N 303 
TYR N    N N N 304 
TYR CA   C N S 305 
TYR C    C N N 306 
TYR O    O N N 307 
TYR CB   C N N 308 
TYR CG   C Y N 309 
TYR CD1  C Y N 310 
TYR CD2  C Y N 311 
TYR CE1  C Y N 312 
TYR CE2  C Y N 313 
TYR CZ   C Y N 314 
TYR OH   O N N 315 
TYR OXT  O N N 316 
TYR H    H N N 317 
TYR H2   H N N 318 
TYR HA   H N N 319 
TYR HB2  H N N 320 
TYR HB3  H N N 321 
TYR HD1  H N N 322 
TYR HD2  H N N 323 
TYR HE1  H N N 324 
TYR HE2  H N N 325 
TYR HH   H N N 326 
TYR HXT  H N N 327 
VAL N    N N N 328 
VAL CA   C N S 329 
VAL C    C N N 330 
VAL O    O N N 331 
VAL CB   C N N 332 
VAL CG1  C N N 333 
VAL CG2  C N N 334 
VAL OXT  O N N 335 
VAL H    H N N 336 
VAL H2   H N N 337 
VAL HA   H N N 338 
VAL HB   H N N 339 
VAL HG11 H N N 340 
VAL HG12 H N N 341 
VAL HG13 H N N 342 
VAL HG21 H N N 343 
VAL HG22 H N N 344 
VAL HG23 H N N 345 
VAL HXT  H N N 346 
# 
loop_
_chem_comp_bond.comp_id 
_chem_comp_bond.atom_id_1 
_chem_comp_bond.atom_id_2 
_chem_comp_bond.value_order 
_chem_comp_bond.pdbx_aromatic_flag 
_chem_comp_bond.pdbx_stereo_config 
_chem_comp_bond.pdbx_ordinal 
ALA N   CA   sing N N 1   
ALA N   H    sing N N 2   
ALA N   H2   sing N N 3   
ALA CA  C    sing N N 4   
ALA CA  CB   sing N N 5   
ALA CA  HA   sing N N 6   
ALA C   O    doub N N 7   
ALA C   OXT  sing N N 8   
ALA CB  HB1  sing N N 9   
ALA CB  HB2  sing N N 10  
ALA CB  HB3  sing N N 11  
ALA OXT HXT  sing N N 12  
ARG N   CA   sing N N 13  
ARG N   H    sing N N 14  
ARG N   H2   sing N N 15  
ARG CA  C    sing N N 16  
ARG CA  CB   sing N N 17  
ARG CA  HA   sing N N 18  
ARG C   O    doub N N 19  
ARG C   OXT  sing N N 20  
ARG CB  CG   sing N N 21  
ARG CB  HB2  sing N N 22  
ARG CB  HB3  sing N N 23  
ARG CG  CD   sing N N 24  
ARG CG  HG2  sing N N 25  
ARG CG  HG3  sing N N 26  
ARG CD  NE   sing N N 27  
ARG CD  HD2  sing N N 28  
ARG CD  HD3  sing N N 29  
ARG NE  CZ   sing N N 30  
ARG NE  HE   sing N N 31  
ARG CZ  NH1  sing N N 32  
ARG CZ  NH2  doub N N 33  
ARG NH1 HH11 sing N N 34  
ARG NH1 HH12 sing N N 35  
ARG NH2 HH21 sing N N 36  
ARG NH2 HH22 sing N N 37  
ARG OXT HXT  sing N N 38  
ASN N   CA   sing N N 39  
ASN N   H    sing N N 40  
ASN N   H2   sing N N 41  
ASN CA  C    sing N N 42  
ASN CA  CB   sing N N 43  
ASN CA  HA   sing N N 44  
ASN C   O    doub N N 45  
ASN C   OXT  sing N N 46  
ASN CB  CG   sing N N 47  
ASN CB  HB2  sing N N 48  
ASN CB  HB3  sing N N 49  
ASN CG  OD1  doub N N 50  
ASN CG  ND2  sing N N 51  
ASN ND2 HD21 sing N N 52  
ASN ND2 HD22 sing N N 53  
ASN OXT HXT  sing N N 54  
ASP N   CA   sing N N 55  
ASP N   H    sing N N 56  
ASP N   H2   sing N N 57  
ASP CA  C    sing N N 58  
ASP CA  CB   sing N N 59  
ASP CA  HA   sing N N 60  
ASP C   O    doub N N 61  
ASP C   OXT  sing N N 62  
ASP CB  CG   sing N N 63  
ASP CB  HB2  sing N N 64  
ASP CB  HB3  sing N N 65  
ASP CG  OD1  doub N N 66  
ASP CG  OD2  sing N N 67  
ASP OD2 HD2  sing N N 68  
ASP OXT HXT  sing N N 69  
CYS N   CA   sing N N 70  
CYS N   H    sing N N 71  
CYS N   H2   sing N N 72  
CYS CA  C    sing N N 73  
CYS CA  CB   sing N N 74  
CYS CA  HA   sing N N 75  
CYS C   O    doub N N 76  
CYS C   OXT  sing N N 77  
CYS CB  SG   sing N N 78  
CYS CB  HB2  sing N N 79  
CYS CB  HB3  sing N N 80  
CYS SG  HG   sing N N 81  
CYS OXT HXT  sing N N 82  
GLN N   CA   sing N N 83  
GLN N   H    sing N N 84  
GLN N   H2   sing N N 85  
GLN CA  C    sing N N 86  
GLN CA  CB   sing N N 87  
GLN CA  HA   sing N N 88  
GLN C   O    doub N N 89  
GLN C   OXT  sing N N 90  
GLN CB  CG   sing N N 91  
GLN CB  HB2  sing N N 92  
GLN CB  HB3  sing N N 93  
GLN CG  CD   sing N N 94  
GLN CG  HG2  sing N N 95  
GLN CG  HG3  sing N N 96  
GLN CD  OE1  doub N N 97  
GLN CD  NE2  sing N N 98  
GLN NE2 HE21 sing N N 99  
GLN NE2 HE22 sing N N 100 
GLN OXT HXT  sing N N 101 
GLU N   CA   sing N N 102 
GLU N   H    sing N N 103 
GLU N   H2   sing N N 104 
GLU CA  C    sing N N 105 
GLU CA  CB   sing N N 106 
GLU CA  HA   sing N N 107 
GLU C   O    doub N N 108 
GLU C   OXT  sing N N 109 
GLU CB  CG   sing N N 110 
GLU CB  HB2  sing N N 111 
GLU CB  HB3  sing N N 112 
GLU CG  CD   sing N N 113 
GLU CG  HG2  sing N N 114 
GLU CG  HG3  sing N N 115 
GLU CD  OE1  doub N N 116 
GLU CD  OE2  sing N N 117 
GLU OE2 HE2  sing N N 118 
GLU OXT HXT  sing N N 119 
GLY N   CA   sing N N 120 
GLY N   H    sing N N 121 
GLY N   H2   sing N N 122 
GLY CA  C    sing N N 123 
GLY CA  HA2  sing N N 124 
GLY CA  HA3  sing N N 125 
GLY C   O    doub N N 126 
GLY C   OXT  sing N N 127 
GLY OXT HXT  sing N N 128 
HIS N   CA   sing N N 129 
HIS N   H    sing N N 130 
HIS N   H2   sing N N 131 
HIS CA  C    sing N N 132 
HIS CA  CB   sing N N 133 
HIS CA  HA   sing N N 134 
HIS C   O    doub N N 135 
HIS C   OXT  sing N N 136 
HIS CB  CG   sing N N 137 
HIS CB  HB2  sing N N 138 
HIS CB  HB3  sing N N 139 
HIS CG  ND1  sing Y N 140 
HIS CG  CD2  doub Y N 141 
HIS ND1 CE1  doub Y N 142 
HIS ND1 HD1  sing N N 143 
HIS CD2 NE2  sing Y N 144 
HIS CD2 HD2  sing N N 145 
HIS CE1 NE2  sing Y N 146 
HIS CE1 HE1  sing N N 147 
HIS NE2 HE2  sing N N 148 
HIS OXT HXT  sing N N 149 
HOH O   H1   sing N N 150 
HOH O   H2   sing N N 151 
ILE N   CA   sing N N 152 
ILE N   H    sing N N 153 
ILE N   H2   sing N N 154 
ILE CA  C    sing N N 155 
ILE CA  CB   sing N N 156 
ILE CA  HA   sing N N 157 
ILE C   O    doub N N 158 
ILE C   OXT  sing N N 159 
ILE CB  CG1  sing N N 160 
ILE CB  CG2  sing N N 161 
ILE CB  HB   sing N N 162 
ILE CG1 CD1  sing N N 163 
ILE CG1 HG12 sing N N 164 
ILE CG1 HG13 sing N N 165 
ILE CG2 HG21 sing N N 166 
ILE CG2 HG22 sing N N 167 
ILE CG2 HG23 sing N N 168 
ILE CD1 HD11 sing N N 169 
ILE CD1 HD12 sing N N 170 
ILE CD1 HD13 sing N N 171 
ILE OXT HXT  sing N N 172 
LEU N   CA   sing N N 173 
LEU N   H    sing N N 174 
LEU N   H2   sing N N 175 
LEU CA  C    sing N N 176 
LEU CA  CB   sing N N 177 
LEU CA  HA   sing N N 178 
LEU C   O    doub N N 179 
LEU C   OXT  sing N N 180 
LEU CB  CG   sing N N 181 
LEU CB  HB2  sing N N 182 
LEU CB  HB3  sing N N 183 
LEU CG  CD1  sing N N 184 
LEU CG  CD2  sing N N 185 
LEU CG  HG   sing N N 186 
LEU CD1 HD11 sing N N 187 
LEU CD1 HD12 sing N N 188 
LEU CD1 HD13 sing N N 189 
LEU CD2 HD21 sing N N 190 
LEU CD2 HD22 sing N N 191 
LEU CD2 HD23 sing N N 192 
LEU OXT HXT  sing N N 193 
LYS N   CA   sing N N 194 
LYS N   H    sing N N 195 
LYS N   H2   sing N N 196 
LYS CA  C    sing N N 197 
LYS CA  CB   sing N N 198 
LYS CA  HA   sing N N 199 
LYS C   O    doub N N 200 
LYS C   OXT  sing N N 201 
LYS CB  CG   sing N N 202 
LYS CB  HB2  sing N N 203 
LYS CB  HB3  sing N N 204 
LYS CG  CD   sing N N 205 
LYS CG  HG2  sing N N 206 
LYS CG  HG3  sing N N 207 
LYS CD  CE   sing N N 208 
LYS CD  HD2  sing N N 209 
LYS CD  HD3  sing N N 210 
LYS CE  NZ   sing N N 211 
LYS CE  HE2  sing N N 212 
LYS CE  HE3  sing N N 213 
LYS NZ  HZ1  sing N N 214 
LYS NZ  HZ2  sing N N 215 
LYS NZ  HZ3  sing N N 216 
LYS OXT HXT  sing N N 217 
MET N   CA   sing N N 218 
MET N   H    sing N N 219 
MET N   H2   sing N N 220 
MET CA  C    sing N N 221 
MET CA  CB   sing N N 222 
MET CA  HA   sing N N 223 
MET C   O    doub N N 224 
MET C   OXT  sing N N 225 
MET CB  CG   sing N N 226 
MET CB  HB2  sing N N 227 
MET CB  HB3  sing N N 228 
MET CG  SD   sing N N 229 
MET CG  HG2  sing N N 230 
MET CG  HG3  sing N N 231 
MET SD  CE   sing N N 232 
MET CE  HE1  sing N N 233 
MET CE  HE2  sing N N 234 
MET CE  HE3  sing N N 235 
MET OXT HXT  sing N N 236 
PHE N   CA   sing N N 237 
PHE N   H    sing N N 238 
PHE N   H2   sing N N 239 
PHE CA  C    sing N N 240 
PHE CA  CB   sing N N 241 
PHE CA  HA   sing N N 242 
PHE C   O    doub N N 243 
PHE C   OXT  sing N N 244 
PHE CB  CG   sing N N 245 
PHE CB  HB2  sing N N 246 
PHE CB  HB3  sing N N 247 
PHE CG  CD1  doub Y N 248 
PHE CG  CD2  sing Y N 249 
PHE CD1 CE1  sing Y N 250 
PHE CD1 HD1  sing N N 251 
PHE CD2 CE2  doub Y N 252 
PHE CD2 HD2  sing N N 253 
PHE CE1 CZ   doub Y N 254 
PHE CE1 HE1  sing N N 255 
PHE CE2 CZ   sing Y N 256 
PHE CE2 HE2  sing N N 257 
PHE CZ  HZ   sing N N 258 
PHE OXT HXT  sing N N 259 
SER N   CA   sing N N 260 
SER N   H    sing N N 261 
SER N   H2   sing N N 262 
SER CA  C    sing N N 263 
SER CA  CB   sing N N 264 
SER CA  HA   sing N N 265 
SER C   O    doub N N 266 
SER C   OXT  sing N N 267 
SER CB  OG   sing N N 268 
SER CB  HB2  sing N N 269 
SER CB  HB3  sing N N 270 
SER OG  HG   sing N N 271 
SER OXT HXT  sing N N 272 
THR N   CA   sing N N 273 
THR N   H    sing N N 274 
THR N   H2   sing N N 275 
THR CA  C    sing N N 276 
THR CA  CB   sing N N 277 
THR CA  HA   sing N N 278 
THR C   O    doub N N 279 
THR C   OXT  sing N N 280 
THR CB  OG1  sing N N 281 
THR CB  CG2  sing N N 282 
THR CB  HB   sing N N 283 
THR OG1 HG1  sing N N 284 
THR CG2 HG21 sing N N 285 
THR CG2 HG22 sing N N 286 
THR CG2 HG23 sing N N 287 
THR OXT HXT  sing N N 288 
TYR N   CA   sing N N 289 
TYR N   H    sing N N 290 
TYR N   H2   sing N N 291 
TYR CA  C    sing N N 292 
TYR CA  CB   sing N N 293 
TYR CA  HA   sing N N 294 
TYR C   O    doub N N 295 
TYR C   OXT  sing N N 296 
TYR CB  CG   sing N N 297 
TYR CB  HB2  sing N N 298 
TYR CB  HB3  sing N N 299 
TYR CG  CD1  doub Y N 300 
TYR CG  CD2  sing Y N 301 
TYR CD1 CE1  sing Y N 302 
TYR CD1 HD1  sing N N 303 
TYR CD2 CE2  doub Y N 304 
TYR CD2 HD2  sing N N 305 
TYR CE1 CZ   doub Y N 306 
TYR CE1 HE1  sing N N 307 
TYR CE2 CZ   sing Y N 308 
TYR CE2 HE2  sing N N 309 
TYR CZ  OH   sing N N 310 
TYR OH  HH   sing N N 311 
TYR OXT HXT  sing N N 312 
VAL N   CA   sing N N 313 
VAL N   H    sing N N 314 
VAL N   H2   sing N N 315 
VAL CA  C    sing N N 316 
VAL CA  CB   sing N N 317 
VAL CA  HA   sing N N 318 
VAL C   O    doub N N 319 
VAL C   OXT  sing N N 320 
VAL CB  CG1  sing N N 321 
VAL CB  CG2  sing N N 322 
VAL CB  HB   sing N N 323 
VAL CG1 HG11 sing N N 324 
VAL CG1 HG12 sing N N 325 
VAL CG1 HG13 sing N N 326 
VAL CG2 HG21 sing N N 327 
VAL CG2 HG22 sing N N 328 
VAL CG2 HG23 sing N N 329 
VAL OXT HXT  sing N N 330 
# 
_pdbx_entity_nonpoly.entity_id   2 
_pdbx_entity_nonpoly.name        water 
_pdbx_entity_nonpoly.comp_id     HOH 
# 
loop_
_pdbx_initial_refinement_model.id 
_pdbx_initial_refinement_model.entity_id_list 
_pdbx_initial_refinement_model.type 
_pdbx_initial_refinement_model.source_name 
_pdbx_initial_refinement_model.accession_code 
_pdbx_initial_refinement_model.details 
1 ? 'experimental model' PDB 2VKP 'PDB ENTRIES 2VKP,2IF5,2NN2,2IHC,1BUO,1CS3' 
2 ? 'experimental model' PDB 2IF5 'PDB ENTRIES 2VKP,2IF5,2NN2,2IHC,1BUO,1CS3' 
3 ? 'experimental model' PDB 2NN2 'PDB ENTRIES 2VKP,2IF5,2NN2,2IHC,1BUO,1CS3' 
4 ? 'experimental model' PDB 2IHC 'PDB ENTRIES 2VKP,2IF5,2NN2,2IHC,1BUO,1CS3' 
5 ? 'experimental model' PDB 1BUO 'PDB ENTRIES 2VKP,2IF5,2NN2,2IHC,1BUO,1CS3' 
6 ? 'experimental model' PDB 1CS3 'PDB ENTRIES 2VKP,2IF5,2NN2,2IHC,1BUO,1CS3' 
# 
_pdbx_struct_assembly_auth_evidence.id                     1 
_pdbx_struct_assembly_auth_evidence.assembly_id            1 
_pdbx_struct_assembly_auth_evidence.experimental_support   'gel filtration' 
_pdbx_struct_assembly_auth_evidence.details                ? 
# 
